data_3MXL
#
_entry.id   3MXL
#
_cell.length_a   103.815
_cell.length_b   103.815
_cell.length_c   295.954
_cell.angle_alpha   90.00
_cell.angle_beta   90.00
_cell.angle_gamma   120.00
#
_symmetry.space_group_name_H-M   'P 65'
#
_entity_poly.entity_id   1
_entity_poly.type   'polypeptide(L)'
_entity_poly.pdbx_seq_one_letter_code
;MAADLRAPLTPAGRTVVDLLAGVIPRISAEAADRDRTGTFPVEAFEQFAKLGLMGATVPAELGGLGLTRLYDVATALMRL
AEADASTALAWHVQLSRGLTLTYEWQHGTPPVRAMAERLLRAMAEGEAAVCGALKDAPGVVTELHSDGAGGWLLSGRKVL
VSMAPIATHFFVHAQRRDDDGSVFLAVPVVHRDAPGLTVLDNWDGLGMRASGTLEVVFDRCPVRADELLERGPVGARRDA
VLAGQTVSSITMLGIYAGIAQAARDIAVGFCAGRGGEPRAGARALVAGLDTRLYALRTTVGAALTNADAASVDLSGDPDE
RGRRMMTPFQYAKMTVNELAPAVVDDCLSLVGGLAYTAGHPLSRLYRDVRAGGFMQPYSYVDAVDYLSGQALGLD
;
_entity_poly.pdbx_strand_id   A,B,C,D
#
# COMPACT_ATOMS: atom_id res chain seq x y z
N MET A 1 -10.70 28.99 11.11
CA MET A 1 -10.36 27.62 11.59
C MET A 1 -9.79 26.81 10.43
N ALA A 2 -8.85 25.91 10.73
CA ALA A 2 -8.23 25.08 9.69
C ALA A 2 -8.16 23.60 10.10
N ALA A 3 -7.76 23.35 11.35
CA ALA A 3 -7.67 21.98 11.91
C ALA A 3 -6.48 21.13 11.47
N ASP A 4 -5.34 21.76 11.18
CA ASP A 4 -4.16 21.02 10.72
C ASP A 4 -2.90 21.22 11.56
N LEU A 5 -3.08 21.76 12.77
CA LEU A 5 -1.96 22.00 13.68
C LEU A 5 -1.07 23.15 13.21
N ARG A 6 -1.61 24.02 12.37
CA ARG A 6 -0.82 25.14 11.85
C ARG A 6 -0.60 26.21 12.92
N ALA A 7 -1.62 26.45 13.73
CA ALA A 7 -1.49 27.42 14.81
C ALA A 7 -2.43 27.04 15.95
N PRO A 8 -2.02 27.31 17.20
CA PRO A 8 -2.85 27.00 18.38
C PRO A 8 -4.12 27.85 18.42
N LEU A 9 -5.13 27.39 19.16
CA LEU A 9 -6.40 28.11 19.27
C LEU A 9 -6.53 28.92 20.56
N THR A 10 -6.59 28.23 21.70
CA THR A 10 -6.72 28.88 22.99
C THR A 10 -5.63 29.94 23.20
N PRO A 11 -5.99 31.11 23.74
CA PRO A 11 -4.97 32.15 23.97
C PRO A 11 -3.92 31.67 24.97
N ALA A 12 -4.32 30.71 25.81
CA ALA A 12 -3.42 30.15 26.81
C ALA A 12 -2.28 29.39 26.12
N GLY A 13 -2.62 28.67 25.07
CA GLY A 13 -1.63 27.91 24.33
C GLY A 13 -0.88 28.73 23.29
N ARG A 14 -1.38 29.92 23.00
CA ARG A 14 -0.75 30.81 22.03
C ARG A 14 0.46 31.44 22.71
N THR A 15 0.46 31.43 24.03
CA THR A 15 1.54 32.00 24.84
C THR A 15 2.67 30.99 24.99
N VAL A 16 2.33 29.71 24.85
CA VAL A 16 3.29 28.64 24.99
C VAL A 16 4.12 28.50 23.72
N VAL A 17 3.50 28.80 22.59
CA VAL A 17 4.15 28.68 21.29
C VAL A 17 5.24 29.72 21.05
N ASP A 18 4.97 30.97 21.37
CA ASP A 18 5.94 32.05 21.19
C ASP A 18 7.06 31.98 22.22
N LEU A 19 6.75 31.47 23.41
CA LEU A 19 7.74 31.35 24.46
C LEU A 19 8.72 30.26 24.08
N LEU A 20 8.26 29.33 23.25
CA LEU A 20 9.07 28.22 22.78
C LEU A 20 9.93 28.65 21.59
N ALA A 21 9.41 29.60 20.82
CA ALA A 21 10.12 30.11 19.64
C ALA A 21 11.52 30.62 19.99
N GLY A 22 11.72 30.97 21.25
CA GLY A 22 13.01 31.48 21.69
C GLY A 22 14.02 30.41 22.04
N VAL A 23 13.54 29.20 22.32
CA VAL A 23 14.42 28.11 22.67
C VAL A 23 14.64 27.17 21.49
N ILE A 24 13.82 27.33 20.46
CA ILE A 24 13.91 26.50 19.26
C ILE A 24 15.30 26.53 18.63
N PRO A 25 15.79 27.73 18.24
CA PRO A 25 17.11 27.83 17.62
C PRO A 25 18.22 27.16 18.44
N ARG A 26 18.27 27.48 19.73
CA ARG A 26 19.27 26.93 20.65
C ARG A 26 19.26 25.40 20.74
N ILE A 27 18.09 24.77 20.57
CA ILE A 27 18.04 23.30 20.63
C ILE A 27 18.09 22.64 19.24
N SER A 28 17.70 23.36 18.20
CA SER A 28 17.75 22.83 16.84
C SER A 28 19.20 22.67 16.36
N ALA A 29 20.12 23.41 16.98
CA ALA A 29 21.52 23.35 16.61
C ALA A 29 22.23 22.19 17.30
N GLU A 30 21.89 21.96 18.56
CA GLU A 30 22.49 20.89 19.33
C GLU A 30 21.88 19.52 19.03
N ALA A 31 20.79 19.51 18.27
CA ALA A 31 20.09 18.28 17.92
C ALA A 31 21.00 17.20 17.36
N ALA A 32 21.72 17.51 16.29
CA ALA A 32 22.61 16.55 15.66
C ALA A 32 23.67 16.01 16.63
N ASP A 33 24.21 16.88 17.47
CA ASP A 33 25.24 16.50 18.44
C ASP A 33 24.74 15.57 19.53
N ARG A 34 23.67 15.98 20.22
CA ARG A 34 23.12 15.16 21.30
C ARG A 34 22.67 13.79 20.82
N ASP A 35 22.24 13.70 19.56
CA ASP A 35 21.79 12.46 18.97
C ASP A 35 23.01 11.54 18.79
N ARG A 36 24.08 12.11 18.27
CA ARG A 36 25.31 11.36 18.04
C ARG A 36 25.82 10.75 19.32
N THR A 37 25.98 11.59 20.33
CA THR A 37 26.50 11.15 21.63
C THR A 37 25.45 10.40 22.43
N GLY A 38 24.20 10.86 22.35
CA GLY A 38 23.13 10.23 23.09
C GLY A 38 23.11 10.76 24.51
N THR A 39 23.09 12.09 24.62
CA THR A 39 23.09 12.74 25.93
C THR A 39 21.90 13.67 26.10
N PHE A 40 21.09 13.40 27.13
CA PHE A 40 19.90 14.20 27.41
C PHE A 40 20.27 15.67 27.59
N PRO A 41 19.46 16.58 27.04
CA PRO A 41 19.68 18.03 27.14
C PRO A 41 19.28 18.64 28.48
N VAL A 42 20.06 18.35 29.52
CA VAL A 42 19.76 18.85 30.85
C VAL A 42 19.64 20.37 30.93
N GLU A 43 20.68 21.08 30.53
CA GLU A 43 20.69 22.55 30.57
C GLU A 43 19.73 23.18 29.57
N ALA A 44 19.50 22.49 28.46
CA ALA A 44 18.60 23.02 27.45
C ALA A 44 17.16 22.85 27.95
N PHE A 45 16.96 21.83 28.77
CA PHE A 45 15.63 21.53 29.31
C PHE A 45 15.30 22.38 30.52
N GLU A 46 16.29 22.60 31.39
CA GLU A 46 16.12 23.40 32.60
C GLU A 46 15.81 24.85 32.26
N GLN A 47 16.12 25.27 31.04
CA GLN A 47 15.84 26.65 30.63
C GLN A 47 14.34 26.84 30.47
N PHE A 48 13.61 25.73 30.40
CA PHE A 48 12.16 25.79 30.27
C PHE A 48 11.57 26.22 31.61
N ALA A 49 12.10 25.65 32.68
CA ALA A 49 11.65 25.98 34.02
C ALA A 49 11.79 27.48 34.26
N LYS A 50 12.84 28.09 33.71
CA LYS A 50 13.04 29.52 33.87
C LYS A 50 11.89 30.30 33.25
N LEU A 51 11.51 29.92 32.03
CA LEU A 51 10.41 30.58 31.33
C LEU A 51 9.04 30.18 31.90
N GLY A 52 8.87 28.89 32.16
CA GLY A 52 7.61 28.41 32.69
C GLY A 52 6.97 27.31 31.86
N LEU A 53 7.59 26.99 30.72
CA LEU A 53 7.07 25.94 29.84
C LEU A 53 7.05 24.61 30.57
N MET A 54 7.99 24.42 31.48
CA MET A 54 8.04 23.18 32.24
C MET A 54 6.78 23.07 33.09
N GLY A 55 6.08 24.20 33.20
CA GLY A 55 4.86 24.24 34.00
C GLY A 55 3.58 24.46 33.21
N ALA A 56 3.63 24.36 31.89
CA ALA A 56 2.43 24.53 31.09
C ALA A 56 1.47 23.42 31.49
N THR A 57 0.30 23.37 30.88
CA THR A 57 -0.70 22.36 31.21
C THR A 57 -0.97 22.26 32.71
N VAL A 58 -0.75 23.36 33.43
CA VAL A 58 -1.00 23.43 34.87
C VAL A 58 -1.88 24.65 35.10
N PRO A 59 -2.94 24.52 35.90
CA PRO A 59 -3.87 25.61 36.20
C PRO A 59 -3.20 26.96 36.48
N ALA A 60 -3.78 28.03 35.96
CA ALA A 60 -3.21 29.36 36.16
C ALA A 60 -3.18 29.69 37.65
N GLU A 61 -4.16 29.17 38.38
CA GLU A 61 -4.28 29.40 39.79
C GLU A 61 -3.27 28.58 40.64
N LEU A 62 -2.57 27.63 40.00
CA LEU A 62 -1.60 26.80 40.71
C LEU A 62 -0.17 27.18 40.37
N GLY A 63 0.03 27.81 39.23
CA GLY A 63 1.37 28.21 38.83
C GLY A 63 1.36 29.15 37.65
N GLY A 64 0.75 28.74 36.55
CA GLY A 64 0.70 29.58 35.38
C GLY A 64 0.51 28.82 34.07
N LEU A 65 0.09 29.53 33.04
CA LEU A 65 -0.14 28.93 31.73
C LEU A 65 -1.14 27.79 31.86
N GLY A 66 -2.42 28.14 31.89
CA GLY A 66 -3.46 27.12 32.02
C GLY A 66 -3.83 26.51 30.68
N LEU A 67 -3.05 25.53 30.25
CA LEU A 67 -3.27 24.86 28.99
C LEU A 67 -4.00 23.54 29.19
N THR A 68 -5.20 23.44 28.63
CA THR A 68 -5.99 22.22 28.75
C THR A 68 -6.46 21.68 27.40
N ARG A 69 -6.33 22.51 26.37
CA ARG A 69 -6.74 22.11 25.02
C ARG A 69 -5.72 21.14 24.43
N LEU A 70 -6.09 19.86 24.34
CA LEU A 70 -5.22 18.83 23.80
C LEU A 70 -4.69 19.14 22.40
N TYR A 71 -5.50 19.83 21.61
CA TYR A 71 -5.10 20.20 20.25
C TYR A 71 -3.90 21.15 20.25
N ASP A 72 -3.88 22.10 21.18
CA ASP A 72 -2.78 23.05 21.28
C ASP A 72 -1.53 22.41 21.87
N VAL A 73 -1.74 21.48 22.79
CA VAL A 73 -0.63 20.79 23.42
C VAL A 73 0.16 20.03 22.36
N ALA A 74 -0.55 19.54 21.35
CA ALA A 74 0.08 18.81 20.25
C ALA A 74 0.70 19.78 19.26
N THR A 75 0.08 20.93 19.06
CA THR A 75 0.59 21.93 18.13
C THR A 75 1.92 22.42 18.66
N ALA A 76 2.06 22.40 19.99
CA ALA A 76 3.29 22.81 20.64
C ALA A 76 4.36 21.74 20.39
N LEU A 77 4.03 20.49 20.73
CA LEU A 77 4.95 19.38 20.54
C LEU A 77 5.41 19.22 19.09
N MET A 78 4.61 19.70 18.14
CA MET A 78 5.00 19.60 16.74
C MET A 78 6.00 20.67 16.40
N ARG A 79 5.79 21.88 16.93
CA ARG A 79 6.72 22.98 16.70
C ARG A 79 8.09 22.56 17.24
N LEU A 80 8.08 21.94 18.41
CA LEU A 80 9.31 21.51 19.04
C LEU A 80 9.91 20.29 18.35
N ALA A 81 9.07 19.36 17.93
CA ALA A 81 9.57 18.15 17.27
C ALA A 81 10.27 18.49 15.96
N GLU A 82 9.85 19.59 15.33
CA GLU A 82 10.46 20.04 14.08
C GLU A 82 11.93 20.38 14.34
N ALA A 83 12.23 20.78 15.57
CA ALA A 83 13.60 21.11 15.96
C ALA A 83 14.30 19.80 16.34
N ASP A 84 13.81 19.16 17.40
CA ASP A 84 14.35 17.89 17.86
C ASP A 84 13.21 17.01 18.38
N ALA A 85 13.04 15.85 17.75
CA ALA A 85 12.00 14.91 18.15
C ALA A 85 12.24 14.45 19.56
N SER A 86 13.50 14.10 19.86
CA SER A 86 13.89 13.61 21.18
C SER A 86 13.49 14.48 22.37
N THR A 87 13.77 15.78 22.30
CA THR A 87 13.39 16.64 23.42
C THR A 87 11.86 16.73 23.51
N ALA A 88 11.21 16.77 22.34
CA ALA A 88 9.75 16.85 22.28
C ALA A 88 9.13 15.64 22.96
N LEU A 89 9.73 14.47 22.74
CA LEU A 89 9.22 13.23 23.34
C LEU A 89 9.29 13.34 24.84
N ALA A 90 10.36 13.95 25.34
CA ALA A 90 10.57 14.11 26.77
C ALA A 90 9.64 15.16 27.38
N TRP A 91 9.55 16.31 26.74
CA TRP A 91 8.70 17.39 27.23
C TRP A 91 7.25 16.93 27.36
N HIS A 92 6.91 15.88 26.61
CA HIS A 92 5.57 15.32 26.62
C HIS A 92 5.29 14.61 27.95
N VAL A 93 6.31 13.94 28.49
CA VAL A 93 6.16 13.23 29.75
C VAL A 93 5.65 14.18 30.82
N GLN A 94 6.23 15.38 30.84
CA GLN A 94 5.85 16.43 31.78
C GLN A 94 4.44 16.94 31.46
N LEU A 95 4.26 17.44 30.24
CA LEU A 95 2.95 17.95 29.82
C LEU A 95 1.86 16.90 30.00
N SER A 96 2.25 15.63 29.97
CA SER A 96 1.30 14.53 30.14
C SER A 96 0.64 14.58 31.50
N ARG A 97 1.41 14.36 32.57
CA ARG A 97 0.86 14.41 33.92
C ARG A 97 0.13 15.73 34.13
N GLY A 98 0.57 16.75 33.39
CA GLY A 98 -0.06 18.05 33.50
C GLY A 98 -1.57 17.92 33.37
N LEU A 99 -2.00 17.17 32.37
CA LEU A 99 -3.43 16.95 32.14
C LEU A 99 -3.98 15.88 33.05
N THR A 100 -3.18 14.86 33.32
CA THR A 100 -3.62 13.77 34.19
C THR A 100 -3.96 14.27 35.58
N LEU A 101 -3.07 15.08 36.15
CA LEU A 101 -3.26 15.63 37.48
C LEU A 101 -4.37 16.68 37.54
N THR A 102 -4.40 17.58 36.57
CA THR A 102 -5.44 18.61 36.53
C THR A 102 -6.84 17.96 36.58
N TYR A 103 -6.95 16.74 36.07
CA TYR A 103 -8.22 16.04 36.10
C TYR A 103 -8.38 15.31 37.41
N GLU A 104 -7.26 14.96 38.04
CA GLU A 104 -7.31 14.27 39.32
C GLU A 104 -7.56 15.26 40.45
N TRP A 105 -7.07 16.48 40.25
CA TRP A 105 -7.22 17.56 41.22
C TRP A 105 -8.67 18.05 41.29
N GLN A 106 -9.34 18.11 40.14
CA GLN A 106 -10.72 18.57 40.08
C GLN A 106 -11.73 17.46 40.35
N HIS A 107 -11.47 16.27 39.82
CA HIS A 107 -12.40 15.15 39.99
C HIS A 107 -11.78 13.96 40.73
N GLY A 108 -11.24 14.21 41.92
CA GLY A 108 -10.62 13.14 42.67
C GLY A 108 -10.98 13.15 44.14
N THR A 109 -10.90 11.99 44.78
CA THR A 109 -11.21 11.88 46.20
C THR A 109 -10.31 12.75 47.05
N PRO A 110 -10.80 13.23 48.20
CA PRO A 110 -10.05 14.08 49.12
C PRO A 110 -8.62 13.59 49.45
N PRO A 111 -8.45 12.29 49.75
CA PRO A 111 -7.11 11.80 50.06
C PRO A 111 -6.09 12.00 48.95
N VAL A 112 -6.49 11.70 47.72
CA VAL A 112 -5.61 11.83 46.55
C VAL A 112 -5.62 13.21 45.90
N ARG A 113 -6.68 13.97 46.15
CA ARG A 113 -6.79 15.30 45.56
C ARG A 113 -5.90 16.30 46.29
N ALA A 114 -5.55 15.96 47.53
CA ALA A 114 -4.70 16.81 48.35
C ALA A 114 -3.25 16.76 47.90
N MET A 115 -2.76 15.56 47.59
CA MET A 115 -1.38 15.38 47.14
C MET A 115 -1.23 15.87 45.71
N ALA A 116 -2.35 16.02 45.01
CA ALA A 116 -2.34 16.50 43.64
C ALA A 116 -1.84 17.93 43.63
N GLU A 117 -2.34 18.72 44.58
CA GLU A 117 -1.94 20.11 44.73
C GLU A 117 -0.43 20.21 44.88
N ARG A 118 0.08 19.52 45.89
CA ARG A 118 1.50 19.51 46.21
C ARG A 118 2.39 19.36 44.98
N LEU A 119 2.15 18.31 44.19
CA LEU A 119 2.96 18.06 42.99
C LEU A 119 2.68 19.04 41.85
N LEU A 120 1.40 19.29 41.58
CA LEU A 120 1.01 20.18 40.50
C LEU A 120 1.58 21.60 40.68
N ARG A 121 1.60 22.07 41.92
CA ARG A 121 2.10 23.41 42.22
C ARG A 121 3.63 23.44 42.19
N ALA A 122 4.26 22.31 42.50
CA ALA A 122 5.72 22.20 42.52
C ALA A 122 6.34 22.20 41.12
N MET A 123 5.66 21.57 40.17
CA MET A 123 6.16 21.52 38.80
C MET A 123 5.67 22.76 38.05
N ALA A 124 4.95 23.61 38.75
CA ALA A 124 4.41 24.85 38.17
C ALA A 124 5.56 25.77 37.79
N GLU A 125 6.54 25.87 38.66
CA GLU A 125 7.71 26.72 38.41
C GLU A 125 8.83 25.89 37.81
N GLY A 126 8.86 24.61 38.17
CA GLY A 126 9.89 23.73 37.64
C GLY A 126 10.70 23.09 38.75
N GLU A 127 10.24 23.23 40.00
CA GLU A 127 10.94 22.66 41.14
C GLU A 127 10.87 21.14 41.16
N ALA A 128 9.89 20.57 40.45
CA ALA A 128 9.75 19.13 40.38
C ALA A 128 9.35 18.62 38.99
N ALA A 129 10.09 17.64 38.49
CA ALA A 129 9.80 17.05 37.18
C ALA A 129 9.22 15.66 37.42
N VAL A 130 7.99 15.45 36.95
CA VAL A 130 7.33 14.16 37.16
C VAL A 130 7.43 13.18 35.99
N CYS A 131 7.61 11.90 36.31
CA CYS A 131 7.71 10.84 35.32
C CYS A 131 6.76 9.68 35.56
N GLY A 132 6.67 8.78 34.59
CA GLY A 132 5.79 7.65 34.74
C GLY A 132 6.44 6.32 34.45
N ALA A 133 6.55 5.49 35.49
CA ALA A 133 7.15 4.18 35.36
C ALA A 133 6.01 3.20 35.14
N LEU A 134 5.57 3.09 33.89
CA LEU A 134 4.46 2.24 33.52
C LEU A 134 4.80 0.79 33.12
N LYS A 135 5.39 0.60 31.94
CA LYS A 135 5.71 -0.75 31.47
C LYS A 135 6.77 -1.49 32.29
N ASP A 136 6.52 -2.77 32.54
CA ASP A 136 7.44 -3.62 33.31
C ASP A 136 8.52 -4.21 32.41
N ALA A 137 9.65 -4.58 33.02
CA ALA A 137 10.76 -5.16 32.28
C ALA A 137 10.49 -6.64 32.03
N PRO A 138 10.91 -7.16 30.87
CA PRO A 138 10.72 -8.56 30.50
C PRO A 138 10.96 -9.56 31.62
N GLY A 139 9.88 -10.09 32.17
CA GLY A 139 9.98 -11.08 33.23
C GLY A 139 9.73 -10.54 34.62
N VAL A 140 9.59 -9.22 34.73
CA VAL A 140 9.36 -8.59 36.03
C VAL A 140 7.91 -8.14 36.19
N VAL A 141 7.50 -7.96 37.44
CA VAL A 141 6.16 -7.52 37.75
C VAL A 141 6.22 -6.67 39.01
N THR A 142 6.32 -5.36 38.84
CA THR A 142 6.37 -4.43 39.97
C THR A 142 5.23 -4.72 40.92
N GLU A 143 5.54 -4.86 42.22
CA GLU A 143 4.52 -5.15 43.22
C GLU A 143 4.77 -4.49 44.58
N LEU A 144 3.72 -4.50 45.42
CA LEU A 144 3.77 -3.93 46.76
C LEU A 144 3.56 -5.03 47.79
N HIS A 145 4.36 -5.00 48.84
CA HIS A 145 4.28 -5.98 49.93
C HIS A 145 4.26 -5.20 51.23
N SER A 146 3.70 -5.79 52.27
CA SER A 146 3.67 -5.13 53.57
C SER A 146 4.89 -5.61 54.34
N ASP A 147 5.36 -4.82 55.30
CA ASP A 147 6.52 -5.18 56.09
C ASP A 147 6.12 -5.64 57.49
N GLY A 148 4.94 -5.20 57.93
CA GLY A 148 4.45 -5.59 59.25
C GLY A 148 4.01 -4.41 60.10
N ALA A 149 4.81 -3.35 60.12
CA ALA A 149 4.51 -2.16 60.91
C ALA A 149 3.40 -1.30 60.31
N GLY A 150 3.06 -1.57 59.04
CA GLY A 150 2.02 -0.80 58.37
C GLY A 150 2.51 -0.17 57.09
N GLY A 151 3.83 -0.17 56.90
CA GLY A 151 4.41 0.40 55.71
C GLY A 151 4.53 -0.63 54.59
N TRP A 152 4.73 -0.16 53.36
CA TRP A 152 4.86 -1.06 52.23
C TRP A 152 6.22 -0.91 51.56
N LEU A 153 6.61 -1.93 50.82
CA LEU A 153 7.88 -1.96 50.11
C LEU A 153 7.60 -2.18 48.63
N LEU A 154 8.17 -1.34 47.76
CA LEU A 154 7.94 -1.45 46.31
C LEU A 154 9.13 -2.02 45.53
N SER A 155 9.00 -3.25 45.05
CA SER A 155 10.04 -3.91 44.27
C SER A 155 9.60 -4.13 42.83
N GLY A 156 10.54 -4.02 41.90
CA GLY A 156 10.23 -4.22 40.49
C GLY A 156 10.99 -3.25 39.61
N ARG A 157 10.97 -3.46 38.29
CA ARG A 157 11.67 -2.53 37.41
C ARG A 157 10.88 -2.13 36.17
N LYS A 158 10.81 -0.82 35.94
CA LYS A 158 10.08 -0.26 34.82
C LYS A 158 11.03 0.13 33.70
N VAL A 159 10.60 -0.08 32.46
CA VAL A 159 11.41 0.24 31.29
C VAL A 159 10.82 1.39 30.48
N LEU A 160 11.58 1.89 29.51
CA LEU A 160 11.11 2.97 28.64
C LEU A 160 10.55 4.20 29.38
N VAL A 161 11.18 4.56 30.49
CA VAL A 161 10.74 5.72 31.26
C VAL A 161 11.38 6.98 30.68
N SER A 162 10.65 7.70 29.84
CA SER A 162 11.18 8.90 29.22
C SER A 162 11.35 10.10 30.14
N MET A 163 12.33 10.95 29.79
CA MET A 163 12.66 12.17 30.52
C MET A 163 13.20 11.89 31.94
N ALA A 164 13.47 10.62 32.22
CA ALA A 164 13.95 10.18 33.54
C ALA A 164 15.20 10.84 34.14
N PRO A 165 16.26 11.06 33.33
CA PRO A 165 17.48 11.68 33.89
C PRO A 165 17.33 12.99 34.67
N ILE A 166 16.26 13.73 34.44
CA ILE A 166 16.03 15.01 35.10
C ILE A 166 14.89 14.91 36.14
N ALA A 167 14.29 13.73 36.24
CA ALA A 167 13.14 13.46 37.11
C ALA A 167 13.32 13.53 38.62
N THR A 168 12.29 14.01 39.30
CA THR A 168 12.26 14.14 40.75
C THR A 168 11.20 13.23 41.37
N HIS A 169 10.23 12.82 40.57
CA HIS A 169 9.17 11.95 41.07
C HIS A 169 8.87 10.90 40.00
N PHE A 170 8.18 9.84 40.42
CA PHE A 170 7.81 8.78 39.49
C PHE A 170 6.44 8.28 39.87
N PHE A 171 5.65 7.90 38.88
CA PHE A 171 4.33 7.36 39.13
C PHE A 171 4.42 5.86 38.85
N VAL A 172 5.00 5.11 39.77
CA VAL A 172 5.13 3.68 39.59
C VAL A 172 3.77 2.99 39.58
N HIS A 173 3.61 2.03 38.68
CA HIS A 173 2.38 1.23 38.53
C HIS A 173 2.63 -0.15 39.12
N ALA A 174 2.29 -0.35 40.38
CA ALA A 174 2.49 -1.64 41.01
C ALA A 174 1.16 -2.38 41.17
N GLN A 175 1.21 -3.56 41.79
CA GLN A 175 -0.01 -4.32 42.04
C GLN A 175 0.18 -5.12 43.32
N ARG A 176 -0.54 -4.71 44.36
CA ARG A 176 -0.48 -5.35 45.67
C ARG A 176 -1.45 -6.51 45.72
N ARG A 177 -1.01 -7.62 46.30
CA ARG A 177 -1.84 -8.81 46.41
C ARG A 177 -2.58 -8.79 47.75
N ASP A 178 -3.91 -8.73 47.67
CA ASP A 178 -4.74 -8.71 48.87
C ASP A 178 -4.84 -10.11 49.46
N ASP A 179 -4.95 -10.18 50.79
CA ASP A 179 -5.05 -11.47 51.45
C ASP A 179 -6.32 -12.15 50.97
N ASP A 180 -7.30 -11.35 50.59
CA ASP A 180 -8.58 -11.86 50.08
C ASP A 180 -8.25 -12.83 48.96
N GLY A 181 -7.27 -12.47 48.14
CA GLY A 181 -6.86 -13.30 47.03
C GLY A 181 -6.82 -12.52 45.72
N SER A 182 -7.59 -11.44 45.66
CA SER A 182 -7.65 -10.61 44.46
C SER A 182 -6.44 -9.69 44.40
N VAL A 183 -6.05 -9.29 43.19
CA VAL A 183 -4.92 -8.41 43.01
C VAL A 183 -5.37 -7.01 42.63
N PHE A 184 -5.05 -6.04 43.50
CA PHE A 184 -5.41 -4.65 43.28
C PHE A 184 -4.31 -3.86 42.60
N LEU A 185 -4.73 -2.92 41.75
CA LEU A 185 -3.80 -2.07 41.01
C LEU A 185 -3.69 -0.71 41.67
N ALA A 186 -2.50 -0.38 42.17
CA ALA A 186 -2.25 0.91 42.82
C ALA A 186 -1.06 1.57 42.16
N VAL A 187 -1.08 2.90 42.08
CA VAL A 187 0.03 3.60 41.45
C VAL A 187 0.63 4.69 42.34
N PRO A 188 1.58 4.30 43.21
CA PRO A 188 2.29 5.16 44.16
C PRO A 188 3.03 6.32 43.51
N VAL A 189 3.60 7.19 44.32
CA VAL A 189 4.37 8.29 43.81
C VAL A 189 5.64 8.32 44.64
N VAL A 190 6.72 7.77 44.09
CA VAL A 190 7.99 7.71 44.78
C VAL A 190 8.86 8.89 44.38
N HIS A 191 9.56 9.44 45.36
CA HIS A 191 10.44 10.57 45.12
C HIS A 191 11.73 9.99 44.55
N ARG A 192 12.50 10.82 43.86
CA ARG A 192 13.76 10.40 43.26
C ARG A 192 14.70 9.91 44.35
N ASP A 193 14.79 10.68 45.43
CA ASP A 193 15.66 10.37 46.56
C ASP A 193 15.18 9.15 47.37
N ALA A 194 14.25 8.37 46.80
CA ALA A 194 13.76 7.19 47.49
C ALA A 194 14.92 6.23 47.70
N PRO A 195 14.98 5.56 48.87
CA PRO A 195 16.06 4.62 49.19
C PRO A 195 16.33 3.48 48.20
N GLY A 196 15.31 2.73 47.79
CA GLY A 196 15.57 1.64 46.87
C GLY A 196 15.65 2.02 45.39
N LEU A 197 15.35 3.28 45.09
CA LEU A 197 15.32 3.80 43.73
C LEU A 197 16.65 4.00 43.00
N THR A 198 16.84 3.26 41.91
CA THR A 198 18.05 3.33 41.10
C THR A 198 17.69 3.57 39.64
N VAL A 199 18.16 4.67 39.07
CA VAL A 199 17.87 4.97 37.67
C VAL A 199 19.03 4.47 36.81
N LEU A 200 18.74 3.68 35.78
CA LEU A 200 19.81 3.17 34.94
C LEU A 200 19.88 3.93 33.65
N ASP A 201 21.08 4.06 33.11
CA ASP A 201 21.28 4.81 31.89
C ASP A 201 21.58 3.93 30.69
N ASN A 202 20.84 2.82 30.55
CA ASN A 202 21.01 1.86 29.47
C ASN A 202 20.15 2.15 28.24
N TRP A 203 19.87 3.42 27.96
CA TRP A 203 19.07 3.71 26.78
C TRP A 203 19.89 3.95 25.51
N ASP A 204 19.99 2.91 24.69
CA ASP A 204 20.67 2.95 23.40
C ASP A 204 19.68 2.46 22.33
N GLY A 205 19.01 3.39 21.67
CA GLY A 205 18.04 2.99 20.67
C GLY A 205 18.31 3.54 19.28
N LEU A 206 17.58 3.05 18.30
CA LEU A 206 17.72 3.47 16.91
C LEU A 206 17.55 4.97 16.66
N GLY A 207 16.65 5.60 17.41
CA GLY A 207 16.39 7.02 17.26
C GLY A 207 15.93 7.54 18.60
N MET A 208 15.40 8.75 18.64
CA MET A 208 14.93 9.32 19.89
C MET A 208 16.01 9.19 20.98
N ARG A 209 17.25 9.04 20.55
CA ARG A 209 18.41 8.88 21.43
C ARG A 209 18.60 10.00 22.46
N ALA A 210 18.24 11.23 22.10
CA ALA A 210 18.39 12.36 23.02
C ALA A 210 17.37 12.43 24.16
N SER A 211 16.26 11.70 24.04
CA SER A 211 15.24 11.68 25.08
C SER A 211 15.84 10.88 26.23
N GLY A 212 15.25 10.95 27.42
CA GLY A 212 15.83 10.21 28.53
C GLY A 212 15.06 8.95 28.84
N THR A 213 14.92 8.08 27.84
CA THR A 213 14.13 6.85 28.02
C THR A 213 14.85 5.71 28.76
N LEU A 214 15.14 5.92 30.03
CA LEU A 214 15.85 4.93 30.84
C LEU A 214 14.97 3.87 31.49
N GLU A 215 15.61 2.86 32.07
CA GLU A 215 14.92 1.79 32.80
C GLU A 215 15.16 2.17 34.24
N VAL A 216 14.12 2.16 35.07
CA VAL A 216 14.29 2.54 36.45
C VAL A 216 13.80 1.43 37.37
N VAL A 217 14.65 1.07 38.34
CA VAL A 217 14.34 0.02 39.33
C VAL A 217 13.97 0.55 40.70
N PHE A 218 13.23 -0.25 41.46
CA PHE A 218 12.81 0.09 42.82
C PHE A 218 13.08 -1.15 43.65
N ASP A 219 13.87 -1.02 44.71
CA ASP A 219 14.17 -2.18 45.53
C ASP A 219 13.78 -2.02 46.99
N ARG A 220 12.62 -2.55 47.34
CA ARG A 220 12.11 -2.46 48.71
C ARG A 220 11.96 -1.00 49.08
N CYS A 221 11.37 -0.23 48.17
CA CYS A 221 11.16 1.18 48.43
C CYS A 221 10.02 1.41 49.38
N PRO A 222 10.28 2.17 50.45
CA PRO A 222 9.24 2.47 51.44
C PRO A 222 8.24 3.50 50.94
N VAL A 223 7.02 3.38 51.40
CA VAL A 223 5.95 4.31 51.04
C VAL A 223 4.73 4.01 51.90
N ARG A 224 4.42 4.94 52.80
CA ARG A 224 3.27 4.77 53.69
C ARG A 224 2.03 4.53 52.87
N ALA A 225 1.03 3.90 53.49
CA ALA A 225 -0.22 3.60 52.81
C ALA A 225 -0.95 4.91 52.47
N ASP A 226 -0.77 5.91 53.33
CA ASP A 226 -1.41 7.20 53.12
C ASP A 226 -1.11 7.80 51.75
N GLU A 227 -0.08 7.30 51.06
CA GLU A 227 0.27 7.82 49.74
C GLU A 227 0.23 6.78 48.61
N LEU A 228 -0.96 6.32 48.29
CA LEU A 228 -1.17 5.36 47.21
C LEU A 228 -2.35 5.86 46.41
N LEU A 229 -2.40 5.48 45.13
CA LEU A 229 -3.52 5.85 44.27
C LEU A 229 -4.22 4.54 43.87
N GLU A 230 -4.73 3.86 44.89
CA GLU A 230 -5.43 2.58 44.73
C GLU A 230 -6.59 2.72 43.76
N ARG A 231 -6.67 1.77 42.82
CA ARG A 231 -7.73 1.76 41.82
C ARG A 231 -8.60 0.50 41.94
N GLY A 232 -9.21 0.10 40.83
CA GLY A 232 -10.05 -1.08 40.84
C GLY A 232 -9.20 -2.30 40.58
N PRO A 233 -9.71 -3.50 40.88
CA PRO A 233 -8.92 -4.71 40.64
C PRO A 233 -8.54 -4.89 39.16
N VAL A 234 -7.45 -5.60 38.92
CA VAL A 234 -6.99 -5.86 37.57
C VAL A 234 -7.93 -6.80 36.82
N GLY A 235 -7.79 -6.85 35.50
CA GLY A 235 -8.64 -7.70 34.70
C GLY A 235 -9.94 -6.98 34.31
N ALA A 236 -10.87 -6.91 35.25
CA ALA A 236 -12.15 -6.26 35.01
C ALA A 236 -12.02 -4.73 34.91
N ARG A 237 -11.58 -4.24 33.76
CA ARG A 237 -11.43 -2.80 33.55
C ARG A 237 -12.55 -2.25 32.65
N ARG A 238 -13.09 -1.09 33.01
CA ARG A 238 -14.16 -0.47 32.23
C ARG A 238 -13.58 0.47 31.17
N ASP A 239 -14.25 0.56 30.03
CA ASP A 239 -13.84 1.40 28.92
C ASP A 239 -13.70 2.87 29.27
N ALA A 240 -14.05 3.22 30.50
CA ALA A 240 -13.94 4.62 30.94
C ALA A 240 -12.48 5.00 31.17
N VAL A 241 -11.65 3.99 31.41
CA VAL A 241 -10.23 4.21 31.64
C VAL A 241 -9.57 4.60 30.31
N LEU A 242 -10.22 4.26 29.21
CA LEU A 242 -9.70 4.58 27.89
C LEU A 242 -9.60 6.08 27.67
N ALA A 243 -10.47 6.85 28.31
CA ALA A 243 -10.43 8.30 28.16
C ALA A 243 -9.13 8.82 28.77
N GLY A 244 -8.76 8.25 29.92
CA GLY A 244 -7.54 8.65 30.59
C GLY A 244 -6.31 8.33 29.75
N GLN A 245 -6.27 7.10 29.24
CA GLN A 245 -5.17 6.64 28.43
C GLN A 245 -5.02 7.45 27.14
N THR A 246 -6.14 7.87 26.56
CA THR A 246 -6.10 8.67 25.34
C THR A 246 -5.42 10.01 25.60
N VAL A 247 -5.97 10.75 26.55
CA VAL A 247 -5.43 12.06 26.90
C VAL A 247 -3.96 11.98 27.27
N SER A 248 -3.52 10.82 27.75
CA SER A 248 -2.13 10.65 28.15
C SER A 248 -1.12 10.71 27.02
N SER A 249 -1.37 9.99 25.93
CA SER A 249 -0.42 9.94 24.82
C SER A 249 -0.93 10.30 23.43
N ILE A 250 -2.11 10.93 23.33
CA ILE A 250 -2.62 11.28 22.01
C ILE A 250 -1.86 12.46 21.44
N THR A 251 -1.34 13.32 22.31
CA THR A 251 -0.61 14.50 21.87
C THR A 251 0.75 14.20 21.23
N MET A 252 1.22 12.96 21.37
CA MET A 252 2.50 12.55 20.78
C MET A 252 2.41 12.48 19.25
N LEU A 253 1.20 12.34 18.73
CA LEU A 253 1.01 12.28 17.30
C LEU A 253 1.52 13.56 16.69
N GLY A 254 1.51 14.63 17.47
CA GLY A 254 1.98 15.91 16.98
C GLY A 254 3.47 15.88 16.69
N ILE A 255 4.22 15.14 17.49
CA ILE A 255 5.65 15.10 17.26
C ILE A 255 5.99 14.31 15.98
N TYR A 256 5.24 13.26 15.66
CA TYR A 256 5.54 12.51 14.45
C TYR A 256 5.15 13.31 13.23
N ALA A 257 4.07 14.07 13.36
CA ALA A 257 3.63 14.92 12.25
C ALA A 257 4.77 15.95 12.14
N GLY A 258 5.36 16.29 13.27
CA GLY A 258 6.47 17.23 13.31
C GLY A 258 7.69 16.73 12.56
N ILE A 259 8.07 15.47 12.80
CA ILE A 259 9.21 14.89 12.12
C ILE A 259 8.98 14.87 10.62
N ALA A 260 7.75 14.55 10.23
CA ALA A 260 7.39 14.49 8.83
C ALA A 260 7.53 15.89 8.22
N GLN A 261 6.86 16.86 8.83
CA GLN A 261 6.90 18.23 8.34
C GLN A 261 8.36 18.65 8.21
N ALA A 262 9.17 18.24 9.19
CA ALA A 262 10.59 18.58 9.19
C ALA A 262 11.28 18.02 7.96
N ALA A 263 11.19 16.71 7.77
CA ALA A 263 11.80 16.06 6.62
C ALA A 263 11.40 16.73 5.31
N ARG A 264 10.12 17.05 5.15
CA ARG A 264 9.65 17.69 3.92
C ARG A 264 10.40 19.00 3.67
N ASP A 265 10.35 19.90 4.64
CA ASP A 265 11.03 21.18 4.53
C ASP A 265 12.45 21.01 4.00
N ILE A 266 13.13 20.00 4.50
CA ILE A 266 14.49 19.72 4.05
C ILE A 266 14.49 19.28 2.60
N ALA A 267 13.91 18.11 2.33
CA ALA A 267 13.86 17.56 0.98
C ALA A 267 13.31 18.51 -0.09
N VAL A 268 12.28 19.27 0.25
CA VAL A 268 11.70 20.19 -0.72
C VAL A 268 12.61 21.39 -0.92
N GLY A 269 13.23 21.84 0.17
CA GLY A 269 14.12 22.98 0.11
C GLY A 269 15.38 22.65 -0.68
N PHE A 270 15.75 21.38 -0.68
CA PHE A 270 16.93 20.93 -1.41
C PHE A 270 16.58 20.72 -2.87
N CYS A 271 15.37 20.25 -3.14
CA CYS A 271 14.94 20.00 -4.50
C CYS A 271 14.66 21.31 -5.23
N ALA A 272 14.09 22.28 -4.53
CA ALA A 272 13.80 23.58 -5.11
C ALA A 272 15.10 24.35 -5.27
N GLY A 273 16.04 24.12 -4.37
CA GLY A 273 17.33 24.79 -4.42
C GLY A 273 18.25 24.21 -5.46
N ARG A 274 17.70 23.39 -6.35
CA ARG A 274 18.46 22.77 -7.42
C ARG A 274 18.38 23.66 -8.66
N GLY A 275 17.27 24.40 -8.77
CA GLY A 275 17.07 25.30 -9.89
C GLY A 275 16.72 24.62 -11.20
N GLY A 276 16.31 25.44 -12.18
CA GLY A 276 15.93 24.92 -13.49
C GLY A 276 14.62 24.17 -13.49
N GLU A 277 14.59 23.06 -14.21
CA GLU A 277 13.39 22.24 -14.32
C GLU A 277 13.59 20.92 -13.56
N PRO A 278 12.68 20.59 -12.63
CA PRO A 278 12.74 19.37 -11.83
C PRO A 278 12.46 18.14 -12.68
N ARG A 279 13.13 17.03 -12.39
CA ARG A 279 12.94 15.80 -13.15
C ARG A 279 11.52 15.27 -12.99
N ALA A 280 11.11 14.41 -13.93
CA ALA A 280 9.77 13.84 -13.91
C ALA A 280 9.46 13.14 -12.59
N GLY A 281 10.21 12.07 -12.30
CA GLY A 281 10.00 11.32 -11.08
C GLY A 281 10.01 12.15 -9.81
N ALA A 282 10.76 13.26 -9.80
CA ALA A 282 10.83 14.12 -8.62
C ALA A 282 9.51 14.84 -8.37
N ARG A 283 8.86 15.29 -9.44
CA ARG A 283 7.58 16.00 -9.32
C ARG A 283 6.55 15.05 -8.73
N ALA A 284 6.63 13.78 -9.13
CA ALA A 284 5.71 12.77 -8.64
C ALA A 284 5.94 12.56 -7.15
N LEU A 285 7.21 12.50 -6.75
CA LEU A 285 7.56 12.31 -5.35
C LEU A 285 7.09 13.47 -4.47
N VAL A 286 7.49 14.69 -4.82
CA VAL A 286 7.11 15.88 -4.06
C VAL A 286 5.60 16.04 -3.94
N ALA A 287 4.89 15.72 -5.02
CA ALA A 287 3.42 15.84 -5.02
C ALA A 287 2.84 14.81 -4.06
N GLY A 288 3.39 13.61 -4.11
CA GLY A 288 2.93 12.54 -3.26
C GLY A 288 3.14 12.75 -1.77
N LEU A 289 4.34 13.17 -1.37
CA LEU A 289 4.61 13.37 0.05
C LEU A 289 3.85 14.56 0.61
N ASP A 290 3.65 15.58 -0.22
CA ASP A 290 2.89 16.75 0.21
C ASP A 290 1.47 16.33 0.55
N THR A 291 0.93 15.43 -0.27
CA THR A 291 -0.43 14.94 -0.06
C THR A 291 -0.51 14.12 1.21
N ARG A 292 0.40 13.15 1.35
CA ARG A 292 0.42 12.32 2.55
C ARG A 292 0.62 13.18 3.80
N LEU A 293 1.48 14.19 3.69
CA LEU A 293 1.73 15.06 4.81
C LEU A 293 0.46 15.77 5.25
N TYR A 294 -0.31 16.26 4.28
CA TYR A 294 -1.56 16.97 4.58
C TYR A 294 -2.56 16.02 5.22
N ALA A 295 -2.76 14.86 4.60
CA ALA A 295 -3.69 13.86 5.12
C ALA A 295 -3.30 13.57 6.58
N LEU A 296 -2.00 13.40 6.78
CA LEU A 296 -1.42 13.12 8.09
C LEU A 296 -1.73 14.15 9.18
N ARG A 297 -1.50 15.42 8.86
CA ARG A 297 -1.75 16.50 9.82
C ARG A 297 -3.23 16.67 10.07
N THR A 298 -4.01 16.59 9.00
CA THR A 298 -5.45 16.75 9.09
C THR A 298 -6.08 15.69 9.96
N THR A 299 -5.68 14.43 9.75
CA THR A 299 -6.22 13.33 10.52
C THR A 299 -5.92 13.48 12.01
N VAL A 300 -4.65 13.64 12.37
CA VAL A 300 -4.30 13.81 13.78
C VAL A 300 -4.94 15.11 14.30
N GLY A 301 -5.20 16.04 13.39
CA GLY A 301 -5.80 17.29 13.79
C GLY A 301 -7.23 17.07 14.26
N ALA A 302 -8.01 16.35 13.45
CA ALA A 302 -9.39 16.07 13.78
C ALA A 302 -9.51 15.14 14.97
N ALA A 303 -8.60 14.17 15.08
CA ALA A 303 -8.63 13.23 16.19
C ALA A 303 -8.45 13.95 17.52
N LEU A 304 -7.67 15.03 17.49
CA LEU A 304 -7.40 15.83 18.68
C LEU A 304 -8.62 16.66 19.05
N THR A 305 -9.09 17.48 18.12
CA THR A 305 -10.25 18.32 18.38
C THR A 305 -11.46 17.51 18.78
N ASN A 306 -11.40 16.20 18.56
CA ASN A 306 -12.49 15.31 18.92
C ASN A 306 -12.34 14.85 20.36
N ALA A 307 -11.10 14.71 20.81
CA ALA A 307 -10.85 14.27 22.18
C ALA A 307 -11.13 15.44 23.12
N ASP A 308 -11.03 16.65 22.60
CA ASP A 308 -11.27 17.85 23.37
C ASP A 308 -12.76 18.10 23.56
N ALA A 309 -13.55 17.81 22.54
CA ALA A 309 -14.99 18.00 22.60
C ALA A 309 -15.62 16.96 23.51
N ALA A 310 -14.99 15.79 23.59
CA ALA A 310 -15.50 14.72 24.41
C ALA A 310 -14.91 14.76 25.81
N SER A 311 -13.88 15.58 26.00
CA SER A 311 -13.22 15.69 27.30
C SER A 311 -13.96 16.59 28.28
N VAL A 312 -14.43 17.74 27.80
CA VAL A 312 -15.17 18.66 28.64
C VAL A 312 -16.51 19.01 27.99
N ASP A 313 -17.43 18.05 27.97
CA ASP A 313 -18.73 18.30 27.39
C ASP A 313 -19.69 17.16 27.72
N LEU A 314 -19.49 16.01 27.08
CA LEU A 314 -20.36 14.88 27.33
C LEU A 314 -20.33 14.59 28.82
N SER A 315 -21.52 14.51 29.43
CA SER A 315 -21.65 14.22 30.85
C SER A 315 -22.64 13.08 31.00
N GLY A 316 -22.79 12.30 29.93
CA GLY A 316 -23.69 11.17 29.94
C GLY A 316 -23.03 9.95 30.54
N ASP A 317 -22.62 9.01 29.69
CA ASP A 317 -21.98 7.77 30.14
C ASP A 317 -20.46 7.89 30.25
N PRO A 318 -19.87 7.34 31.33
CA PRO A 318 -18.41 7.39 31.50
C PRO A 318 -17.66 6.43 30.59
N ASP A 319 -18.35 5.40 30.11
CA ASP A 319 -17.73 4.41 29.22
C ASP A 319 -17.80 4.84 27.77
N GLU A 320 -18.85 5.59 27.42
CA GLU A 320 -18.99 6.07 26.05
C GLU A 320 -17.94 7.11 25.75
N ARG A 321 -17.74 8.06 26.66
CA ARG A 321 -16.75 9.09 26.45
C ARG A 321 -15.35 8.48 26.39
N GLY A 322 -15.28 7.18 26.69
CA GLY A 322 -14.01 6.49 26.64
C GLY A 322 -13.70 5.95 25.27
N ARG A 323 -14.72 5.38 24.61
CA ARG A 323 -14.53 4.83 23.27
C ARG A 323 -14.53 5.97 22.27
N ARG A 324 -15.41 6.94 22.47
CA ARG A 324 -15.51 8.08 21.57
C ARG A 324 -14.18 8.81 21.43
N MET A 325 -13.30 8.64 22.41
CA MET A 325 -12.00 9.29 22.39
C MET A 325 -10.89 8.38 21.88
N MET A 326 -10.80 7.19 22.46
CA MET A 326 -9.79 6.20 22.10
C MET A 326 -9.83 5.72 20.65
N THR A 327 -11.02 5.59 20.09
CA THR A 327 -11.16 5.11 18.72
C THR A 327 -10.57 6.05 17.68
N PRO A 328 -11.14 7.25 17.51
CA PRO A 328 -10.57 8.15 16.51
C PRO A 328 -9.06 8.41 16.73
N PHE A 329 -8.64 8.27 17.99
CA PHE A 329 -7.25 8.43 18.37
C PHE A 329 -6.48 7.36 17.62
N GLN A 330 -6.88 6.11 17.84
CA GLN A 330 -6.25 4.95 17.19
C GLN A 330 -6.29 5.00 15.67
N TYR A 331 -7.29 5.67 15.11
CA TYR A 331 -7.38 5.78 13.66
C TYR A 331 -6.27 6.70 13.18
N ALA A 332 -6.07 7.79 13.91
CA ALA A 332 -5.03 8.76 13.58
C ALA A 332 -3.65 8.16 13.79
N LYS A 333 -3.50 7.40 14.87
CA LYS A 333 -2.22 6.77 15.14
C LYS A 333 -1.92 5.79 14.02
N MET A 334 -2.91 4.97 13.69
CA MET A 334 -2.78 4.00 12.61
C MET A 334 -2.34 4.68 11.31
N THR A 335 -2.87 5.87 11.07
CA THR A 335 -2.54 6.64 9.86
C THR A 335 -1.15 7.23 9.92
N VAL A 336 -0.83 7.93 11.00
CA VAL A 336 0.47 8.55 11.15
C VAL A 336 1.61 7.52 11.18
N ASN A 337 1.36 6.35 11.76
CA ASN A 337 2.38 5.30 11.84
C ASN A 337 2.84 4.73 10.52
N GLU A 338 2.05 4.90 9.46
CA GLU A 338 2.42 4.38 8.16
C GLU A 338 2.60 5.54 7.19
N LEU A 339 1.95 6.65 7.50
CA LEU A 339 1.99 7.83 6.66
C LEU A 339 3.16 8.78 6.96
N ALA A 340 3.63 8.78 8.19
CA ALA A 340 4.74 9.67 8.57
C ALA A 340 6.07 9.12 8.04
N PRO A 341 6.43 7.88 8.41
CA PRO A 341 7.70 7.35 7.91
C PRO A 341 7.64 7.16 6.40
N ALA A 342 6.45 7.38 5.85
CA ALA A 342 6.24 7.25 4.42
C ALA A 342 6.71 8.50 3.71
N VAL A 343 6.52 9.65 4.35
CA VAL A 343 6.95 10.90 3.74
C VAL A 343 8.46 11.12 3.94
N VAL A 344 9.01 10.68 5.07
CA VAL A 344 10.44 10.87 5.26
C VAL A 344 11.20 9.95 4.32
N ASP A 345 10.58 8.84 3.93
CA ASP A 345 11.22 7.90 3.02
C ASP A 345 11.29 8.48 1.63
N ASP A 346 10.31 9.33 1.28
CA ASP A 346 10.28 9.97 -0.04
C ASP A 346 11.25 11.14 -0.02
N CYS A 347 11.31 11.82 1.14
CA CYS A 347 12.20 12.95 1.31
C CYS A 347 13.63 12.43 1.23
N LEU A 348 13.80 11.18 1.67
CA LEU A 348 15.10 10.53 1.66
C LEU A 348 15.49 10.22 0.23
N SER A 349 14.60 9.57 -0.50
CA SER A 349 14.89 9.22 -1.88
C SER A 349 14.81 10.43 -2.82
N LEU A 350 14.46 11.59 -2.26
CA LEU A 350 14.36 12.79 -3.07
C LEU A 350 15.64 13.60 -3.01
N VAL A 351 16.34 13.52 -1.87
CA VAL A 351 17.60 14.23 -1.70
C VAL A 351 18.77 13.40 -2.21
N GLY A 352 18.61 12.09 -2.20
CA GLY A 352 19.67 11.23 -2.70
C GLY A 352 20.59 10.68 -1.64
N GLY A 353 21.68 10.05 -2.10
CA GLY A 353 22.65 9.46 -1.20
C GLY A 353 23.22 10.35 -0.10
N LEU A 354 23.31 11.66 -0.36
CA LEU A 354 23.83 12.57 0.66
C LEU A 354 23.00 12.49 1.93
N ALA A 355 21.74 12.08 1.80
CA ALA A 355 20.84 11.98 2.94
C ALA A 355 20.99 10.65 3.68
N TYR A 356 21.90 9.80 3.21
CA TYR A 356 22.12 8.52 3.85
C TYR A 356 23.31 8.65 4.79
N THR A 357 23.98 9.79 4.69
CA THR A 357 25.13 10.05 5.55
C THR A 357 24.64 10.38 6.96
N ALA A 358 25.29 9.81 7.98
CA ALA A 358 24.91 10.07 9.37
C ALA A 358 24.99 11.58 9.65
N GLY A 359 25.81 12.27 8.87
CA GLY A 359 25.95 13.70 9.04
C GLY A 359 24.72 14.49 8.66
N HIS A 360 23.98 13.99 7.66
CA HIS A 360 22.76 14.64 7.19
C HIS A 360 21.63 14.46 8.20
N PRO A 361 20.83 15.52 8.42
CA PRO A 361 19.70 15.50 9.36
C PRO A 361 18.56 14.57 8.91
N LEU A 362 18.42 14.39 7.61
CA LEU A 362 17.38 13.54 7.05
C LEU A 362 17.63 12.08 7.41
N SER A 363 18.83 11.76 7.84
CA SER A 363 19.17 10.39 8.23
C SER A 363 18.61 10.15 9.63
N ARG A 364 18.84 11.12 10.51
CA ARG A 364 18.37 11.06 11.88
C ARG A 364 16.84 10.93 11.88
N LEU A 365 16.16 11.83 11.15
CA LEU A 365 14.72 11.83 11.06
C LEU A 365 14.19 10.47 10.63
N TYR A 366 14.92 9.80 9.74
CA TYR A 366 14.49 8.50 9.25
C TYR A 366 14.48 7.46 10.37
N ARG A 367 15.25 7.71 11.43
CA ARG A 367 15.30 6.79 12.56
C ARG A 367 14.35 7.19 13.66
N ASP A 368 14.17 8.50 13.84
CA ASP A 368 13.29 9.02 14.87
C ASP A 368 11.82 8.74 14.55
N VAL A 369 11.46 8.79 13.27
CA VAL A 369 10.08 8.58 12.88
C VAL A 369 9.54 7.16 13.15
N ARG A 370 10.39 6.14 13.07
CA ARG A 370 9.91 4.78 13.31
C ARG A 370 9.61 4.46 14.75
N ALA A 371 9.79 5.43 15.64
CA ALA A 371 9.52 5.23 17.06
C ALA A 371 8.03 5.01 17.35
N GLY A 372 7.18 5.84 16.74
CA GLY A 372 5.75 5.77 16.96
C GLY A 372 5.06 4.42 16.80
N GLY A 373 5.51 3.60 15.86
CA GLY A 373 4.89 2.31 15.66
C GLY A 373 5.02 1.34 16.81
N PHE A 374 5.93 1.62 17.74
CA PHE A 374 6.15 0.75 18.89
C PHE A 374 5.50 1.25 20.17
N MET A 375 4.92 2.44 20.12
CA MET A 375 4.31 3.01 21.32
C MET A 375 2.88 2.59 21.62
N GLN A 376 2.64 2.23 22.88
CA GLN A 376 1.34 1.82 23.35
C GLN A 376 0.64 3.00 24.06
N PRO A 377 -0.68 3.13 23.90
CA PRO A 377 -1.56 2.26 23.11
C PRO A 377 -1.95 2.94 21.79
N TYR A 378 -2.11 2.15 20.72
CA TYR A 378 -1.94 0.71 20.72
C TYR A 378 -0.97 0.34 19.60
N SER A 379 -0.37 -0.83 19.70
CA SER A 379 0.55 -1.31 18.68
C SER A 379 -0.30 -1.71 17.50
N TYR A 380 0.29 -1.97 16.34
CA TYR A 380 -0.51 -2.38 15.19
C TYR A 380 -1.27 -3.65 15.57
N VAL A 381 -0.54 -4.64 16.04
CA VAL A 381 -1.12 -5.91 16.44
C VAL A 381 -2.30 -5.72 17.40
N ASP A 382 -2.13 -4.85 18.38
CA ASP A 382 -3.17 -4.56 19.38
C ASP A 382 -4.28 -3.71 18.77
N ALA A 383 -3.89 -2.62 18.13
CA ALA A 383 -4.82 -1.70 17.51
C ALA A 383 -5.78 -2.41 16.57
N VAL A 384 -5.34 -3.49 15.95
CA VAL A 384 -6.21 -4.21 15.02
C VAL A 384 -7.31 -4.94 15.79
N ASP A 385 -6.96 -5.58 16.90
CA ASP A 385 -7.96 -6.27 17.71
C ASP A 385 -8.93 -5.22 18.25
N TYR A 386 -8.38 -4.11 18.75
CA TYR A 386 -9.23 -3.05 19.29
C TYR A 386 -10.23 -2.48 18.29
N LEU A 387 -9.71 -1.98 17.17
CA LEU A 387 -10.53 -1.37 16.13
C LEU A 387 -11.56 -2.30 15.47
N SER A 388 -11.21 -3.57 15.28
CA SER A 388 -12.13 -4.52 14.67
C SER A 388 -13.19 -4.90 15.70
N GLY A 389 -12.82 -4.85 16.97
CA GLY A 389 -13.74 -5.19 18.04
C GLY A 389 -14.80 -4.11 18.21
N GLN A 390 -14.46 -2.88 17.85
CA GLN A 390 -15.39 -1.77 17.95
C GLN A 390 -16.28 -1.75 16.72
N ALA A 391 -15.70 -2.14 15.59
CA ALA A 391 -16.42 -2.15 14.32
C ALA A 391 -17.45 -3.27 14.28
N LEU A 392 -17.23 -4.28 15.10
CA LEU A 392 -18.13 -5.44 15.18
C LEU A 392 -18.80 -5.50 16.55
N GLY A 393 -19.13 -6.71 17.00
CA GLY A 393 -19.79 -6.83 18.30
C GLY A 393 -18.76 -6.84 19.41
N LEU A 394 -18.19 -8.01 19.67
CA LEU A 394 -17.14 -8.21 20.66
C LEU A 394 -17.17 -7.33 21.88
N MET B 1 -17.54 20.22 18.09
CA MET B 1 -16.67 20.32 16.88
C MET B 1 -16.16 18.92 16.50
N ALA B 2 -15.68 18.78 15.28
CA ALA B 2 -15.17 17.50 14.75
C ALA B 2 -14.53 17.67 13.38
N ALA B 3 -15.32 18.16 12.43
CA ALA B 3 -14.88 18.40 11.05
C ALA B 3 -14.62 17.16 10.19
N ASP B 4 -15.48 16.15 10.36
CA ASP B 4 -15.39 14.90 9.62
C ASP B 4 -16.70 14.63 8.84
N LEU B 5 -17.44 15.69 8.57
CA LEU B 5 -18.70 15.58 7.83
C LEU B 5 -19.82 14.86 8.58
N ARG B 6 -19.62 14.64 9.87
CA ARG B 6 -20.61 13.99 10.72
C ARG B 6 -21.93 14.74 10.67
N ALA B 7 -21.90 16.03 10.99
CA ALA B 7 -23.12 16.83 11.00
C ALA B 7 -22.81 18.25 10.54
N PRO B 8 -23.77 18.90 9.89
CA PRO B 8 -23.58 20.29 9.41
C PRO B 8 -23.44 21.29 10.55
N LEU B 9 -22.84 22.45 10.27
CA LEU B 9 -22.64 23.48 11.28
C LEU B 9 -23.67 24.61 11.24
N THR B 10 -23.66 25.38 10.16
CA THR B 10 -24.58 26.49 10.00
C THR B 10 -26.04 26.03 10.17
N PRO B 11 -26.86 26.82 10.89
CA PRO B 11 -28.26 26.42 11.09
C PRO B 11 -29.00 26.38 9.74
N ALA B 12 -28.50 27.13 8.78
CA ALA B 12 -29.09 27.16 7.45
C ALA B 12 -28.95 25.80 6.78
N GLY B 13 -27.79 25.17 6.96
CA GLY B 13 -27.55 23.86 6.36
C GLY B 13 -28.09 22.72 7.20
N ARG B 14 -28.45 23.00 8.44
CA ARG B 14 -29.00 21.97 9.30
C ARG B 14 -30.45 21.72 8.91
N THR B 15 -31.02 22.69 8.18
CA THR B 15 -32.40 22.56 7.73
C THR B 15 -32.46 21.82 6.40
N VAL B 16 -31.34 21.79 5.69
CA VAL B 16 -31.28 21.09 4.42
C VAL B 16 -31.10 19.59 4.65
N VAL B 17 -30.41 19.24 5.73
CA VAL B 17 -30.16 17.83 6.06
C VAL B 17 -31.40 17.06 6.48
N ASP B 18 -32.22 17.64 7.34
CA ASP B 18 -33.44 16.96 7.79
C ASP B 18 -34.52 16.95 6.71
N LEU B 19 -34.51 17.97 5.85
CA LEU B 19 -35.47 18.04 4.76
C LEU B 19 -35.16 16.93 3.76
N LEU B 20 -33.89 16.55 3.71
CA LEU B 20 -33.43 15.52 2.80
C LEU B 20 -33.70 14.13 3.38
N ALA B 21 -33.69 14.03 4.71
CA ALA B 21 -33.93 12.77 5.40
C ALA B 21 -35.26 12.14 4.99
N GLY B 22 -36.17 12.97 4.47
CA GLY B 22 -37.48 12.47 4.06
C GLY B 22 -37.51 11.89 2.66
N VAL B 23 -36.52 12.27 1.84
CA VAL B 23 -36.46 11.79 0.48
C VAL B 23 -35.45 10.66 0.33
N ILE B 24 -34.60 10.49 1.35
CA ILE B 24 -33.58 9.46 1.34
C ILE B 24 -34.14 8.06 1.11
N PRO B 25 -35.07 7.60 1.98
CA PRO B 25 -35.65 6.27 1.82
C PRO B 25 -36.21 6.02 0.42
N ARG B 26 -36.99 6.99 -0.05
CA ARG B 26 -37.61 6.92 -1.37
C ARG B 26 -36.60 6.69 -2.50
N ILE B 27 -35.46 7.37 -2.44
CA ILE B 27 -34.42 7.26 -3.47
C ILE B 27 -33.45 6.10 -3.26
N SER B 28 -33.25 5.73 -2.00
CA SER B 28 -32.33 4.63 -1.67
C SER B 28 -32.86 3.29 -2.17
N ALA B 29 -34.18 3.20 -2.35
CA ALA B 29 -34.80 1.97 -2.81
C ALA B 29 -34.74 1.85 -4.32
N GLU B 30 -34.94 2.96 -5.02
CA GLU B 30 -34.92 2.95 -6.48
C GLU B 30 -33.49 2.99 -7.05
N ALA B 31 -32.50 3.19 -6.17
CA ALA B 31 -31.11 3.26 -6.59
C ALA B 31 -30.67 2.09 -7.47
N ALA B 32 -30.85 0.88 -6.98
CA ALA B 32 -30.46 -0.32 -7.72
C ALA B 32 -31.13 -0.40 -9.09
N ASP B 33 -32.42 -0.05 -9.13
CA ASP B 33 -33.20 -0.09 -10.37
C ASP B 33 -32.75 0.91 -11.41
N ARG B 34 -32.69 2.19 -11.03
CA ARG B 34 -32.28 3.24 -11.96
C ARG B 34 -30.89 3.02 -12.50
N ASP B 35 -30.02 2.40 -11.71
CA ASP B 35 -28.67 2.12 -12.14
C ASP B 35 -28.68 1.04 -13.21
N ARG B 36 -29.47 -0.01 -12.99
CA ARG B 36 -29.54 -1.11 -13.95
C ARG B 36 -30.09 -0.66 -15.30
N THR B 37 -31.14 0.15 -15.27
CA THR B 37 -31.73 0.66 -16.51
C THR B 37 -30.96 1.86 -17.03
N GLY B 38 -30.49 2.70 -16.12
CA GLY B 38 -29.75 3.89 -16.51
C GLY B 38 -30.73 4.99 -16.87
N THR B 39 -31.67 5.27 -15.96
CA THR B 39 -32.69 6.28 -16.16
C THR B 39 -32.69 7.35 -15.07
N PHE B 40 -32.47 8.59 -15.47
CA PHE B 40 -32.43 9.72 -14.54
C PHE B 40 -33.73 9.78 -13.72
N PRO B 41 -33.62 10.06 -12.41
CA PRO B 41 -34.75 10.15 -11.49
C PRO B 41 -35.52 11.47 -11.60
N VAL B 42 -36.24 11.65 -12.70
CA VAL B 42 -37.01 12.87 -12.93
C VAL B 42 -37.98 13.21 -11.81
N GLU B 43 -38.92 12.30 -11.52
CA GLU B 43 -39.91 12.54 -10.48
C GLU B 43 -39.34 12.54 -9.07
N ALA B 44 -38.24 11.80 -8.88
CA ALA B 44 -37.61 11.74 -7.57
C ALA B 44 -36.87 13.06 -7.34
N PHE B 45 -36.42 13.66 -8.44
CA PHE B 45 -35.67 14.91 -8.36
C PHE B 45 -36.58 16.14 -8.26
N GLU B 46 -37.69 16.16 -8.98
CA GLU B 46 -38.55 17.32 -8.90
C GLU B 46 -39.18 17.44 -7.52
N GLN B 47 -39.25 16.32 -6.79
CA GLN B 47 -39.83 16.37 -5.46
C GLN B 47 -39.01 17.30 -4.57
N PHE B 48 -37.79 17.61 -5.03
CA PHE B 48 -36.92 18.51 -4.29
C PHE B 48 -37.44 19.93 -4.43
N ALA B 49 -37.84 20.27 -5.66
CA ALA B 49 -38.39 21.60 -5.93
C ALA B 49 -39.58 21.85 -5.02
N LYS B 50 -40.34 20.78 -4.77
CA LYS B 50 -41.51 20.83 -3.91
C LYS B 50 -41.14 21.31 -2.50
N LEU B 51 -40.07 20.74 -1.95
CA LEU B 51 -39.59 21.11 -0.61
C LEU B 51 -38.74 22.37 -0.61
N GLY B 52 -37.87 22.51 -1.63
CA GLY B 52 -37.04 23.69 -1.71
C GLY B 52 -35.55 23.38 -1.80
N LEU B 53 -35.20 22.10 -1.69
CA LEU B 53 -33.81 21.68 -1.76
C LEU B 53 -33.21 22.05 -3.11
N MET B 54 -34.05 22.06 -4.13
CA MET B 54 -33.58 22.40 -5.47
C MET B 54 -33.13 23.86 -5.45
N GLY B 55 -33.53 24.57 -4.39
CA GLY B 55 -33.17 25.97 -4.26
C GLY B 55 -32.22 26.31 -3.12
N ALA B 56 -31.60 25.29 -2.52
CA ALA B 56 -30.65 25.56 -1.45
C ALA B 56 -29.51 26.37 -2.06
N THR B 57 -28.51 26.71 -1.26
CA THR B 57 -27.37 27.51 -1.74
C THR B 57 -27.80 28.76 -2.50
N VAL B 58 -29.00 29.27 -2.18
CA VAL B 58 -29.56 30.48 -2.78
C VAL B 58 -29.95 31.41 -1.64
N PRO B 59 -29.56 32.69 -1.70
CA PRO B 59 -29.88 33.67 -0.66
C PRO B 59 -31.31 33.59 -0.14
N ALA B 60 -31.47 33.74 1.18
CA ALA B 60 -32.79 33.68 1.79
C ALA B 60 -33.69 34.77 1.21
N GLU B 61 -33.05 35.90 0.86
CA GLU B 61 -33.74 37.05 0.30
C GLU B 61 -34.13 36.89 -1.17
N LEU B 62 -33.70 35.79 -1.79
CA LEU B 62 -34.01 35.54 -3.19
C LEU B 62 -34.98 34.37 -3.36
N GLY B 63 -35.02 33.48 -2.37
CA GLY B 63 -35.90 32.34 -2.45
C GLY B 63 -36.02 31.61 -1.13
N GLY B 64 -34.89 31.19 -0.57
CA GLY B 64 -34.91 30.49 0.69
C GLY B 64 -33.72 29.57 0.90
N LEU B 65 -33.49 29.20 2.17
CA LEU B 65 -32.38 28.33 2.54
C LEU B 65 -31.07 28.95 2.06
N GLY B 66 -30.55 29.89 2.84
CA GLY B 66 -29.31 30.57 2.48
C GLY B 66 -28.08 29.78 2.91
N LEU B 67 -27.70 28.81 2.09
CA LEU B 67 -26.56 27.95 2.37
C LEU B 67 -25.33 28.44 1.62
N THR B 68 -24.30 28.82 2.35
CA THR B 68 -23.06 29.32 1.76
C THR B 68 -21.84 28.58 2.28
N ARG B 69 -22.01 27.85 3.38
CA ARG B 69 -20.92 27.10 3.99
C ARG B 69 -20.60 25.86 3.15
N LEU B 70 -19.47 25.89 2.44
CA LEU B 70 -19.05 24.77 1.59
C LEU B 70 -18.97 23.45 2.34
N TYR B 71 -18.61 23.51 3.61
CA TYR B 71 -18.50 22.31 4.44
C TYR B 71 -19.84 21.61 4.62
N ASP B 72 -20.91 22.38 4.80
CA ASP B 72 -22.23 21.80 4.98
C ASP B 72 -22.81 21.33 3.64
N VAL B 73 -22.46 22.02 2.57
CA VAL B 73 -22.93 21.64 1.25
C VAL B 73 -22.42 20.24 0.93
N ALA B 74 -21.22 19.93 1.42
CA ALA B 74 -20.63 18.62 1.19
C ALA B 74 -21.22 17.58 2.15
N THR B 75 -21.52 18.01 3.38
CA THR B 75 -22.10 17.13 4.39
C THR B 75 -23.46 16.68 3.87
N ALA B 76 -24.11 17.53 3.09
CA ALA B 76 -25.39 17.22 2.50
C ALA B 76 -25.20 16.18 1.39
N LEU B 77 -24.31 16.48 0.46
CA LEU B 77 -24.02 15.57 -0.65
C LEU B 77 -23.56 14.19 -0.19
N MET B 78 -22.98 14.11 1.00
CA MET B 78 -22.53 12.83 1.51
C MET B 78 -23.71 12.03 2.03
N ARG B 79 -24.63 12.71 2.74
CA ARG B 79 -25.82 12.05 3.27
C ARG B 79 -26.58 11.47 2.08
N LEU B 80 -26.68 12.24 1.00
CA LEU B 80 -27.37 11.80 -0.18
C LEU B 80 -26.62 10.74 -0.96
N ALA B 81 -25.31 10.89 -1.05
CA ALA B 81 -24.49 9.92 -1.78
C ALA B 81 -24.57 8.55 -1.13
N GLU B 82 -24.78 8.51 0.18
CA GLU B 82 -24.90 7.24 0.88
C GLU B 82 -26.11 6.47 0.38
N ALA B 83 -27.10 7.21 -0.12
CA ALA B 83 -28.31 6.61 -0.67
C ALA B 83 -28.01 6.24 -2.12
N ASP B 84 -27.75 7.26 -2.94
CA ASP B 84 -27.41 7.06 -4.35
C ASP B 84 -26.38 8.10 -4.78
N ALA B 85 -25.22 7.61 -5.22
CA ALA B 85 -24.15 8.48 -5.66
C ALA B 85 -24.60 9.29 -6.87
N SER B 86 -25.24 8.60 -7.82
CA SER B 86 -25.72 9.22 -9.05
C SER B 86 -26.59 10.47 -8.87
N THR B 87 -27.61 10.40 -8.01
CA THR B 87 -28.45 11.58 -7.84
C THR B 87 -27.65 12.68 -7.15
N ALA B 88 -26.79 12.29 -6.20
CA ALA B 88 -25.95 13.25 -5.48
C ALA B 88 -25.04 14.01 -6.45
N LEU B 89 -24.52 13.30 -7.44
CA LEU B 89 -23.65 13.90 -8.45
C LEU B 89 -24.43 14.96 -9.22
N ALA B 90 -25.69 14.67 -9.51
CA ALA B 90 -26.56 15.58 -10.24
C ALA B 90 -26.97 16.79 -9.40
N TRP B 91 -27.43 16.54 -8.18
CA TRP B 91 -27.86 17.61 -7.28
C TRP B 91 -26.74 18.62 -7.06
N HIS B 92 -25.51 18.18 -7.29
CA HIS B 92 -24.34 19.04 -7.12
C HIS B 92 -24.27 20.09 -8.23
N VAL B 93 -24.66 19.71 -9.44
CA VAL B 93 -24.67 20.62 -10.58
C VAL B 93 -25.46 21.87 -10.22
N GLN B 94 -26.62 21.64 -9.60
CA GLN B 94 -27.52 22.71 -9.17
C GLN B 94 -26.89 23.51 -8.05
N LEU B 95 -26.57 22.81 -6.94
CA LEU B 95 -25.97 23.46 -5.79
C LEU B 95 -24.68 24.20 -6.17
N SER B 96 -24.05 23.76 -7.25
CA SER B 96 -22.82 24.36 -7.74
C SER B 96 -23.06 25.82 -8.14
N ARG B 97 -23.84 26.04 -9.21
CA ARG B 97 -24.12 27.40 -9.64
C ARG B 97 -24.69 28.20 -8.48
N GLY B 98 -25.32 27.51 -7.54
CA GLY B 98 -25.87 28.19 -6.38
C GLY B 98 -24.83 29.10 -5.76
N LEU B 99 -23.62 28.57 -5.58
CA LEU B 99 -22.53 29.33 -4.99
C LEU B 99 -21.87 30.24 -6.02
N THR B 100 -21.76 29.76 -7.27
CA THR B 100 -21.15 30.56 -8.32
C THR B 100 -21.92 31.85 -8.56
N LEU B 101 -23.24 31.75 -8.66
CA LEU B 101 -24.09 32.93 -8.88
C LEU B 101 -24.15 33.85 -7.67
N THR B 102 -24.32 33.28 -6.48
CA THR B 102 -24.38 34.10 -5.27
C THR B 102 -23.14 35.00 -5.17
N TYR B 103 -22.03 34.55 -5.74
CA TYR B 103 -20.79 35.32 -5.71
C TYR B 103 -20.80 36.32 -6.87
N GLU B 104 -21.51 35.96 -7.93
CA GLU B 104 -21.60 36.79 -9.11
C GLU B 104 -22.59 37.93 -8.88
N TRP B 105 -23.62 37.63 -8.09
CA TRP B 105 -24.69 38.56 -7.75
C TRP B 105 -24.17 39.65 -6.81
N GLN B 106 -23.31 39.28 -5.87
CA GLN B 106 -22.78 40.24 -4.91
C GLN B 106 -21.54 40.97 -5.41
N HIS B 107 -20.67 40.27 -6.12
CA HIS B 107 -19.44 40.88 -6.62
C HIS B 107 -19.34 40.84 -8.15
N GLY B 108 -20.34 41.36 -8.83
CA GLY B 108 -20.32 41.35 -10.29
C GLY B 108 -20.77 42.66 -10.91
N THR B 109 -20.30 42.92 -12.13
CA THR B 109 -20.66 44.16 -12.83
C THR B 109 -22.18 44.26 -13.05
N PRO B 110 -22.71 45.49 -13.09
CA PRO B 110 -24.14 45.73 -13.29
C PRO B 110 -24.79 44.95 -14.44
N PRO B 111 -24.14 44.89 -15.61
CA PRO B 111 -24.75 44.14 -16.73
C PRO B 111 -25.00 42.66 -16.42
N VAL B 112 -24.02 42.00 -15.81
CA VAL B 112 -24.14 40.59 -15.50
C VAL B 112 -24.75 40.30 -14.12
N ARG B 113 -24.76 41.30 -13.24
CA ARG B 113 -25.31 41.13 -11.90
C ARG B 113 -26.84 41.17 -11.95
N ALA B 114 -27.37 41.78 -13.02
CA ALA B 114 -28.81 41.89 -13.20
C ALA B 114 -29.44 40.58 -13.63
N MET B 115 -28.78 39.87 -14.55
CA MET B 115 -29.31 38.59 -15.03
C MET B 115 -29.06 37.50 -13.98
N ALA B 116 -28.21 37.79 -13.00
CA ALA B 116 -27.92 36.85 -11.94
C ALA B 116 -29.18 36.70 -11.09
N GLU B 117 -29.80 37.83 -10.77
CA GLU B 117 -31.01 37.84 -9.95
C GLU B 117 -32.16 37.11 -10.64
N ARG B 118 -32.18 37.18 -11.98
CA ARG B 118 -33.22 36.53 -12.77
C ARG B 118 -33.20 35.02 -12.58
N LEU B 119 -32.03 34.42 -12.85
CA LEU B 119 -31.85 32.98 -12.73
C LEU B 119 -31.82 32.47 -11.29
N LEU B 120 -31.12 33.18 -10.42
CA LEU B 120 -31.03 32.78 -9.02
C LEU B 120 -32.38 32.69 -8.33
N ARG B 121 -33.26 33.63 -8.65
CA ARG B 121 -34.60 33.67 -8.07
C ARG B 121 -35.51 32.62 -8.67
N ALA B 122 -35.26 32.28 -9.94
CA ALA B 122 -36.05 31.28 -10.66
C ALA B 122 -35.81 29.85 -10.19
N MET B 123 -34.57 29.54 -9.84
CA MET B 123 -34.24 28.21 -9.36
C MET B 123 -34.43 28.16 -7.85
N ALA B 124 -34.90 29.27 -7.29
CA ALA B 124 -35.14 29.36 -5.85
C ALA B 124 -36.29 28.43 -5.46
N GLU B 125 -37.33 28.41 -6.30
CA GLU B 125 -38.48 27.56 -6.04
C GLU B 125 -38.31 26.25 -6.81
N GLY B 126 -37.62 26.32 -7.95
CA GLY B 126 -37.41 25.13 -8.74
C GLY B 126 -37.95 25.29 -10.14
N GLU B 127 -38.30 26.52 -10.49
CA GLU B 127 -38.84 26.84 -11.81
C GLU B 127 -37.79 26.63 -12.90
N ALA B 128 -36.52 26.76 -12.54
CA ALA B 128 -35.43 26.60 -13.49
C ALA B 128 -34.25 25.82 -12.95
N ALA B 129 -33.79 24.83 -13.71
CA ALA B 129 -32.65 23.99 -13.33
C ALA B 129 -31.47 24.39 -14.20
N VAL B 130 -30.40 24.87 -13.58
CA VAL B 130 -29.22 25.32 -14.32
C VAL B 130 -28.11 24.26 -14.47
N CYS B 131 -27.50 24.22 -15.66
CA CYS B 131 -26.41 23.29 -15.95
C CYS B 131 -25.17 23.97 -16.51
N GLY B 132 -24.09 23.22 -16.60
CA GLY B 132 -22.85 23.78 -17.12
C GLY B 132 -22.22 22.95 -18.23
N ALA B 133 -22.19 23.51 -19.43
CA ALA B 133 -21.59 22.83 -20.56
C ALA B 133 -20.16 23.34 -20.67
N LEU B 134 -19.28 22.73 -19.88
CA LEU B 134 -17.87 23.12 -19.81
C LEU B 134 -16.95 22.40 -20.80
N LYS B 135 -16.68 21.13 -20.54
CA LYS B 135 -15.82 20.32 -21.40
C LYS B 135 -16.40 20.28 -22.81
N ASP B 136 -15.53 20.10 -23.79
CA ASP B 136 -15.96 20.04 -25.18
C ASP B 136 -15.68 18.65 -25.73
N ALA B 137 -16.51 18.21 -26.66
CA ALA B 137 -16.35 16.89 -27.27
C ALA B 137 -15.00 16.78 -27.97
N PRO B 138 -14.42 15.58 -27.98
CA PRO B 138 -13.12 15.44 -28.65
C PRO B 138 -13.23 15.70 -30.15
N GLY B 139 -12.30 16.49 -30.69
CA GLY B 139 -12.30 16.80 -32.11
C GLY B 139 -12.96 18.11 -32.50
N VAL B 140 -13.87 18.59 -31.65
CA VAL B 140 -14.59 19.84 -31.88
C VAL B 140 -14.34 20.87 -30.77
N VAL B 141 -14.28 22.14 -31.14
CA VAL B 141 -14.03 23.23 -30.19
C VAL B 141 -15.12 24.28 -30.18
N THR B 142 -15.75 24.49 -29.02
CA THR B 142 -16.81 25.48 -28.90
C THR B 142 -16.27 26.91 -29.00
N TRP B 152 -23.17 36.78 -30.52
CA TRP B 152 -24.07 36.42 -31.74
C TRP B 152 -23.56 35.16 -32.62
N LEU B 153 -24.33 34.08 -32.61
CA LEU B 153 -24.03 32.85 -33.36
C LEU B 153 -22.95 31.98 -32.71
N LEU B 154 -23.36 30.82 -32.20
CA LEU B 154 -22.49 29.88 -31.48
C LEU B 154 -22.53 28.50 -32.07
N SER B 155 -21.48 27.74 -31.82
CA SER B 155 -21.40 26.36 -32.31
C SER B 155 -20.53 25.56 -31.39
N GLY B 156 -20.49 24.27 -31.66
CA GLY B 156 -19.69 23.35 -30.87
C GLY B 156 -20.57 22.34 -30.15
N ARG B 157 -19.97 21.46 -29.35
CA ARG B 157 -20.73 20.45 -28.61
C ARG B 157 -20.02 20.09 -27.29
N LYS B 158 -20.78 20.09 -26.18
CA LYS B 158 -20.24 19.79 -24.83
C LYS B 158 -20.60 18.39 -24.34
N VAL B 159 -19.78 17.84 -23.45
CA VAL B 159 -20.02 16.52 -22.89
C VAL B 159 -19.95 16.48 -21.36
N LEU B 160 -20.13 15.28 -20.81
CA LEU B 160 -20.09 15.09 -19.37
C LEU B 160 -20.97 16.12 -18.66
N VAL B 161 -22.07 16.48 -19.29
CA VAL B 161 -23.02 17.45 -18.74
C VAL B 161 -24.01 16.70 -17.84
N SER B 162 -23.72 16.66 -16.55
CA SER B 162 -24.58 15.98 -15.61
C SER B 162 -25.83 16.79 -15.28
N MET B 163 -26.96 16.08 -15.16
CA MET B 163 -28.25 16.67 -14.85
C MET B 163 -28.86 17.30 -16.09
N ALA B 164 -28.52 16.75 -17.25
CA ALA B 164 -29.01 17.24 -18.52
C ALA B 164 -30.53 17.17 -18.68
N PRO B 165 -31.11 15.96 -18.59
CA PRO B 165 -32.55 15.73 -18.74
C PRO B 165 -33.54 16.72 -18.10
N ILE B 166 -33.32 17.11 -16.86
CA ILE B 166 -34.24 18.03 -16.20
C ILE B 166 -33.72 19.47 -16.27
N ALA B 167 -32.84 19.73 -17.23
CA ALA B 167 -32.25 21.05 -17.40
C ALA B 167 -33.10 22.00 -18.23
N THR B 168 -32.98 23.29 -17.93
CA THR B 168 -33.71 24.32 -18.64
C THR B 168 -32.74 25.38 -19.15
N HIS B 169 -31.70 25.66 -18.37
CA HIS B 169 -30.69 26.65 -18.74
C HIS B 169 -29.31 25.98 -18.86
N PHE B 170 -28.46 26.48 -19.75
CA PHE B 170 -27.13 25.91 -19.96
C PHE B 170 -26.01 26.95 -20.06
N PHE B 171 -25.00 26.82 -19.21
CA PHE B 171 -23.85 27.72 -19.19
C PHE B 171 -22.69 27.15 -20.00
N VAL B 172 -22.77 27.29 -21.32
CA VAL B 172 -21.72 26.76 -22.20
C VAL B 172 -20.44 27.59 -22.16
N HIS B 173 -19.33 26.95 -22.51
CA HIS B 173 -18.01 27.59 -22.53
C HIS B 173 -17.46 27.75 -23.94
N ALA B 174 -17.66 28.93 -24.51
CA ALA B 174 -17.15 29.26 -25.84
C ALA B 174 -15.97 30.21 -25.67
N GLN B 175 -15.32 30.54 -26.78
CA GLN B 175 -14.13 31.40 -26.75
C GLN B 175 -14.08 32.33 -27.95
N ARG B 176 -13.45 33.49 -27.77
CA ARG B 176 -13.32 34.45 -28.86
C ARG B 176 -11.85 34.49 -29.31
N LEU B 185 -12.85 33.88 -24.22
CA LEU B 185 -13.50 32.98 -23.24
C LEU B 185 -14.77 33.63 -22.68
N ALA B 186 -15.93 33.08 -23.06
CA ALA B 186 -17.21 33.59 -22.61
C ALA B 186 -18.13 32.46 -22.13
N VAL B 187 -19.06 32.79 -21.24
CA VAL B 187 -20.00 31.80 -20.71
C VAL B 187 -21.46 32.16 -20.99
N PRO B 188 -21.87 32.13 -22.27
CA PRO B 188 -23.24 32.44 -22.70
C PRO B 188 -24.29 31.69 -21.89
N VAL B 189 -25.55 32.12 -21.99
CA VAL B 189 -26.64 31.47 -21.26
C VAL B 189 -27.82 31.09 -22.18
N VAL B 190 -27.78 29.87 -22.70
CA VAL B 190 -28.83 29.37 -23.58
C VAL B 190 -29.94 28.65 -22.80
N HIS B 191 -31.18 28.84 -23.24
CA HIS B 191 -32.34 28.21 -22.61
C HIS B 191 -32.51 26.84 -23.25
N ARG B 192 -33.31 25.97 -22.62
CA ARG B 192 -33.52 24.62 -23.15
C ARG B 192 -34.26 24.64 -24.48
N ASP B 193 -35.20 25.58 -24.62
CA ASP B 193 -36.00 25.71 -25.83
C ASP B 193 -35.29 26.43 -26.98
N ALA B 194 -34.00 26.18 -27.14
CA ALA B 194 -33.25 26.83 -28.22
C ALA B 194 -33.61 26.20 -29.56
N PRO B 195 -33.41 26.95 -30.66
CA PRO B 195 -33.73 26.46 -32.01
C PRO B 195 -32.75 25.38 -32.51
N GLY B 196 -31.46 25.59 -32.27
CA GLY B 196 -30.46 24.63 -32.70
C GLY B 196 -29.86 23.89 -31.53
N LEU B 197 -30.73 23.49 -30.59
CA LEU B 197 -30.30 22.76 -29.40
C LEU B 197 -30.88 21.35 -29.32
N THR B 198 -29.99 20.36 -29.28
CA THR B 198 -30.41 18.96 -29.20
C THR B 198 -29.61 18.27 -28.11
N VAL B 199 -30.31 17.57 -27.22
CA VAL B 199 -29.68 16.85 -26.13
C VAL B 199 -29.69 15.34 -26.37
N LEU B 200 -28.50 14.72 -26.35
CA LEU B 200 -28.37 13.27 -26.58
C LEU B 200 -28.18 12.43 -25.31
N ASP B 201 -29.09 11.50 -25.05
CA ASP B 201 -28.97 10.63 -23.88
C ASP B 201 -28.34 9.31 -24.30
N ASN B 202 -27.07 9.38 -24.67
CA ASN B 202 -26.29 8.22 -25.12
C ASN B 202 -25.22 7.84 -24.10
N TRP B 203 -25.35 8.34 -22.87
CA TRP B 203 -24.41 8.05 -21.79
C TRP B 203 -24.44 6.58 -21.42
N ASP B 204 -23.31 5.91 -21.56
CA ASP B 204 -23.22 4.50 -21.22
C ASP B 204 -21.90 4.29 -20.48
N GLY B 205 -21.91 4.59 -19.19
CA GLY B 205 -20.71 4.45 -18.40
C GLY B 205 -20.62 3.21 -17.53
N LEU B 206 -19.49 3.09 -16.84
CA LEU B 206 -19.22 1.98 -15.96
C LEU B 206 -20.07 2.18 -14.71
N GLY B 207 -20.10 3.41 -14.21
CA GLY B 207 -20.87 3.71 -13.03
C GLY B 207 -21.58 5.04 -13.12
N MET B 208 -22.20 5.48 -12.04
CA MET B 208 -22.91 6.76 -12.05
C MET B 208 -23.84 6.78 -13.26
N ARG B 209 -24.44 5.65 -13.58
CA ARG B 209 -25.33 5.55 -14.74
C ARG B 209 -26.66 6.30 -14.54
N ALA B 210 -27.11 6.36 -13.30
CA ALA B 210 -28.38 7.03 -12.95
C ALA B 210 -28.32 8.57 -12.94
N SER B 211 -27.17 9.15 -13.24
CA SER B 211 -27.07 10.60 -13.25
C SER B 211 -27.44 11.09 -14.65
N GLY B 212 -27.58 12.40 -14.82
CA GLY B 212 -27.95 12.92 -16.13
C GLY B 212 -26.81 13.37 -17.00
N THR B 213 -25.66 12.70 -16.89
CA THR B 213 -24.49 13.04 -17.67
C THR B 213 -24.64 12.72 -19.15
N LEU B 214 -25.26 13.64 -19.87
CA LEU B 214 -25.50 13.45 -21.29
C LEU B 214 -24.56 14.32 -22.15
N GLU B 215 -24.57 14.09 -23.47
CA GLU B 215 -23.75 14.84 -24.42
C GLU B 215 -24.64 15.76 -25.27
N VAL B 216 -24.63 17.06 -24.98
CA VAL B 216 -25.47 18.02 -25.68
C VAL B 216 -24.78 18.78 -26.83
N VAL B 217 -25.49 18.97 -27.94
CA VAL B 217 -24.95 19.68 -29.10
C VAL B 217 -25.58 21.04 -29.34
N PHE B 218 -24.82 21.92 -29.98
CA PHE B 218 -25.27 23.26 -30.31
C PHE B 218 -25.01 23.49 -31.80
N ASP B 219 -26.08 23.61 -32.57
CA ASP B 219 -25.98 23.83 -34.00
C ASP B 219 -26.41 25.28 -34.28
N ARG B 220 -25.44 26.16 -34.49
CA ARG B 220 -25.68 27.59 -34.73
C ARG B 220 -26.81 28.14 -33.83
N CYS B 221 -26.46 28.52 -32.61
CA CYS B 221 -27.44 29.05 -31.68
C CYS B 221 -27.50 30.56 -31.61
N PRO B 222 -28.72 31.13 -31.76
CA PRO B 222 -28.95 32.58 -31.72
C PRO B 222 -28.93 33.17 -30.31
N VAL B 223 -28.04 34.14 -30.09
CA VAL B 223 -27.93 34.80 -28.79
C VAL B 223 -27.40 36.23 -28.94
N ARG B 224 -28.04 37.16 -28.23
CA ARG B 224 -27.65 38.56 -28.26
C ARG B 224 -26.35 38.81 -27.50
N ALA B 225 -25.63 39.86 -27.89
CA ALA B 225 -24.37 40.21 -27.24
C ALA B 225 -24.59 40.89 -25.88
N ASP B 226 -25.82 41.29 -25.61
CA ASP B 226 -26.14 41.94 -24.33
C ASP B 226 -26.18 40.92 -23.20
N GLU B 227 -26.44 39.65 -23.55
CA GLU B 227 -26.48 38.57 -22.56
C GLU B 227 -25.18 37.78 -22.62
N LEU B 228 -24.11 38.35 -22.08
CA LEU B 228 -22.81 37.67 -22.08
C LEU B 228 -22.11 37.91 -20.76
N ALA B 236 -3.54 34.34 -21.21
CA ALA B 236 -3.03 33.69 -19.96
C ALA B 236 -4.02 33.92 -18.82
N ARG B 237 -4.16 32.94 -17.93
CA ARG B 237 -5.10 33.06 -16.81
C ARG B 237 -4.40 33.12 -15.45
N ARG B 238 -4.85 34.05 -14.61
CA ARG B 238 -4.27 34.24 -13.28
C ARG B 238 -4.70 33.11 -12.32
N ASP B 239 -4.12 33.11 -11.12
CA ASP B 239 -4.45 32.11 -10.11
C ASP B 239 -5.68 32.46 -9.28
N ALA B 240 -6.25 33.64 -9.53
CA ALA B 240 -7.44 34.06 -8.79
C ALA B 240 -8.66 33.28 -9.28
N VAL B 241 -8.58 32.76 -10.50
CA VAL B 241 -9.69 32.00 -11.05
C VAL B 241 -9.75 30.64 -10.35
N LEU B 242 -8.64 30.23 -9.74
CA LEU B 242 -8.58 28.96 -9.02
C LEU B 242 -9.57 28.92 -7.85
N ALA B 243 -9.86 30.09 -7.27
CA ALA B 243 -10.80 30.14 -6.15
C ALA B 243 -12.18 29.76 -6.65
N GLY B 244 -12.52 30.26 -7.84
CA GLY B 244 -13.81 29.96 -8.43
C GLY B 244 -13.94 28.49 -8.76
N GLN B 245 -12.92 27.93 -9.40
CA GLN B 245 -12.90 26.53 -9.77
C GLN B 245 -12.99 25.60 -8.55
N THR B 246 -12.34 26.01 -7.46
CA THR B 246 -12.36 25.20 -6.25
C THR B 246 -13.77 25.11 -5.70
N VAL B 247 -14.38 26.25 -5.43
CA VAL B 247 -15.73 26.30 -4.88
C VAL B 247 -16.71 25.56 -5.79
N SER B 248 -16.38 25.46 -7.07
CA SER B 248 -17.26 24.79 -8.03
C SER B 248 -17.42 23.28 -7.82
N SER B 249 -16.31 22.57 -7.65
CA SER B 249 -16.37 21.12 -7.48
C SER B 249 -15.68 20.50 -6.27
N ILE B 250 -15.37 21.32 -5.26
CA ILE B 250 -14.73 20.77 -4.07
C ILE B 250 -15.72 19.99 -3.23
N THR B 251 -16.99 20.37 -3.29
CA THR B 251 -18.02 19.69 -2.51
C THR B 251 -18.35 18.27 -2.99
N MET B 252 -17.86 17.89 -4.16
CA MET B 252 -18.08 16.54 -4.69
C MET B 252 -17.31 15.50 -3.88
N LEU B 253 -16.27 15.94 -3.19
CA LEU B 253 -15.48 15.03 -2.40
C LEU B 253 -16.38 14.39 -1.35
N GLY B 254 -17.43 15.11 -0.98
CA GLY B 254 -18.36 14.58 0.01
C GLY B 254 -19.09 13.36 -0.50
N ILE B 255 -19.39 13.33 -1.79
CA ILE B 255 -20.11 12.19 -2.34
C ILE B 255 -19.23 10.93 -2.36
N TYR B 256 -17.94 11.08 -2.63
CA TYR B 256 -17.05 9.90 -2.65
C TYR B 256 -16.83 9.39 -1.24
N ALA B 257 -16.75 10.32 -0.29
CA ALA B 257 -16.60 9.94 1.09
C ALA B 257 -17.90 9.21 1.43
N GLY B 258 -18.99 9.66 0.80
CA GLY B 258 -20.30 9.05 1.01
C GLY B 258 -20.35 7.61 0.50
N ILE B 259 -19.83 7.38 -0.70
CA ILE B 259 -19.82 6.04 -1.26
C ILE B 259 -19.00 5.11 -0.37
N ALA B 260 -17.89 5.62 0.14
CA ALA B 260 -17.04 4.83 0.99
C ALA B 260 -17.79 4.47 2.27
N GLN B 261 -18.30 5.50 2.94
CA GLN B 261 -19.04 5.29 4.17
C GLN B 261 -20.13 4.26 3.93
N ALA B 262 -20.76 4.36 2.77
CA ALA B 262 -21.83 3.45 2.37
C ALA B 262 -21.34 2.01 2.34
N ALA B 263 -20.31 1.77 1.53
CA ALA B 263 -19.74 0.42 1.41
C ALA B 263 -19.37 -0.16 2.77
N ARG B 264 -18.75 0.65 3.63
CA ARG B 264 -18.37 0.18 4.96
C ARG B 264 -19.57 -0.36 5.73
N ASP B 265 -20.59 0.49 5.88
CA ASP B 265 -21.81 0.11 6.58
C ASP B 265 -22.30 -1.26 6.13
N ILE B 266 -22.25 -1.49 4.82
CA ILE B 266 -22.66 -2.77 4.27
C ILE B 266 -21.73 -3.88 4.73
N ALA B 267 -20.49 -3.82 4.28
CA ALA B 267 -19.49 -4.83 4.62
C ALA B 267 -19.33 -5.11 6.12
N VAL B 268 -19.36 -4.08 6.94
CA VAL B 268 -19.22 -4.27 8.38
C VAL B 268 -20.49 -4.88 8.96
N GLY B 269 -21.63 -4.45 8.45
CA GLY B 269 -22.90 -4.96 8.92
C GLY B 269 -23.08 -6.42 8.56
N PHE B 270 -22.43 -6.84 7.48
CA PHE B 270 -22.51 -8.22 7.03
C PHE B 270 -21.53 -9.06 7.81
N CYS B 271 -20.38 -8.49 8.13
CA CYS B 271 -19.36 -9.21 8.87
C CYS B 271 -19.76 -9.40 10.32
N ALA B 272 -20.38 -8.38 10.89
CA ALA B 272 -20.82 -8.43 12.28
C ALA B 272 -22.04 -9.34 12.37
N GLY B 273 -22.84 -9.35 11.30
CA GLY B 273 -24.04 -10.17 11.27
C GLY B 273 -23.74 -11.63 11.01
N ARG B 274 -22.46 -12.00 11.13
CA ARG B 274 -22.03 -13.38 10.91
C ARG B 274 -22.03 -14.10 12.26
N GLY B 275 -21.81 -13.34 13.33
CA GLY B 275 -21.81 -13.89 14.67
C GLY B 275 -20.57 -14.68 15.04
N GLY B 276 -20.45 -15.00 16.32
CA GLY B 276 -19.31 -15.77 16.79
C GLY B 276 -18.02 -14.97 16.81
N GLU B 277 -16.92 -15.61 16.42
CA GLU B 277 -15.62 -14.95 16.38
C GLU B 277 -15.19 -14.73 14.94
N PRO B 278 -14.83 -13.48 14.60
CA PRO B 278 -14.40 -13.11 13.25
C PRO B 278 -13.02 -13.68 12.94
N ARG B 279 -12.80 -14.06 11.69
CA ARG B 279 -11.53 -14.64 11.29
C ARG B 279 -10.40 -13.63 11.43
N ALA B 280 -9.17 -14.13 11.48
CA ALA B 280 -7.99 -13.28 11.63
C ALA B 280 -7.92 -12.21 10.53
N GLY B 281 -7.78 -12.65 9.29
CA GLY B 281 -7.69 -11.71 8.19
C GLY B 281 -8.80 -10.69 8.11
N ALA B 282 -9.98 -11.05 8.58
CA ALA B 282 -11.13 -10.15 8.56
C ALA B 282 -10.95 -8.98 9.52
N ARG B 283 -10.41 -9.25 10.70
CA ARG B 283 -10.20 -8.20 11.67
C ARG B 283 -9.19 -7.20 11.14
N ALA B 284 -8.20 -7.70 10.40
CA ALA B 284 -7.18 -6.86 9.79
C ALA B 284 -7.84 -5.96 8.74
N LEU B 285 -8.73 -6.54 7.94
CA LEU B 285 -9.42 -5.79 6.91
C LEU B 285 -10.31 -4.69 7.49
N VAL B 286 -11.22 -5.07 8.38
CA VAL B 286 -12.13 -4.09 8.97
C VAL B 286 -11.39 -2.98 9.70
N ALA B 287 -10.28 -3.30 10.35
CA ALA B 287 -9.51 -2.29 11.07
C ALA B 287 -8.89 -1.34 10.06
N GLY B 288 -8.39 -1.90 8.96
CA GLY B 288 -7.76 -1.10 7.95
C GLY B 288 -8.67 -0.14 7.22
N LEU B 289 -9.83 -0.62 6.79
CA LEU B 289 -10.78 0.22 6.07
C LEU B 289 -11.36 1.31 6.96
N ASP B 290 -11.57 0.99 8.23
CA ASP B 290 -12.10 1.96 9.16
C ASP B 290 -11.12 3.11 9.30
N THR B 291 -9.84 2.78 9.31
CA THR B 291 -8.78 3.78 9.43
C THR B 291 -8.74 4.65 8.19
N ARG B 292 -8.69 4.03 7.02
CA ARG B 292 -8.66 4.77 5.77
C ARG B 292 -9.90 5.65 5.65
N LEU B 293 -11.04 5.11 6.06
CA LEU B 293 -12.29 5.85 6.00
C LEU B 293 -12.19 7.14 6.83
N TYR B 294 -11.65 7.02 8.03
CA TYR B 294 -11.51 8.17 8.92
C TYR B 294 -10.56 9.19 8.31
N ALA B 295 -9.39 8.74 7.90
CA ALA B 295 -8.40 9.62 7.29
C ALA B 295 -9.07 10.37 6.13
N LEU B 296 -9.82 9.61 5.34
CA LEU B 296 -10.54 10.13 4.18
C LEU B 296 -11.54 11.25 4.49
N ARG B 297 -12.40 11.04 5.48
CA ARG B 297 -13.40 12.02 5.86
C ARG B 297 -12.75 13.23 6.49
N THR B 298 -11.76 12.98 7.34
CA THR B 298 -11.06 14.05 8.03
C THR B 298 -10.34 14.96 7.05
N THR B 299 -9.63 14.38 6.10
CA THR B 299 -8.92 15.17 5.12
C THR B 299 -9.85 16.06 4.31
N VAL B 300 -10.88 15.48 3.69
CA VAL B 300 -11.81 16.28 2.90
C VAL B 300 -12.54 17.25 3.83
N GLY B 301 -12.61 16.89 5.11
CA GLY B 301 -13.27 17.76 6.07
C GLY B 301 -12.49 19.03 6.27
N ALA B 302 -11.19 18.88 6.52
CA ALA B 302 -10.31 20.03 6.74
C ALA B 302 -10.14 20.86 5.46
N ALA B 303 -10.07 20.19 4.31
CA ALA B 303 -9.91 20.89 3.04
C ALA B 303 -11.09 21.82 2.80
N LEU B 304 -12.26 21.40 3.25
CA LEU B 304 -13.49 22.19 3.10
C LEU B 304 -13.47 23.38 4.02
N THR B 305 -13.35 23.13 5.32
CA THR B 305 -13.34 24.20 6.31
C THR B 305 -12.25 25.23 6.01
N ASN B 306 -11.31 24.86 5.14
CA ASN B 306 -10.23 25.75 4.78
C ASN B 306 -10.64 26.62 3.61
N ALA B 307 -11.48 26.08 2.73
CA ALA B 307 -11.94 26.85 1.57
C ALA B 307 -12.96 27.87 2.04
N ASP B 308 -13.61 27.58 3.15
CA ASP B 308 -14.63 28.47 3.71
C ASP B 308 -14.00 29.64 4.44
N ALA B 309 -12.88 29.39 5.12
CA ALA B 309 -12.20 30.45 5.85
C ALA B 309 -11.50 31.39 4.88
N ALA B 310 -11.13 30.88 3.71
CA ALA B 310 -10.46 31.69 2.71
C ALA B 310 -11.45 32.30 1.73
N SER B 311 -12.70 31.85 1.79
CA SER B 311 -13.73 32.35 0.88
C SER B 311 -14.33 33.68 1.35
N VAL B 312 -14.61 33.80 2.65
CA VAL B 312 -15.21 35.01 3.16
C VAL B 312 -14.26 35.89 3.98
N ASP B 313 -13.42 35.26 4.80
CA ASP B 313 -12.49 36.03 5.63
C ASP B 313 -11.20 36.37 4.89
N LEU B 314 -11.32 37.19 3.85
CA LEU B 314 -10.17 37.61 3.08
C LEU B 314 -10.56 38.73 2.12
N SER B 315 -9.71 39.76 2.11
CA SER B 315 -9.89 40.92 1.26
C SER B 315 -8.52 41.25 0.69
N GLY B 316 -7.56 40.40 1.03
CA GLY B 316 -6.19 40.59 0.56
C GLY B 316 -6.04 40.19 -0.89
N ASP B 317 -4.81 39.85 -1.27
CA ASP B 317 -4.49 39.46 -2.63
C ASP B 317 -5.52 38.50 -3.22
N PRO B 318 -5.94 38.72 -4.48
CA PRO B 318 -6.91 37.85 -5.14
C PRO B 318 -6.31 36.56 -5.70
N ASP B 319 -4.99 36.55 -5.89
CA ASP B 319 -4.29 35.38 -6.40
C ASP B 319 -3.92 34.42 -5.28
N GLU B 320 -3.64 34.97 -4.09
CA GLU B 320 -3.28 34.16 -2.94
C GLU B 320 -4.47 33.33 -2.48
N ARG B 321 -5.62 33.98 -2.36
CA ARG B 321 -6.83 33.29 -1.93
C ARG B 321 -7.20 32.22 -2.95
N GLY B 322 -6.51 32.22 -4.09
CA GLY B 322 -6.78 31.24 -5.11
C GLY B 322 -5.99 29.97 -4.89
N ARG B 323 -4.72 30.12 -4.53
CA ARG B 323 -3.86 28.96 -4.29
C ARG B 323 -4.19 28.37 -2.93
N ARG B 324 -4.42 29.24 -1.96
CA ARG B 324 -4.73 28.81 -0.60
C ARG B 324 -5.94 27.89 -0.57
N MET B 325 -6.78 27.97 -1.59
CA MET B 325 -7.97 27.15 -1.66
C MET B 325 -7.81 25.92 -2.54
N MET B 326 -7.30 26.13 -3.75
CA MET B 326 -7.10 25.04 -4.71
C MET B 326 -6.11 23.97 -4.28
N THR B 327 -5.06 24.36 -3.56
CA THR B 327 -4.06 23.38 -3.14
C THR B 327 -4.57 22.36 -2.13
N PRO B 328 -4.98 22.79 -0.92
CA PRO B 328 -5.47 21.78 0.02
C PRO B 328 -6.65 20.98 -0.55
N PHE B 329 -7.36 21.57 -1.51
CA PHE B 329 -8.46 20.91 -2.18
C PHE B 329 -7.87 19.71 -2.92
N GLN B 330 -6.88 19.99 -3.76
CA GLN B 330 -6.19 18.95 -4.52
C GLN B 330 -5.53 17.88 -3.66
N TYR B 331 -5.14 18.24 -2.44
CA TYR B 331 -4.52 17.27 -1.55
C TYR B 331 -5.58 16.28 -1.12
N ALA B 332 -6.76 16.81 -0.80
CA ALA B 332 -7.90 16.01 -0.36
C ALA B 332 -8.38 15.12 -1.50
N LYS B 333 -8.45 15.71 -2.69
CA LYS B 333 -8.90 14.96 -3.86
C LYS B 333 -7.93 13.82 -4.11
N MET B 334 -6.64 14.13 -4.09
CA MET B 334 -5.58 13.14 -4.28
C MET B 334 -5.74 11.99 -3.30
N THR B 335 -6.11 12.33 -2.06
CA THR B 335 -6.30 11.36 -0.99
C THR B 335 -7.55 10.52 -1.18
N VAL B 336 -8.69 11.17 -1.39
CA VAL B 336 -9.93 10.44 -1.57
C VAL B 336 -9.93 9.58 -2.84
N ASN B 337 -9.24 10.02 -3.89
CA ASN B 337 -9.19 9.25 -5.13
C ASN B 337 -8.48 7.91 -5.05
N GLU B 338 -7.67 7.72 -4.02
CA GLU B 338 -6.97 6.45 -3.87
C GLU B 338 -7.44 5.78 -2.59
N LEU B 339 -7.92 6.60 -1.66
CA LEU B 339 -8.39 6.11 -0.37
C LEU B 339 -9.84 5.64 -0.34
N ALA B 340 -10.68 6.21 -1.20
CA ALA B 340 -12.10 5.84 -1.23
C ALA B 340 -12.28 4.49 -1.92
N PRO B 341 -11.81 4.35 -3.17
CA PRO B 341 -11.99 3.06 -3.85
C PRO B 341 -11.17 1.99 -3.15
N ALA B 342 -10.36 2.43 -2.19
CA ALA B 342 -9.52 1.52 -1.42
C ALA B 342 -10.32 0.85 -0.34
N VAL B 343 -11.29 1.58 0.23
CA VAL B 343 -12.12 1.00 1.29
C VAL B 343 -13.23 0.15 0.69
N VAL B 344 -13.75 0.54 -0.47
CA VAL B 344 -14.83 -0.28 -1.05
C VAL B 344 -14.24 -1.58 -1.56
N ASP B 345 -12.96 -1.58 -1.88
CA ASP B 345 -12.30 -2.78 -2.36
C ASP B 345 -12.11 -3.77 -1.21
N ASP B 346 -11.94 -3.25 0.01
CA ASP B 346 -11.78 -4.11 1.17
C ASP B 346 -13.17 -4.59 1.61
N CYS B 347 -14.16 -3.72 1.46
CA CYS B 347 -15.54 -4.07 1.80
C CYS B 347 -15.99 -5.16 0.84
N LEU B 348 -15.45 -5.11 -0.36
CA LEU B 348 -15.78 -6.08 -1.40
C LEU B 348 -15.17 -7.42 -1.03
N SER B 349 -13.88 -7.43 -0.73
CA SER B 349 -13.22 -8.69 -0.37
C SER B 349 -13.56 -9.13 1.05
N LEU B 350 -14.39 -8.36 1.75
CA LEU B 350 -14.79 -8.70 3.11
C LEU B 350 -16.12 -9.44 3.10
N VAL B 351 -16.97 -9.11 2.14
CA VAL B 351 -18.28 -9.73 2.00
C VAL B 351 -18.18 -11.01 1.19
N GLY B 352 -17.21 -11.06 0.28
CA GLY B 352 -17.03 -12.26 -0.53
C GLY B 352 -17.68 -12.19 -1.89
N GLY B 353 -17.70 -13.33 -2.57
CA GLY B 353 -18.28 -13.42 -3.90
C GLY B 353 -19.69 -12.90 -4.07
N LEU B 354 -20.52 -12.98 -3.04
CA LEU B 354 -21.89 -12.50 -3.16
C LEU B 354 -21.90 -11.01 -3.53
N ALA B 355 -20.82 -10.31 -3.20
CA ALA B 355 -20.71 -8.89 -3.49
C ALA B 355 -20.23 -8.61 -4.92
N TYR B 356 -20.00 -9.67 -5.68
CA TYR B 356 -19.54 -9.53 -7.05
C TYR B 356 -20.75 -9.64 -7.95
N THR B 357 -21.88 -10.02 -7.38
CA THR B 357 -23.11 -10.15 -8.16
C THR B 357 -23.66 -8.75 -8.44
N ALA B 358 -24.11 -8.53 -9.68
CA ALA B 358 -24.68 -7.25 -10.06
C ALA B 358 -25.85 -6.90 -9.15
N GLY B 359 -26.47 -7.93 -8.59
CA GLY B 359 -27.60 -7.73 -7.70
C GLY B 359 -27.22 -7.07 -6.40
N HIS B 360 -26.01 -7.35 -5.91
CA HIS B 360 -25.54 -6.77 -4.66
C HIS B 360 -25.18 -5.29 -4.84
N PRO B 361 -25.51 -4.46 -3.86
CA PRO B 361 -25.23 -3.02 -3.88
C PRO B 361 -23.74 -2.68 -3.81
N LEU B 362 -22.97 -3.56 -3.20
CA LEU B 362 -21.53 -3.38 -3.06
C LEU B 362 -20.83 -3.45 -4.42
N SER B 363 -21.53 -4.01 -5.41
CA SER B 363 -20.99 -4.11 -6.76
C SER B 363 -21.11 -2.75 -7.43
N ARG B 364 -22.29 -2.17 -7.30
CA ARG B 364 -22.56 -0.86 -7.87
C ARG B 364 -21.57 0.17 -7.30
N LEU B 365 -21.46 0.21 -5.98
CA LEU B 365 -20.56 1.14 -5.30
C LEU B 365 -19.13 1.01 -5.83
N TYR B 366 -18.72 -0.21 -6.17
CA TYR B 366 -17.38 -0.44 -6.67
C TYR B 366 -17.16 0.25 -8.01
N ARG B 367 -18.24 0.51 -8.72
CA ARG B 367 -18.16 1.17 -10.03
C ARG B 367 -18.37 2.68 -9.89
N ASP B 368 -19.22 3.09 -8.97
CA ASP B 368 -19.49 4.50 -8.74
C ASP B 368 -18.29 5.23 -8.16
N VAL B 369 -17.56 4.56 -7.28
CA VAL B 369 -16.40 5.15 -6.62
C VAL B 369 -15.25 5.56 -7.57
N ARG B 370 -15.04 4.80 -8.65
CA ARG B 370 -13.94 5.12 -9.56
C ARG B 370 -14.18 6.34 -10.43
N ALA B 371 -15.34 6.97 -10.28
CA ALA B 371 -15.66 8.16 -11.07
C ALA B 371 -14.76 9.35 -10.74
N GLY B 372 -14.55 9.59 -9.44
CA GLY B 372 -13.74 10.71 -8.98
C GLY B 372 -12.36 10.91 -9.59
N GLY B 373 -11.66 9.82 -9.87
CA GLY B 373 -10.32 9.93 -10.44
C GLY B 373 -10.26 10.55 -11.81
N PHE B 374 -11.40 10.63 -12.49
CA PHE B 374 -11.45 11.20 -13.84
C PHE B 374 -11.97 12.64 -13.88
N MET B 375 -12.40 13.15 -12.73
CA MET B 375 -12.96 14.49 -12.70
C MET B 375 -11.96 15.64 -12.54
N GLN B 376 -12.13 16.66 -13.38
CA GLN B 376 -11.29 17.86 -13.37
C GLN B 376 -11.99 18.97 -12.58
N PRO B 377 -11.20 19.76 -11.84
CA PRO B 377 -9.76 19.68 -11.67
C PRO B 377 -9.39 19.07 -10.30
N TYR B 378 -8.29 18.31 -10.24
CA TYR B 378 -7.43 18.02 -11.37
C TYR B 378 -7.28 16.50 -11.45
N SER B 379 -6.87 16.02 -12.61
CA SER B 379 -6.65 14.59 -12.79
C SER B 379 -5.35 14.28 -12.08
N TYR B 380 -5.02 13.00 -11.93
CA TYR B 380 -3.76 12.66 -11.27
C TYR B 380 -2.62 13.29 -12.06
N VAL B 381 -2.60 13.01 -13.36
CA VAL B 381 -1.55 13.52 -14.22
C VAL B 381 -1.42 15.05 -14.12
N ASP B 382 -2.55 15.76 -14.07
CA ASP B 382 -2.55 17.22 -13.96
C ASP B 382 -2.20 17.64 -12.54
N ALA B 383 -2.90 17.05 -11.56
CA ALA B 383 -2.69 17.35 -10.15
C ALA B 383 -1.23 17.24 -9.76
N VAL B 384 -0.49 16.35 -10.40
CA VAL B 384 0.93 16.17 -10.08
C VAL B 384 1.73 17.40 -10.52
N ASP B 385 1.48 17.87 -11.73
CA ASP B 385 2.19 19.04 -12.20
C ASP B 385 1.80 20.25 -11.34
N TYR B 386 0.52 20.37 -11.03
CA TYR B 386 0.06 21.47 -10.21
C TYR B 386 0.70 21.50 -8.82
N LEU B 387 0.55 20.39 -8.09
CA LEU B 387 1.08 20.29 -6.72
C LEU B 387 2.61 20.38 -6.59
N SER B 388 3.35 19.84 -7.57
CA SER B 388 4.81 19.93 -7.53
C SER B 388 5.24 21.33 -7.91
N GLY B 389 4.43 22.01 -8.71
CA GLY B 389 4.73 23.37 -9.13
C GLY B 389 4.56 24.35 -7.99
N GLN B 390 3.69 24.01 -7.05
CA GLN B 390 3.45 24.88 -5.90
C GLN B 390 4.49 24.57 -4.83
N ALA B 391 4.91 23.32 -4.75
CA ALA B 391 5.90 22.89 -3.77
C ALA B 391 7.28 23.41 -4.13
N LEU B 392 7.48 23.73 -5.41
CA LEU B 392 8.77 24.25 -5.88
C LEU B 392 8.60 25.69 -6.38
N GLY B 393 9.41 26.09 -7.34
CA GLY B 393 9.30 27.44 -7.86
C GLY B 393 8.20 27.57 -8.90
N LEU B 394 8.55 27.21 -10.13
CA LEU B 394 7.64 27.21 -11.29
C LEU B 394 6.46 28.21 -11.29
N MET C 1 15.58 -26.55 -9.78
CA MET C 1 14.84 -25.78 -10.83
C MET C 1 13.64 -25.05 -10.22
N ALA C 2 13.85 -23.81 -9.79
CA ALA C 2 12.78 -23.00 -9.18
C ALA C 2 12.86 -21.52 -9.57
N ALA C 3 14.08 -20.97 -9.57
CA ALA C 3 14.30 -19.57 -9.95
C ALA C 3 13.95 -18.55 -8.87
N ASP C 4 14.14 -18.92 -7.61
CA ASP C 4 13.85 -18.02 -6.48
C ASP C 4 15.03 -17.88 -5.53
N LEU C 5 16.24 -17.87 -6.09
CA LEU C 5 17.47 -17.74 -5.32
C LEU C 5 17.59 -18.78 -4.19
N ARG C 6 16.98 -19.95 -4.39
CA ARG C 6 17.01 -21.02 -3.40
C ARG C 6 18.39 -21.65 -3.31
N ALA C 7 18.84 -22.20 -4.44
CA ALA C 7 20.13 -22.87 -4.55
C ALA C 7 20.73 -22.58 -5.93
N PRO C 8 22.07 -22.55 -6.03
CA PRO C 8 22.75 -22.27 -7.30
C PRO C 8 22.55 -23.40 -8.32
N LEU C 9 22.74 -23.08 -9.60
CA LEU C 9 22.56 -24.06 -10.67
C LEU C 9 23.86 -24.68 -11.18
N THR C 10 24.71 -23.85 -11.80
CA THR C 10 25.98 -24.31 -12.32
C THR C 10 26.81 -25.02 -11.25
N PRO C 11 27.44 -26.16 -11.61
CA PRO C 11 28.24 -26.88 -10.60
C PRO C 11 29.43 -26.02 -10.14
N ALA C 12 29.81 -25.06 -10.98
CA ALA C 12 30.92 -24.16 -10.66
C ALA C 12 30.53 -23.27 -9.48
N GLY C 13 29.28 -22.81 -9.49
CA GLY C 13 28.79 -21.96 -8.41
C GLY C 13 28.31 -22.73 -7.19
N ARG C 14 28.14 -24.04 -7.34
CA ARG C 14 27.69 -24.87 -6.24
C ARG C 14 28.88 -25.11 -5.31
N THR C 15 30.09 -24.89 -5.84
CA THR C 15 31.32 -25.07 -5.07
C THR C 15 31.64 -23.80 -4.29
N VAL C 16 31.10 -22.67 -4.77
CA VAL C 16 31.34 -21.41 -4.09
C VAL C 16 30.44 -21.27 -2.87
N VAL C 17 29.25 -21.86 -2.94
CA VAL C 17 28.28 -21.79 -1.85
C VAL C 17 28.70 -22.57 -0.60
N ASP C 18 29.18 -23.80 -0.78
CA ASP C 18 29.60 -24.61 0.36
C ASP C 18 30.93 -24.13 0.94
N LEU C 19 31.78 -23.55 0.09
CA LEU C 19 33.07 -23.03 0.55
C LEU C 19 32.81 -21.80 1.42
N LEU C 20 31.69 -21.15 1.17
CA LEU C 20 31.29 -19.95 1.91
C LEU C 20 30.61 -20.34 3.23
N ALA C 21 29.96 -21.50 3.24
CA ALA C 21 29.25 -21.99 4.43
C ALA C 21 30.19 -22.11 5.63
N GLY C 22 31.49 -22.20 5.36
CA GLY C 22 32.46 -22.32 6.44
C GLY C 22 32.89 -21.00 7.04
N VAL C 23 32.69 -19.92 6.30
CA VAL C 23 33.07 -18.59 6.76
C VAL C 23 31.86 -17.83 7.29
N ILE C 24 30.67 -18.33 6.98
CA ILE C 24 29.43 -17.69 7.42
C ILE C 24 29.36 -17.49 8.94
N PRO C 25 29.45 -18.58 9.72
CA PRO C 25 29.39 -18.46 11.18
C PRO C 25 30.37 -17.43 11.75
N ARG C 26 31.62 -17.51 11.32
CA ARG C 26 32.65 -16.59 11.80
C ARG C 26 32.28 -15.14 11.56
N ILE C 27 31.73 -14.83 10.38
CA ILE C 27 31.38 -13.45 10.06
C ILE C 27 30.01 -13.00 10.59
N SER C 28 29.10 -13.95 10.76
CA SER C 28 27.77 -13.63 11.27
C SER C 28 27.82 -13.20 12.73
N ALA C 29 28.87 -13.61 13.43
CA ALA C 29 29.03 -13.26 14.84
C ALA C 29 29.64 -11.88 15.02
N GLU C 30 30.60 -11.55 14.17
CA GLU C 30 31.26 -10.26 14.25
C GLU C 30 30.46 -9.14 13.59
N ALA C 31 29.38 -9.51 12.91
CA ALA C 31 28.53 -8.55 12.21
C ALA C 31 28.10 -7.37 13.08
N ALA C 32 27.47 -7.67 14.21
CA ALA C 32 26.99 -6.63 15.12
C ALA C 32 28.12 -5.71 15.59
N ASP C 33 29.27 -6.30 15.90
CA ASP C 33 30.42 -5.55 16.38
C ASP C 33 31.02 -4.60 15.34
N ARG C 34 31.35 -5.13 14.17
CA ARG C 34 31.94 -4.32 13.10
C ARG C 34 31.03 -3.19 12.66
N ASP C 35 29.73 -3.41 12.77
CA ASP C 35 28.75 -2.38 12.41
C ASP C 35 28.80 -1.25 13.42
N ARG C 36 28.82 -1.59 14.70
CA ARG C 36 28.84 -0.58 15.74
C ARG C 36 30.09 0.30 15.65
N THR C 37 31.25 -0.35 15.49
CA THR C 37 32.52 0.36 15.39
C THR C 37 32.71 0.97 14.00
N GLY C 38 32.29 0.21 12.98
CA GLY C 38 32.43 0.69 11.63
C GLY C 38 33.83 0.38 11.13
N THR C 39 34.23 -0.88 11.27
CA THR C 39 35.56 -1.31 10.86
C THR C 39 35.52 -2.46 9.86
N PHE C 40 36.09 -2.24 8.68
CA PHE C 40 36.12 -3.23 7.62
C PHE C 40 36.74 -4.55 8.12
N PRO C 41 36.18 -5.69 7.74
CA PRO C 41 36.66 -7.02 8.15
C PRO C 41 37.88 -7.48 7.35
N VAL C 42 39.03 -6.86 7.59
CA VAL C 42 40.25 -7.20 6.89
C VAL C 42 40.62 -8.69 6.98
N GLU C 43 40.80 -9.19 8.20
CA GLU C 43 41.18 -10.59 8.39
C GLU C 43 40.08 -11.57 8.04
N ALA C 44 38.83 -11.15 8.17
CA ALA C 44 37.71 -12.01 7.84
C ALA C 44 37.61 -12.11 6.33
N PHE C 45 38.05 -11.06 5.66
CA PHE C 45 38.01 -10.99 4.20
C PHE C 45 39.18 -11.70 3.54
N GLU C 46 40.38 -11.54 4.09
CA GLU C 46 41.54 -12.18 3.51
C GLU C 46 41.47 -13.71 3.64
N GLN C 47 40.60 -14.20 4.52
CA GLN C 47 40.45 -15.65 4.68
C GLN C 47 39.81 -16.22 3.41
N PHE C 48 39.23 -15.35 2.60
CA PHE C 48 38.62 -15.78 1.36
C PHE C 48 39.70 -16.11 0.35
N ALA C 49 40.74 -15.27 0.31
CA ALA C 49 41.87 -15.50 -0.57
C ALA C 49 42.47 -16.87 -0.30
N LYS C 50 42.47 -17.27 0.97
CA LYS C 50 43.02 -18.57 1.38
C LYS C 50 42.23 -19.75 0.78
N LEU C 51 40.91 -19.61 0.70
CA LEU C 51 40.07 -20.64 0.10
C LEU C 51 39.98 -20.48 -1.41
N GLY C 52 39.86 -19.24 -1.88
CA GLY C 52 39.77 -18.99 -3.30
C GLY C 52 38.54 -18.20 -3.73
N LEU C 53 37.66 -17.93 -2.77
CA LEU C 53 36.44 -17.18 -3.04
C LEU C 53 36.78 -15.79 -3.57
N MET C 54 37.90 -15.25 -3.12
CA MET C 54 38.32 -13.93 -3.57
C MET C 54 38.61 -14.01 -5.06
N GLY C 55 38.72 -15.23 -5.56
CA GLY C 55 39.01 -15.44 -6.97
C GLY C 55 37.90 -16.07 -7.79
N ALA C 56 36.70 -16.16 -7.23
CA ALA C 56 35.58 -16.73 -7.96
C ALA C 56 35.35 -15.83 -9.17
N THR C 57 34.37 -16.16 -10.00
CA THR C 57 34.07 -15.38 -11.21
C THR C 57 35.30 -15.11 -12.06
N VAL C 58 36.29 -16.00 -11.97
CA VAL C 58 37.52 -15.91 -12.75
C VAL C 58 37.70 -17.27 -13.44
N PRO C 59 38.01 -17.27 -14.75
CA PRO C 59 38.19 -18.49 -15.52
C PRO C 59 39.01 -19.57 -14.81
N ALA C 60 38.58 -20.83 -14.95
CA ALA C 60 39.27 -21.95 -14.32
C ALA C 60 40.71 -22.02 -14.82
N GLU C 61 40.91 -21.65 -16.08
CA GLU C 61 42.25 -21.68 -16.67
C GLU C 61 43.14 -20.52 -16.26
N LEU C 62 42.58 -19.55 -15.54
CA LEU C 62 43.36 -18.39 -15.08
C LEU C 62 43.67 -18.48 -13.59
N GLY C 63 42.85 -19.22 -12.85
CA GLY C 63 43.06 -19.34 -11.42
C GLY C 63 42.21 -20.43 -10.80
N GLY C 64 40.89 -20.35 -10.99
CA GLY C 64 40.00 -21.34 -10.43
C GLY C 64 38.59 -20.85 -10.21
N LEU C 65 37.67 -21.80 -10.07
CA LEU C 65 36.26 -21.49 -9.86
C LEU C 65 35.76 -20.60 -10.98
N GLY C 66 35.40 -21.22 -12.10
CA GLY C 66 34.91 -20.48 -13.25
C GLY C 66 33.44 -20.18 -13.15
N LEU C 67 33.10 -19.12 -12.43
CA LEU C 67 31.71 -18.73 -12.24
C LEU C 67 31.33 -17.59 -13.19
N THR C 68 30.38 -17.86 -14.07
CA THR C 68 29.92 -16.84 -15.02
C THR C 68 28.41 -16.67 -15.00
N ARG C 69 27.70 -17.58 -14.33
CA ARG C 69 26.25 -17.51 -14.24
C ARG C 69 25.85 -16.42 -13.24
N LEU C 70 25.34 -15.29 -13.75
CA LEU C 70 24.93 -14.18 -12.89
C LEU C 70 23.92 -14.57 -11.81
N TYR C 71 23.07 -15.54 -12.11
CA TYR C 71 22.08 -16.00 -11.16
C TYR C 71 22.72 -16.64 -9.93
N ASP C 72 23.79 -17.40 -10.12
CA ASP C 72 24.46 -18.03 -9.00
C ASP C 72 25.34 -17.04 -8.23
N VAL C 73 25.86 -16.05 -8.93
CA VAL C 73 26.68 -15.02 -8.31
C VAL C 73 25.82 -14.29 -7.28
N ALA C 74 24.55 -14.13 -7.60
CA ALA C 74 23.60 -13.44 -6.71
C ALA C 74 23.16 -14.37 -5.59
N THR C 75 23.01 -15.66 -5.89
CA THR C 75 22.60 -16.65 -4.90
C THR C 75 23.67 -16.71 -3.83
N ALA C 76 24.92 -16.45 -4.24
CA ALA C 76 26.04 -16.45 -3.31
C ALA C 76 25.94 -15.22 -2.43
N LEU C 77 25.84 -14.04 -3.06
CA LEU C 77 25.74 -12.79 -2.33
C LEU C 77 24.56 -12.75 -1.35
N MET C 78 23.52 -13.54 -1.63
CA MET C 78 22.37 -13.57 -0.75
C MET C 78 22.67 -14.41 0.48
N ARG C 79 23.35 -15.54 0.27
CA ARG C 79 23.73 -16.42 1.38
C ARG C 79 24.60 -15.61 2.33
N LEU C 80 25.52 -14.84 1.76
CA LEU C 80 26.43 -14.02 2.56
C LEU C 80 25.74 -12.82 3.18
N ALA C 81 24.85 -12.19 2.43
CA ALA C 81 24.13 -11.02 2.94
C ALA C 81 23.29 -11.38 4.16
N GLU C 82 22.82 -12.62 4.20
CA GLU C 82 22.02 -13.09 5.34
C GLU C 82 22.85 -13.04 6.61
N ALA C 83 24.16 -13.16 6.46
CA ALA C 83 25.09 -13.10 7.58
C ALA C 83 25.38 -11.62 7.86
N ASP C 84 26.02 -10.96 6.89
CA ASP C 84 26.32 -9.53 6.99
C ASP C 84 26.18 -8.89 5.61
N ALA C 85 25.28 -7.91 5.52
CA ALA C 85 25.06 -7.20 4.28
C ALA C 85 26.33 -6.47 3.86
N SER C 86 26.96 -5.80 4.82
CA SER C 86 28.18 -5.03 4.57
C SER C 86 29.31 -5.79 3.88
N THR C 87 29.65 -6.98 4.36
CA THR C 87 30.73 -7.72 3.71
C THR C 87 30.28 -8.16 2.32
N ALA C 88 29.01 -8.55 2.20
CA ALA C 88 28.45 -8.98 0.92
C ALA C 88 28.55 -7.85 -0.12
N LEU C 89 28.31 -6.62 0.32
CA LEU C 89 28.37 -5.46 -0.56
C LEU C 89 29.79 -5.31 -1.08
N ALA C 90 30.77 -5.57 -0.21
CA ALA C 90 32.18 -5.46 -0.57
C ALA C 90 32.63 -6.59 -1.49
N TRP C 91 32.30 -7.82 -1.12
CA TRP C 91 32.69 -8.97 -1.92
C TRP C 91 32.16 -8.87 -3.35
N HIS C 92 31.14 -8.04 -3.53
CA HIS C 92 30.52 -7.82 -4.83
C HIS C 92 31.46 -7.01 -5.73
N VAL C 93 32.17 -6.04 -5.13
CA VAL C 93 33.09 -5.19 -5.88
C VAL C 93 34.10 -6.08 -6.61
N GLN C 94 34.60 -7.09 -5.91
CA GLN C 94 35.56 -8.05 -6.45
C GLN C 94 34.89 -8.91 -7.52
N LEU C 95 33.83 -9.63 -7.13
CA LEU C 95 33.10 -10.48 -8.04
C LEU C 95 32.63 -9.72 -9.27
N SER C 96 32.45 -8.40 -9.12
CA SER C 96 32.01 -7.53 -10.20
C SER C 96 33.02 -7.54 -11.35
N ARG C 97 34.21 -6.98 -11.12
CA ARG C 97 35.24 -6.96 -12.15
C ARG C 97 35.47 -8.37 -12.67
N GLY C 98 35.22 -9.36 -11.82
CA GLY C 98 35.39 -10.74 -12.23
C GLY C 98 34.70 -11.00 -13.56
N LEU C 99 33.46 -10.54 -13.67
CA LEU C 99 32.67 -10.70 -14.89
C LEU C 99 33.06 -9.65 -15.94
N THR C 100 33.35 -8.43 -15.48
CA THR C 100 33.74 -7.36 -16.39
C THR C 100 35.00 -7.72 -17.17
N LEU C 101 36.02 -8.20 -16.46
CA LEU C 101 37.28 -8.58 -17.07
C LEU C 101 37.17 -9.84 -17.93
N THR C 102 36.49 -10.87 -17.44
CA THR C 102 36.34 -12.09 -18.22
C THR C 102 35.72 -11.78 -19.58
N TYR C 103 34.94 -10.72 -19.68
CA TYR C 103 34.32 -10.34 -20.95
C TYR C 103 35.31 -9.50 -21.74
N GLU C 104 36.19 -8.81 -21.03
CA GLU C 104 37.20 -7.95 -21.65
C GLU C 104 38.33 -8.79 -22.20
N TRP C 105 38.63 -9.88 -21.48
CA TRP C 105 39.69 -10.80 -21.85
C TRP C 105 39.33 -11.61 -23.10
N GLN C 106 38.06 -12.00 -23.23
CA GLN C 106 37.59 -12.79 -24.37
C GLN C 106 37.18 -11.95 -25.58
N HIS C 107 36.60 -10.78 -25.34
CA HIS C 107 36.16 -9.90 -26.42
C HIS C 107 36.78 -8.50 -26.33
N GLY C 108 38.11 -8.43 -26.28
CA GLY C 108 38.76 -7.14 -26.19
C GLY C 108 39.97 -7.02 -27.10
N THR C 109 40.31 -5.79 -27.47
CA THR C 109 41.45 -5.53 -28.34
C THR C 109 42.75 -6.03 -27.72
N PRO C 110 43.73 -6.44 -28.55
CA PRO C 110 45.03 -6.94 -28.08
C PRO C 110 45.72 -6.07 -27.01
N PRO C 111 45.73 -4.74 -27.20
CA PRO C 111 46.40 -3.90 -26.20
C PRO C 111 45.81 -4.02 -24.79
N VAL C 112 44.48 -4.01 -24.69
CA VAL C 112 43.79 -4.10 -23.41
C VAL C 112 43.49 -5.53 -22.96
N ARG C 113 43.52 -6.48 -23.89
CA ARG C 113 43.25 -7.87 -23.55
C ARG C 113 44.46 -8.50 -22.87
N ALA C 114 45.63 -7.92 -23.10
CA ALA C 114 46.87 -8.41 -22.52
C ALA C 114 46.96 -8.08 -21.03
N MET C 115 46.59 -6.86 -20.66
CA MET C 115 46.64 -6.43 -19.26
C MET C 115 45.50 -7.08 -18.47
N ALA C 116 44.51 -7.60 -19.19
CA ALA C 116 43.38 -8.26 -18.56
C ALA C 116 43.91 -9.50 -17.87
N GLU C 117 44.88 -10.15 -18.52
CA GLU C 117 45.55 -11.35 -18.02
C GLU C 117 46.23 -11.07 -16.69
N ARG C 118 47.11 -10.09 -16.71
CA ARG C 118 47.90 -9.67 -15.56
C ARG C 118 47.08 -9.46 -14.29
N LEU C 119 45.90 -8.85 -14.43
CA LEU C 119 45.03 -8.60 -13.27
C LEU C 119 44.13 -9.77 -12.91
N LEU C 120 43.49 -10.36 -13.92
CA LEU C 120 42.58 -11.47 -13.68
C LEU C 120 43.27 -12.67 -13.03
N ARG C 121 44.51 -12.93 -13.42
CA ARG C 121 45.27 -14.04 -12.87
C ARG C 121 45.80 -13.72 -11.47
N ALA C 122 46.04 -12.44 -11.21
CA ALA C 122 46.55 -11.98 -9.92
C ALA C 122 45.52 -12.05 -8.80
N MET C 123 44.27 -11.75 -9.13
CA MET C 123 43.20 -11.80 -8.14
C MET C 123 42.62 -13.20 -8.09
N ALA C 124 43.20 -14.09 -8.89
CA ALA C 124 42.76 -15.49 -8.95
C ALA C 124 43.05 -16.17 -7.61
N GLU C 125 44.22 -15.90 -7.05
CA GLU C 125 44.60 -16.48 -5.77
C GLU C 125 44.27 -15.49 -4.65
N GLY C 126 44.30 -14.21 -4.97
CA GLY C 126 44.00 -13.21 -3.97
C GLY C 126 45.13 -12.23 -3.77
N GLU C 127 46.13 -12.31 -4.64
CA GLU C 127 47.26 -11.41 -4.54
C GLU C 127 46.82 -9.96 -4.73
N ALA C 128 45.82 -9.75 -5.60
CA ALA C 128 45.36 -8.40 -5.90
C ALA C 128 43.84 -8.23 -5.80
N ALA C 129 43.41 -7.19 -5.11
CA ALA C 129 41.99 -6.89 -4.94
C ALA C 129 41.67 -5.65 -5.77
N VAL C 130 40.78 -5.81 -6.74
CA VAL C 130 40.41 -4.71 -7.64
C VAL C 130 39.17 -3.93 -7.22
N CYS C 131 39.23 -2.62 -7.39
CA CYS C 131 38.14 -1.70 -7.04
C CYS C 131 37.74 -0.79 -8.22
N GLY C 132 36.63 -0.09 -8.06
CA GLY C 132 36.17 0.81 -9.11
C GLY C 132 35.85 2.21 -8.63
N ALA C 133 36.66 3.20 -9.02
CA ALA C 133 36.41 4.58 -8.64
C ALA C 133 35.59 5.20 -9.77
N LEU C 134 34.27 5.01 -9.69
CA LEU C 134 33.36 5.51 -10.70
C LEU C 134 32.78 6.90 -10.44
N LYS C 135 31.92 7.02 -9.43
CA LYS C 135 31.27 8.30 -9.10
C LYS C 135 32.22 9.42 -8.63
N ASP C 136 32.08 10.60 -9.24
CA ASP C 136 32.90 11.75 -8.87
C ASP C 136 32.32 12.45 -7.66
N ALA C 137 33.17 13.11 -6.90
CA ALA C 137 32.74 13.85 -5.71
C ALA C 137 32.05 15.13 -6.17
N PRO C 138 31.12 15.66 -5.35
CA PRO C 138 30.41 16.89 -5.71
C PRO C 138 31.35 18.07 -5.93
N GLY C 139 31.20 18.71 -7.09
CA GLY C 139 32.03 19.85 -7.43
C GLY C 139 33.29 19.48 -8.22
N VAL C 140 33.95 18.39 -7.79
CA VAL C 140 35.18 17.90 -8.42
C VAL C 140 34.91 16.95 -9.59
N VAL C 141 35.59 17.18 -10.70
CA VAL C 141 35.42 16.33 -11.87
C VAL C 141 36.76 15.74 -12.30
N THR C 142 37.00 14.49 -11.93
CA THR C 142 38.24 13.81 -12.29
C THR C 142 38.57 14.17 -13.73
N GLU C 143 39.86 14.29 -14.02
CA GLU C 143 40.30 14.61 -15.37
C GLU C 143 41.77 14.24 -15.54
N ARG C 157 39.01 13.31 -7.18
CA ARG C 157 38.61 12.49 -6.00
C ARG C 157 37.27 11.79 -6.18
N LYS C 158 37.27 10.48 -5.97
CA LYS C 158 36.07 9.66 -6.12
C LYS C 158 35.47 9.31 -4.75
N VAL C 159 34.14 9.24 -4.68
CA VAL C 159 33.42 8.89 -3.46
C VAL C 159 32.64 7.61 -3.71
N LEU C 160 32.20 6.97 -2.63
CA LEU C 160 31.41 5.74 -2.71
C LEU C 160 32.12 4.49 -3.27
N VAL C 161 33.43 4.38 -3.03
CA VAL C 161 34.17 3.21 -3.53
C VAL C 161 34.29 2.11 -2.48
N SER C 162 33.45 1.07 -2.59
CA SER C 162 33.42 -0.07 -1.66
C SER C 162 34.68 -0.92 -1.62
N MET C 163 34.99 -1.50 -0.46
CA MET C 163 36.15 -2.37 -0.33
C MET C 163 37.48 -1.70 -0.73
N ALA C 164 37.68 -0.50 -0.24
CA ALA C 164 38.87 0.27 -0.53
C ALA C 164 40.06 0.00 0.39
N PRO C 165 39.79 -0.24 1.68
CA PRO C 165 40.91 -0.50 2.61
C PRO C 165 41.75 -1.75 2.34
N ILE C 166 41.19 -2.74 1.66
CA ILE C 166 41.93 -3.96 1.34
C ILE C 166 42.22 -4.00 -0.16
N ALA C 167 42.22 -2.82 -0.77
CA ALA C 167 42.47 -2.69 -2.20
C ALA C 167 43.94 -2.71 -2.56
N THR C 168 44.21 -2.91 -3.84
CA THR C 168 45.55 -2.96 -4.37
C THR C 168 45.51 -2.28 -5.74
N HIS C 169 44.33 -2.35 -6.36
CA HIS C 169 44.09 -1.78 -7.69
C HIS C 169 42.80 -0.96 -7.79
N PHE C 170 42.90 0.19 -8.43
CA PHE C 170 41.77 1.09 -8.59
C PHE C 170 41.60 1.43 -10.06
N PHE C 171 40.40 1.20 -10.57
CA PHE C 171 40.09 1.45 -11.96
C PHE C 171 39.35 2.79 -12.14
N VAL C 172 40.03 3.90 -11.88
CA VAL C 172 39.41 5.23 -11.97
C VAL C 172 38.77 5.58 -13.31
N HIS C 173 37.73 6.42 -13.25
CA HIS C 173 37.01 6.88 -14.42
C HIS C 173 37.32 8.34 -14.64
N ALA C 174 38.32 8.61 -15.48
CA ALA C 174 38.74 9.97 -15.77
C ALA C 174 38.44 10.34 -17.23
N GLN C 175 38.31 11.64 -17.49
CA GLN C 175 38.06 12.11 -18.86
C GLN C 175 39.14 13.10 -19.26
N VAL C 183 36.45 15.90 -25.71
CA VAL C 183 36.35 15.21 -24.40
C VAL C 183 36.13 13.71 -24.57
N PHE C 184 37.19 12.93 -24.33
CA PHE C 184 37.14 11.48 -24.46
C PHE C 184 37.17 10.82 -23.07
N LEU C 185 36.44 9.71 -22.92
CA LEU C 185 36.36 8.98 -21.65
C LEU C 185 37.39 7.84 -21.59
N ALA C 186 38.28 7.88 -20.60
CA ALA C 186 39.30 6.85 -20.43
C ALA C 186 39.44 6.40 -18.98
N VAL C 187 39.56 5.08 -18.77
CA VAL C 187 39.67 4.53 -17.42
C VAL C 187 41.02 3.87 -17.14
N PRO C 188 41.98 4.63 -16.58
CA PRO C 188 43.31 4.10 -16.27
C PRO C 188 43.31 3.31 -14.97
N VAL C 189 44.12 2.25 -14.90
CA VAL C 189 44.17 1.46 -13.68
C VAL C 189 45.35 1.84 -12.78
N VAL C 190 45.09 2.67 -11.78
CA VAL C 190 46.16 3.06 -10.87
C VAL C 190 46.39 1.94 -9.86
N HIS C 191 47.46 2.03 -9.08
CA HIS C 191 47.77 1.02 -8.07
C HIS C 191 47.66 1.69 -6.71
N ARG C 192 47.57 0.89 -5.65
CA ARG C 192 47.46 1.44 -4.30
C ARG C 192 48.73 2.24 -3.96
N ASP C 193 49.88 1.64 -4.26
CA ASP C 193 51.20 2.22 -3.99
C ASP C 193 51.53 3.49 -4.79
N ALA C 194 50.56 4.02 -5.52
CA ALA C 194 50.77 5.21 -6.33
C ALA C 194 51.35 6.37 -5.52
N PRO C 195 52.04 7.31 -6.19
CA PRO C 195 52.63 8.46 -5.49
C PRO C 195 51.59 9.48 -4.99
N GLY C 196 50.55 9.73 -5.78
CA GLY C 196 49.54 10.69 -5.37
C GLY C 196 48.16 10.07 -5.10
N LEU C 197 48.16 8.96 -4.38
CA LEU C 197 46.92 8.26 -4.07
C LEU C 197 46.67 8.13 -2.58
N THR C 198 45.61 8.78 -2.10
CA THR C 198 45.27 8.74 -0.68
C THR C 198 43.84 8.24 -0.46
N VAL C 199 43.69 7.28 0.45
CA VAL C 199 42.38 6.74 0.77
C VAL C 199 41.95 7.28 2.14
N LEU C 200 40.82 7.98 2.17
CA LEU C 200 40.28 8.55 3.40
C LEU C 200 39.13 7.69 3.94
N ASP C 201 39.24 7.20 5.17
CA ASP C 201 38.17 6.39 5.75
C ASP C 201 37.21 7.29 6.54
N ASN C 202 36.61 8.24 5.81
CA ASN C 202 35.66 9.21 6.36
C ASN C 202 34.21 8.77 6.16
N TRP C 203 34.00 7.49 5.84
CA TRP C 203 32.66 6.98 5.62
C TRP C 203 31.87 6.82 6.91
N ASP C 204 30.77 7.58 6.99
CA ASP C 204 29.86 7.53 8.13
C ASP C 204 28.47 7.62 7.51
N GLY C 205 27.87 6.45 7.30
CA GLY C 205 26.54 6.40 6.71
C GLY C 205 25.62 5.53 7.54
N LEU C 206 24.32 5.77 7.38
CA LEU C 206 23.30 5.04 8.10
C LEU C 206 23.59 3.54 8.18
N GLY C 207 23.49 2.86 7.05
CA GLY C 207 23.73 1.43 7.03
C GLY C 207 24.94 1.05 6.19
N MET C 208 25.27 -0.23 6.19
CA MET C 208 26.44 -0.71 5.45
C MET C 208 27.62 0.09 5.98
N ARG C 209 27.89 -0.09 7.27
CA ARG C 209 28.99 0.61 7.95
C ARG C 209 30.27 -0.22 7.89
N ALA C 210 30.10 -1.54 7.93
CA ALA C 210 31.21 -2.50 7.89
C ALA C 210 31.75 -2.84 6.48
N SER C 211 31.50 -1.95 5.51
CA SER C 211 32.00 -2.15 4.16
C SER C 211 33.11 -1.13 4.05
N GLY C 212 33.98 -1.24 3.05
CA GLY C 212 35.04 -0.27 2.93
C GLY C 212 34.63 0.87 2.02
N THR C 213 33.40 1.35 2.16
CA THR C 213 32.93 2.44 1.29
C THR C 213 33.64 3.76 1.58
N LEU C 214 34.95 3.77 1.38
CA LEU C 214 35.75 4.96 1.63
C LEU C 214 35.79 5.85 0.39
N GLU C 215 36.42 7.01 0.53
CA GLU C 215 36.56 7.98 -0.56
C GLU C 215 38.05 8.08 -0.89
N VAL C 216 38.39 8.40 -2.15
CA VAL C 216 39.79 8.52 -2.54
C VAL C 216 40.11 9.75 -3.41
N VAL C 217 41.28 10.36 -3.18
CA VAL C 217 41.70 11.53 -3.96
C VAL C 217 42.92 11.25 -4.83
N PRO C 222 50.63 9.31 -11.63
CA PRO C 222 51.27 9.19 -12.95
C PRO C 222 50.94 7.87 -13.64
N VAL C 223 50.86 7.92 -14.97
CA VAL C 223 50.56 6.74 -15.77
C VAL C 223 50.73 7.02 -17.27
N ARG C 224 51.34 6.08 -18.00
CA ARG C 224 51.59 6.24 -19.43
C ARG C 224 50.44 5.90 -20.36
N ALA C 225 50.57 6.28 -21.63
CA ALA C 225 49.56 6.07 -22.66
C ALA C 225 49.24 4.61 -22.98
N ASP C 226 50.14 3.70 -22.61
CA ASP C 226 49.94 2.28 -22.87
C ASP C 226 49.16 1.58 -21.75
N GLU C 227 48.94 2.31 -20.65
CA GLU C 227 48.20 1.77 -19.52
C GLU C 227 46.74 2.22 -19.52
N LEU C 228 46.43 3.22 -20.35
CA LEU C 228 45.07 3.74 -20.47
C LEU C 228 44.23 2.89 -21.42
N LEU C 229 42.97 2.68 -21.05
CA LEU C 229 42.06 1.90 -21.87
C LEU C 229 40.99 2.84 -22.41
N GLU C 230 41.37 3.65 -23.40
CA GLU C 230 40.46 4.62 -24.01
C GLU C 230 39.08 4.02 -24.26
N ARG C 231 38.07 4.90 -24.31
CA ARG C 231 36.69 4.49 -24.56
C ARG C 231 36.02 5.53 -25.45
N GLY C 232 34.74 5.34 -25.72
CA GLY C 232 34.02 6.27 -26.57
C GLY C 232 33.93 7.67 -26.01
N PRO C 233 33.69 8.68 -26.86
CA PRO C 233 33.60 10.06 -26.37
C PRO C 233 32.31 10.23 -25.57
N VAL C 234 32.34 11.14 -24.61
CA VAL C 234 31.16 11.38 -23.79
C VAL C 234 30.31 12.47 -24.45
N ALA C 236 26.11 11.62 -23.54
CA ALA C 236 25.65 10.84 -24.73
C ALA C 236 26.34 9.47 -24.82
N ARG C 237 25.58 8.44 -25.18
CA ARG C 237 26.10 7.08 -25.32
C ARG C 237 25.10 6.14 -26.00
N ARG C 238 25.56 4.94 -26.34
CA ARG C 238 24.71 3.94 -27.00
C ARG C 238 24.05 3.01 -25.99
N ASP C 239 23.12 2.16 -26.44
CA ASP C 239 22.43 1.26 -25.53
C ASP C 239 23.17 -0.05 -25.29
N ALA C 240 24.23 -0.29 -26.04
CA ALA C 240 24.99 -1.52 -25.90
C ALA C 240 25.81 -1.50 -24.62
N VAL C 241 26.10 -0.30 -24.11
CA VAL C 241 26.85 -0.15 -22.88
C VAL C 241 25.98 -0.58 -21.70
N LEU C 242 24.67 -0.56 -21.90
CA LEU C 242 23.73 -0.94 -20.85
C LEU C 242 23.91 -2.40 -20.43
N ALA C 243 24.37 -3.25 -21.35
CA ALA C 243 24.58 -4.65 -21.03
C ALA C 243 25.72 -4.76 -20.01
N GLY C 244 26.74 -3.94 -20.22
CA GLY C 244 27.89 -3.94 -19.32
C GLY C 244 27.50 -3.46 -17.94
N GLN C 245 26.76 -2.34 -17.89
CA GLN C 245 26.31 -1.77 -16.63
C GLN C 245 25.40 -2.71 -15.86
N THR C 246 24.57 -3.45 -16.58
CA THR C 246 23.67 -4.38 -15.94
C THR C 246 24.44 -5.50 -15.23
N VAL C 247 25.28 -6.20 -15.97
CA VAL C 247 26.07 -7.28 -15.40
C VAL C 247 26.94 -6.79 -14.24
N SER C 248 27.25 -5.50 -14.22
CA SER C 248 28.07 -4.92 -13.15
C SER C 248 27.44 -4.92 -11.77
N SER C 249 26.20 -4.45 -11.69
CA SER C 249 25.53 -4.37 -10.39
C SER C 249 24.15 -5.04 -10.24
N ILE C 250 23.79 -5.93 -11.16
CA ILE C 250 22.51 -6.60 -11.06
C ILE C 250 22.52 -7.63 -9.95
N THR C 251 23.69 -8.20 -9.69
CA THR C 251 23.85 -9.22 -8.67
C THR C 251 23.68 -8.71 -7.23
N MET C 252 23.67 -7.39 -7.05
CA MET C 252 23.52 -6.77 -5.73
C MET C 252 22.08 -6.97 -5.22
N LEU C 253 21.15 -7.19 -6.14
CA LEU C 253 19.76 -7.40 -5.75
C LEU C 253 19.69 -8.60 -4.83
N GLY C 254 20.64 -9.52 -4.98
CA GLY C 254 20.66 -10.72 -4.15
C GLY C 254 20.92 -10.38 -2.70
N ILE C 255 21.74 -9.36 -2.44
CA ILE C 255 22.05 -8.98 -1.07
C ILE C 255 20.82 -8.36 -0.38
N TYR C 256 20.02 -7.58 -1.09
CA TYR C 256 18.84 -6.99 -0.47
C TYR C 256 17.80 -8.03 -0.22
N ALA C 257 17.70 -9.00 -1.13
CA ALA C 257 16.77 -10.08 -0.95
C ALA C 257 17.29 -10.82 0.29
N GLY C 258 18.61 -10.82 0.44
CA GLY C 258 19.25 -11.47 1.58
C GLY C 258 18.89 -10.81 2.90
N ILE C 259 18.95 -9.48 2.94
CA ILE C 259 18.61 -8.73 4.14
C ILE C 259 17.16 -9.01 4.52
N ALA C 260 16.30 -9.05 3.52
CA ALA C 260 14.89 -9.30 3.76
C ALA C 260 14.71 -10.70 4.34
N GLN C 261 15.24 -11.69 3.65
CA GLN C 261 15.13 -13.07 4.11
C GLN C 261 15.64 -13.15 5.53
N ALA C 262 16.71 -12.42 5.81
CA ALA C 262 17.31 -12.39 7.14
C ALA C 262 16.31 -11.89 8.18
N ALA C 263 15.81 -10.68 7.97
CA ALA C 263 14.83 -10.09 8.89
C ALA C 263 13.66 -11.03 9.14
N ARG C 264 13.13 -11.66 8.10
CA ARG C 264 12.01 -12.58 8.25
C ARG C 264 12.34 -13.69 9.24
N ASP C 265 13.41 -14.42 8.96
CA ASP C 265 13.85 -15.51 9.81
C ASP C 265 13.83 -15.09 11.28
N ILE C 266 14.30 -13.87 11.54
CA ILE C 266 14.33 -13.34 12.91
C ILE C 266 12.90 -13.16 13.42
N ALA C 267 12.18 -12.21 12.82
CA ALA C 267 10.80 -11.91 13.22
C ALA C 267 9.87 -13.10 13.29
N VAL C 268 9.97 -14.02 12.33
CA VAL C 268 9.08 -15.18 12.37
C VAL C 268 9.52 -16.16 13.45
N GLY C 269 10.84 -16.28 13.64
CA GLY C 269 11.36 -17.17 14.66
C GLY C 269 11.02 -16.68 16.05
N PHE C 270 10.85 -15.37 16.19
CA PHE C 270 10.52 -14.75 17.46
C PHE C 270 9.03 -14.88 17.70
N CYS C 271 8.25 -14.74 16.64
CA CYS C 271 6.81 -14.82 16.74
C CYS C 271 6.34 -16.25 17.01
N ALA C 272 7.00 -17.21 16.37
CA ALA C 272 6.66 -18.60 16.54
C ALA C 272 7.17 -19.07 17.91
N GLY C 273 8.28 -18.49 18.35
CA GLY C 273 8.84 -18.84 19.64
C GLY C 273 8.09 -18.21 20.80
N ARG C 274 6.89 -17.70 20.52
CA ARG C 274 6.04 -17.09 21.54
C ARG C 274 5.10 -18.15 22.10
N GLY C 275 4.78 -19.13 21.27
CA GLY C 275 3.91 -20.21 21.67
C GLY C 275 2.43 -19.85 21.77
N GLY C 276 1.60 -20.88 21.91
CA GLY C 276 0.16 -20.66 22.02
C GLY C 276 -0.49 -20.25 20.71
N GLU C 277 -1.43 -19.31 20.79
CA GLU C 277 -2.11 -18.82 19.60
C GLU C 277 -1.66 -17.39 19.28
N PRO C 278 -1.24 -17.15 18.04
CA PRO C 278 -0.77 -15.83 17.59
C PRO C 278 -1.93 -14.85 17.46
N ARG C 279 -1.67 -13.59 17.77
CA ARG C 279 -2.70 -12.57 17.71
C ARG C 279 -3.20 -12.38 16.29
N ALA C 280 -4.39 -11.80 16.16
CA ALA C 280 -4.98 -11.56 14.84
C ALA C 280 -4.07 -10.75 13.93
N GLY C 281 -3.78 -9.52 14.32
CA GLY C 281 -2.92 -8.67 13.52
C GLY C 281 -1.58 -9.26 13.15
N ALA C 282 -1.06 -10.14 13.99
CA ALA C 282 0.23 -10.78 13.73
C ALA C 282 0.16 -11.75 12.56
N ARG C 283 -0.93 -12.51 12.48
CA ARG C 283 -1.09 -13.45 11.38
C ARG C 283 -1.17 -12.70 10.07
N ALA C 284 -1.79 -11.53 10.09
CA ALA C 284 -1.92 -10.70 8.90
C ALA C 284 -0.53 -10.22 8.48
N LEU C 285 0.26 -9.80 9.47
CA LEU C 285 1.62 -9.33 9.20
C LEU C 285 2.51 -10.41 8.61
N VAL C 286 2.62 -11.54 9.31
CA VAL C 286 3.46 -12.62 8.84
C VAL C 286 3.05 -13.14 7.46
N ALA C 287 1.75 -13.17 7.20
CA ALA C 287 1.26 -13.63 5.90
C ALA C 287 1.68 -12.64 4.82
N GLY C 288 1.57 -11.36 5.16
CA GLY C 288 1.91 -10.32 4.21
C GLY C 288 3.38 -10.25 3.85
N LEU C 289 4.26 -10.29 4.84
CA LEU C 289 5.69 -10.21 4.56
C LEU C 289 6.19 -11.45 3.85
N ASP C 290 5.62 -12.61 4.15
CA ASP C 290 6.04 -13.84 3.47
C ASP C 290 5.71 -13.72 2.00
N THR C 291 4.57 -13.11 1.69
CA THR C 291 4.12 -12.89 0.32
C THR C 291 5.09 -11.96 -0.40
N ARG C 292 5.31 -10.79 0.19
CA ARG C 292 6.23 -9.81 -0.40
C ARG C 292 7.61 -10.42 -0.58
N LEU C 293 8.05 -11.19 0.39
CA LEU C 293 9.35 -11.81 0.33
C LEU C 293 9.46 -12.73 -0.88
N TYR C 294 8.42 -13.53 -1.11
CA TYR C 294 8.43 -14.44 -2.25
C TYR C 294 8.41 -13.67 -3.55
N ALA C 295 7.50 -12.70 -3.68
CA ALA C 295 7.43 -11.88 -4.89
C ALA C 295 8.81 -11.29 -5.15
N LEU C 296 9.43 -10.79 -4.08
CA LEU C 296 10.76 -10.18 -4.14
C LEU C 296 11.86 -11.08 -4.68
N ARG C 297 11.96 -12.29 -4.15
CA ARG C 297 12.98 -13.24 -4.57
C ARG C 297 12.72 -13.74 -5.98
N THR C 298 11.45 -13.99 -6.28
CA THR C 298 11.06 -14.47 -7.59
C THR C 298 11.37 -13.46 -8.67
N THR C 299 11.03 -12.20 -8.43
CA THR C 299 11.29 -11.15 -9.40
C THR C 299 12.78 -11.01 -9.70
N VAL C 300 13.60 -10.80 -8.66
CA VAL C 300 15.03 -10.67 -8.90
C VAL C 300 15.57 -11.97 -9.47
N GLY C 301 14.87 -13.08 -9.19
CA GLY C 301 15.31 -14.36 -9.69
C GLY C 301 15.16 -14.41 -11.20
N ALA C 302 13.99 -14.04 -11.69
CA ALA C 302 13.73 -14.04 -13.12
C ALA C 302 14.56 -12.98 -13.85
N ALA C 303 14.76 -11.83 -13.23
CA ALA C 303 15.53 -10.76 -13.86
C ALA C 303 16.96 -11.22 -14.11
N LEU C 304 17.47 -12.06 -13.22
CA LEU C 304 18.82 -12.59 -13.33
C LEU C 304 18.92 -13.62 -14.44
N THR C 305 18.09 -14.67 -14.35
CA THR C 305 18.11 -15.72 -15.36
C THR C 305 17.85 -15.15 -16.76
N ASN C 306 17.37 -13.92 -16.82
CA ASN C 306 17.10 -13.26 -18.09
C ASN C 306 18.35 -12.57 -18.60
N ALA C 307 19.17 -12.08 -17.68
CA ALA C 307 20.39 -11.39 -18.06
C ALA C 307 21.42 -12.42 -18.50
N ASP C 308 21.26 -13.65 -18.01
CA ASP C 308 22.16 -14.75 -18.36
C ASP C 308 21.86 -15.30 -19.74
N ALA C 309 20.58 -15.37 -20.08
CA ALA C 309 20.17 -15.89 -21.37
C ALA C 309 20.51 -14.90 -22.47
N ALA C 310 20.55 -13.62 -22.13
CA ALA C 310 20.86 -12.58 -23.10
C ALA C 310 22.34 -12.26 -23.10
N SER C 311 23.07 -12.79 -22.13
CA SER C 311 24.51 -12.53 -22.02
C SER C 311 25.32 -13.44 -22.96
N VAL C 312 24.86 -14.68 -23.11
CA VAL C 312 25.50 -15.70 -23.96
C VAL C 312 25.29 -15.53 -25.47
N ASP C 313 24.31 -14.73 -25.87
CA ASP C 313 24.04 -14.52 -27.28
C ASP C 313 24.60 -13.16 -27.73
N LEU C 314 25.64 -13.19 -28.56
CA LEU C 314 26.26 -11.96 -29.05
C LEU C 314 26.27 -11.83 -30.58
N SER C 315 25.53 -12.69 -31.26
CA SER C 315 25.47 -12.66 -32.73
C SER C 315 24.39 -11.73 -33.27
N GLY C 316 23.57 -11.20 -32.37
CA GLY C 316 22.50 -10.29 -32.78
C GLY C 316 22.89 -8.84 -32.56
N ASP C 317 21.92 -7.94 -32.63
CA ASP C 317 22.18 -6.51 -32.43
C ASP C 317 22.77 -6.26 -31.05
N PRO C 318 23.86 -5.47 -30.97
CA PRO C 318 24.54 -5.16 -29.71
C PRO C 318 23.76 -4.20 -28.82
N ASP C 319 22.84 -3.44 -29.42
CA ASP C 319 22.03 -2.48 -28.68
C ASP C 319 20.80 -3.14 -28.08
N GLU C 320 20.27 -4.15 -28.77
CA GLU C 320 19.09 -4.87 -28.30
C GLU C 320 19.43 -5.66 -27.03
N ARG C 321 20.55 -6.38 -27.06
CA ARG C 321 20.98 -7.17 -25.93
C ARG C 321 21.26 -6.25 -24.74
N GLY C 322 21.26 -4.95 -25.00
CA GLY C 322 21.52 -4.00 -23.94
C GLY C 322 20.25 -3.62 -23.21
N ARG C 323 19.17 -3.41 -23.96
CA ARG C 323 17.89 -3.04 -23.38
C ARG C 323 17.24 -4.27 -22.77
N ARG C 324 17.34 -5.39 -23.48
CA ARG C 324 16.75 -6.65 -23.04
C ARG C 324 17.27 -7.06 -21.66
N MET C 325 18.43 -6.53 -21.28
CA MET C 325 19.02 -6.86 -19.99
C MET C 325 18.76 -5.79 -18.92
N MET C 326 19.03 -4.54 -19.28
CA MET C 326 18.84 -3.40 -18.39
C MET C 326 17.41 -3.18 -17.90
N THR C 327 16.44 -3.41 -18.78
CA THR C 327 15.03 -3.21 -18.45
C THR C 327 14.52 -4.12 -17.35
N PRO C 328 14.44 -5.43 -17.60
CA PRO C 328 13.94 -6.31 -16.53
C PRO C 328 14.76 -6.16 -15.24
N PHE C 329 16.01 -5.74 -15.38
CA PHE C 329 16.90 -5.52 -14.25
C PHE C 329 16.25 -4.40 -13.42
N GLN C 330 16.01 -3.27 -14.08
CA GLN C 330 15.39 -2.12 -13.43
C GLN C 330 14.00 -2.40 -12.85
N TYR C 331 13.29 -3.37 -13.43
CA TYR C 331 11.97 -3.72 -12.90
C TYR C 331 12.14 -4.40 -11.57
N ALA C 332 13.13 -5.29 -11.50
CA ALA C 332 13.43 -6.03 -10.28
C ALA C 332 13.96 -5.08 -9.22
N LYS C 333 14.83 -4.16 -9.62
CA LYS C 333 15.39 -3.21 -8.68
C LYS C 333 14.25 -2.36 -8.12
N MET C 334 13.39 -1.87 -9.00
CA MET C 334 12.26 -1.05 -8.61
C MET C 334 11.39 -1.79 -7.59
N THR C 335 11.25 -3.11 -7.79
CA THR C 335 10.47 -3.97 -6.91
C THR C 335 11.14 -4.19 -5.56
N VAL C 336 12.40 -4.62 -5.60
CA VAL C 336 13.15 -4.88 -4.38
C VAL C 336 13.34 -3.63 -3.53
N ASN C 337 13.49 -2.47 -4.16
CA ASN C 337 13.70 -1.20 -3.46
C ASN C 337 12.53 -0.76 -2.59
N GLU C 338 11.33 -1.26 -2.87
CA GLU C 338 10.18 -0.87 -2.08
C GLU C 338 9.64 -2.10 -1.36
N LEU C 339 9.92 -3.28 -1.90
CA LEU C 339 9.45 -4.51 -1.32
C LEU C 339 10.36 -5.11 -0.25
N ALA C 340 11.66 -4.82 -0.31
CA ALA C 340 12.59 -5.34 0.68
C ALA C 340 12.47 -4.59 2.00
N PRO C 341 12.64 -3.26 1.99
CA PRO C 341 12.51 -2.50 3.24
C PRO C 341 11.09 -2.58 3.77
N ALA C 342 10.20 -3.15 2.95
CA ALA C 342 8.80 -3.28 3.30
C ALA C 342 8.62 -4.49 4.21
N VAL C 343 9.41 -5.54 3.98
CA VAL C 343 9.32 -6.74 4.80
C VAL C 343 10.06 -6.55 6.11
N VAL C 344 11.18 -5.82 6.10
CA VAL C 344 11.91 -5.63 7.34
C VAL C 344 11.12 -4.71 8.25
N ASP C 345 10.30 -3.86 7.67
CA ASP C 345 9.50 -2.95 8.46
C ASP C 345 8.37 -3.71 9.17
N ASP C 346 7.90 -4.80 8.56
CA ASP C 346 6.85 -5.61 9.18
C ASP C 346 7.48 -6.50 10.23
N CYS C 347 8.70 -6.95 9.93
CA CYS C 347 9.46 -7.80 10.84
C CYS C 347 9.78 -6.98 12.07
N LEU C 348 9.94 -5.68 11.86
CA LEU C 348 10.25 -4.76 12.93
C LEU C 348 9.02 -4.58 13.80
N SER C 349 7.88 -4.29 13.18
CA SER C 349 6.66 -4.09 13.94
C SER C 349 6.06 -5.41 14.43
N LEU C 350 6.71 -6.52 14.09
CA LEU C 350 6.22 -7.82 14.51
C LEU C 350 6.93 -8.28 15.78
N VAL C 351 8.16 -7.86 15.94
CA VAL C 351 8.96 -8.22 17.11
C VAL C 351 8.70 -7.23 18.24
N GLY C 352 8.36 -6.00 17.88
CA GLY C 352 8.09 -5.00 18.91
C GLY C 352 9.25 -4.09 19.23
N GLY C 353 9.09 -3.31 20.29
CA GLY C 353 10.11 -2.37 20.72
C GLY C 353 11.51 -2.93 20.94
N LEU C 354 11.62 -4.20 21.32
CA LEU C 354 12.93 -4.79 21.55
C LEU C 354 13.76 -4.72 20.28
N ALA C 355 13.09 -4.64 19.14
CA ALA C 355 13.77 -4.58 17.84
C ALA C 355 14.20 -3.17 17.47
N TYR C 356 13.91 -2.21 18.34
CA TYR C 356 14.26 -0.83 18.08
C TYR C 356 15.57 -0.54 18.80
N THR C 357 15.99 -1.48 19.63
CA THR C 357 17.23 -1.33 20.36
C THR C 357 18.41 -1.54 19.41
N ALA C 358 19.43 -0.69 19.51
CA ALA C 358 20.61 -0.82 18.66
C ALA C 358 21.24 -2.20 18.85
N GLY C 359 21.00 -2.79 20.01
CA GLY C 359 21.54 -4.10 20.31
C GLY C 359 20.92 -5.21 19.47
N HIS C 360 19.65 -5.05 19.11
CA HIS C 360 18.96 -6.05 18.31
C HIS C 360 19.40 -5.99 16.85
N PRO C 361 19.56 -7.16 16.21
CA PRO C 361 19.99 -7.26 14.81
C PRO C 361 18.98 -6.70 13.82
N LEU C 362 17.70 -6.77 14.19
CA LEU C 362 16.62 -6.28 13.35
C LEU C 362 16.70 -4.77 13.17
N SER C 363 17.45 -4.11 14.05
CA SER C 363 17.60 -2.66 13.96
C SER C 363 18.62 -2.36 12.87
N ARG C 364 19.72 -3.11 12.89
CA ARG C 364 20.77 -2.94 11.89
C ARG C 364 20.21 -3.19 10.50
N LEU C 365 19.52 -4.32 10.33
CA LEU C 365 18.92 -4.67 9.06
C LEU C 365 18.02 -3.55 8.53
N TYR C 366 17.32 -2.88 9.43
CA TYR C 366 16.43 -1.79 9.05
C TYR C 366 17.18 -0.63 8.42
N ARG C 367 18.48 -0.53 8.74
CA ARG C 367 19.32 0.54 8.19
C ARG C 367 20.06 0.09 6.95
N ASP C 368 20.45 -1.18 6.92
CA ASP C 368 21.19 -1.75 5.80
C ASP C 368 20.32 -1.87 4.55
N VAL C 369 19.05 -2.19 4.75
CA VAL C 369 18.12 -2.37 3.63
C VAL C 369 17.86 -1.10 2.80
N ARG C 370 17.87 0.07 3.43
CA ARG C 370 17.60 1.30 2.69
C ARG C 370 18.72 1.76 1.78
N ALA C 371 19.83 1.01 1.77
CA ALA C 371 20.95 1.35 0.92
C ALA C 371 20.63 1.26 -0.58
N GLY C 372 19.98 0.16 -0.96
CA GLY C 372 19.63 -0.09 -2.36
C GLY C 372 18.94 1.03 -3.14
N GLY C 373 18.06 1.77 -2.49
CA GLY C 373 17.35 2.83 -3.18
C GLY C 373 18.23 3.98 -3.68
N PHE C 374 19.46 4.05 -3.18
CA PHE C 374 20.38 5.12 -3.58
C PHE C 374 21.42 4.68 -4.59
N MET C 375 21.44 3.39 -4.91
CA MET C 375 22.44 2.87 -5.83
C MET C 375 22.10 2.98 -7.32
N GLN C 376 23.08 3.45 -8.08
CA GLN C 376 22.96 3.63 -9.53
C GLN C 376 23.61 2.43 -10.24
N PRO C 377 23.01 1.98 -11.35
CA PRO C 377 21.78 2.48 -11.97
C PRO C 377 20.59 1.54 -11.69
N TYR C 378 19.39 2.09 -11.53
CA TYR C 378 19.13 3.52 -11.61
C TYR C 378 18.38 3.93 -10.35
N SER C 379 18.40 5.22 -10.04
CA SER C 379 17.69 5.72 -8.86
C SER C 379 16.22 5.73 -9.24
N TYR C 380 15.34 5.96 -8.29
CA TYR C 380 13.91 5.98 -8.62
C TYR C 380 13.69 7.08 -9.65
N VAL C 381 14.17 8.28 -9.34
CA VAL C 381 14.01 9.42 -10.24
C VAL C 381 14.51 9.11 -11.65
N ASP C 382 15.67 8.45 -11.74
CA ASP C 382 16.25 8.09 -13.03
C ASP C 382 15.51 6.91 -13.66
N ALA C 383 15.33 5.86 -12.87
CA ALA C 383 14.64 4.65 -13.33
C ALA C 383 13.28 4.97 -13.94
N VAL C 384 12.62 6.02 -13.46
CA VAL C 384 11.30 6.38 -13.98
C VAL C 384 11.44 6.91 -15.41
N ASP C 385 12.42 7.78 -15.64
CA ASP C 385 12.63 8.32 -16.98
C ASP C 385 13.02 7.18 -17.90
N TYR C 386 13.92 6.31 -17.43
CA TYR C 386 14.36 5.19 -18.26
C TYR C 386 13.23 4.24 -18.65
N LEU C 387 12.51 3.73 -17.64
CA LEU C 387 11.41 2.78 -17.88
C LEU C 387 10.24 3.33 -18.69
N SER C 388 9.90 4.60 -18.51
CA SER C 388 8.80 5.20 -19.26
C SER C 388 9.26 5.47 -20.69
N GLY C 389 10.56 5.72 -20.84
CA GLY C 389 11.13 5.98 -22.16
C GLY C 389 11.15 4.72 -23.01
N GLN C 390 11.23 3.57 -22.37
CA GLN C 390 11.25 2.31 -23.09
C GLN C 390 9.82 1.86 -23.37
N ALA C 391 8.91 2.21 -22.47
CA ALA C 391 7.50 1.85 -22.61
C ALA C 391 6.84 2.68 -23.70
N LEU C 392 7.42 3.84 -23.99
CA LEU C 392 6.90 4.73 -25.03
C LEU C 392 7.89 4.85 -26.19
N GLY C 393 7.90 5.99 -26.87
CA GLY C 393 8.82 6.15 -27.98
C GLY C 393 10.20 6.57 -27.51
N LEU C 394 10.35 7.88 -27.27
CA LEU C 394 11.60 8.49 -26.78
C LEU C 394 12.92 7.77 -27.12
N MET D 1 14.72 -20.20 -19.12
CA MET D 1 15.52 -19.08 -19.72
C MET D 1 14.74 -17.77 -19.71
N ALA D 2 13.50 -17.85 -19.23
CA ALA D 2 12.63 -16.69 -19.14
C ALA D 2 11.92 -16.74 -17.80
N ALA D 3 10.90 -17.60 -17.72
CA ALA D 3 10.10 -17.80 -16.50
C ALA D 3 9.12 -16.66 -16.26
N ASP D 4 8.58 -16.09 -17.34
CA ASP D 4 7.63 -14.99 -17.22
C ASP D 4 6.42 -15.13 -18.13
N LEU D 5 6.01 -16.37 -18.38
CA LEU D 5 4.85 -16.66 -19.24
C LEU D 5 4.97 -15.94 -20.58
N ARG D 6 6.16 -15.97 -21.16
CA ARG D 6 6.40 -15.31 -22.45
C ARG D 6 6.09 -16.26 -23.59
N ALA D 7 6.53 -17.49 -23.42
CA ALA D 7 6.31 -18.52 -24.41
C ALA D 7 6.35 -19.88 -23.72
N PRO D 8 5.55 -20.84 -24.21
CA PRO D 8 5.52 -22.19 -23.62
C PRO D 8 6.84 -22.94 -23.80
N LEU D 9 7.06 -23.95 -22.96
CA LEU D 9 8.29 -24.75 -23.03
C LEU D 9 8.15 -26.08 -23.77
N THR D 10 7.36 -26.98 -23.20
CA THR D 10 7.14 -28.29 -23.80
C THR D 10 6.65 -28.17 -25.24
N PRO D 11 7.17 -29.00 -26.15
CA PRO D 11 6.74 -28.93 -27.55
C PRO D 11 5.26 -29.26 -27.68
N ALA D 12 4.75 -30.02 -26.70
CA ALA D 12 3.34 -30.40 -26.69
C ALA D 12 2.47 -29.16 -26.51
N GLY D 13 2.91 -28.25 -25.63
CA GLY D 13 2.15 -27.04 -25.38
C GLY D 13 2.43 -25.93 -26.38
N ARG D 14 3.48 -26.11 -27.18
CA ARG D 14 3.85 -25.14 -28.19
C ARG D 14 2.86 -25.28 -29.37
N THR D 15 2.24 -26.45 -29.44
CA THR D 15 1.28 -26.78 -30.49
C THR D 15 -0.10 -26.23 -30.13
N VAL D 16 -0.33 -26.05 -28.83
CA VAL D 16 -1.62 -25.56 -28.37
C VAL D 16 -1.70 -24.04 -28.53
N VAL D 17 -0.55 -23.38 -28.43
CA VAL D 17 -0.49 -21.92 -28.54
C VAL D 17 -0.77 -21.41 -29.96
N ASP D 18 -0.15 -22.03 -30.97
CA ASP D 18 -0.36 -21.59 -32.34
C ASP D 18 -1.73 -22.01 -32.87
N LEU D 19 -2.27 -23.11 -32.35
CA LEU D 19 -3.58 -23.57 -32.77
C LEU D 19 -4.63 -22.61 -32.25
N LEU D 20 -4.29 -21.95 -31.15
CA LEU D 20 -5.18 -20.98 -30.52
C LEU D 20 -5.09 -19.63 -31.22
N ALA D 21 -3.91 -19.34 -31.77
CA ALA D 21 -3.67 -18.07 -32.47
C ALA D 21 -4.69 -17.84 -33.59
N GLY D 22 -5.29 -18.93 -34.07
CA GLY D 22 -6.25 -18.82 -35.15
C GLY D 22 -7.66 -18.50 -34.70
N VAL D 23 -7.95 -18.76 -33.43
CA VAL D 23 -9.28 -18.49 -32.88
C VAL D 23 -9.29 -17.19 -32.08
N ILE D 24 -8.10 -16.67 -31.77
CA ILE D 24 -7.98 -15.43 -31.01
C ILE D 24 -8.74 -14.26 -31.65
N PRO D 25 -8.39 -13.90 -32.89
CA PRO D 25 -9.07 -12.80 -33.56
C PRO D 25 -10.59 -12.91 -33.55
N ARG D 26 -11.09 -14.08 -33.90
CA ARG D 26 -12.52 -14.31 -33.92
C ARG D 26 -13.19 -14.03 -32.58
N ILE D 27 -12.56 -14.46 -31.50
CA ILE D 27 -13.13 -14.26 -30.17
C ILE D 27 -12.86 -12.90 -29.54
N SER D 28 -11.74 -12.28 -29.93
CA SER D 28 -11.38 -10.97 -29.41
C SER D 28 -12.34 -9.90 -29.90
N ALA D 29 -13.00 -10.15 -31.02
CA ALA D 29 -13.93 -9.19 -31.58
C ALA D 29 -15.31 -9.29 -30.93
N GLU D 30 -15.74 -10.51 -30.66
CA GLU D 30 -17.03 -10.75 -30.03
C GLU D 30 -17.02 -10.51 -28.52
N ALA D 31 -15.82 -10.32 -27.96
CA ALA D 31 -15.66 -10.11 -26.53
C ALA D 31 -16.57 -9.03 -25.95
N ALA D 32 -16.48 -7.83 -26.51
CA ALA D 32 -17.30 -6.71 -26.04
C ALA D 32 -18.78 -7.01 -26.09
N ASP D 33 -19.22 -7.65 -27.18
CA ASP D 33 -20.64 -7.98 -27.38
C ASP D 33 -21.17 -9.01 -26.39
N ARG D 34 -20.50 -10.15 -26.29
CA ARG D 34 -20.93 -11.21 -25.39
C ARG D 34 -20.96 -10.75 -23.94
N ASP D 35 -20.07 -9.82 -23.60
CA ASP D 35 -20.03 -9.30 -22.23
C ASP D 35 -21.25 -8.44 -21.97
N ARG D 36 -21.57 -7.58 -22.93
CA ARG D 36 -22.72 -6.67 -22.83
C ARG D 36 -24.05 -7.41 -22.69
N THR D 37 -24.21 -8.48 -23.47
CA THR D 37 -25.42 -9.29 -23.44
C THR D 37 -25.33 -10.36 -22.34
N GLY D 38 -24.13 -10.92 -22.16
CA GLY D 38 -23.94 -11.94 -21.15
C GLY D 38 -24.36 -13.28 -21.70
N THR D 39 -23.83 -13.63 -22.87
CA THR D 39 -24.14 -14.88 -23.54
C THR D 39 -22.92 -15.72 -23.82
N PHE D 40 -22.89 -16.94 -23.26
CA PHE D 40 -21.77 -17.86 -23.45
C PHE D 40 -21.50 -18.10 -24.93
N PRO D 41 -20.21 -18.14 -25.31
CA PRO D 41 -19.79 -18.36 -26.71
C PRO D 41 -19.86 -19.82 -27.14
N VAL D 42 -21.07 -20.33 -27.32
CA VAL D 42 -21.28 -21.72 -27.71
C VAL D 42 -20.55 -22.10 -28.99
N GLU D 43 -20.85 -21.41 -30.09
CA GLU D 43 -20.22 -21.72 -31.38
C GLU D 43 -18.74 -21.36 -31.44
N ALA D 44 -18.34 -20.37 -30.65
CA ALA D 44 -16.95 -19.95 -30.64
C ALA D 44 -16.15 -21.01 -29.85
N PHE D 45 -16.82 -21.65 -28.90
CA PHE D 45 -16.20 -22.66 -28.07
C PHE D 45 -16.15 -24.03 -28.74
N GLU D 46 -17.22 -24.37 -29.48
CA GLU D 46 -17.32 -25.66 -30.17
C GLU D 46 -16.30 -25.75 -31.31
N GLN D 47 -15.75 -24.61 -31.71
CA GLN D 47 -14.76 -24.61 -32.77
C GLN D 47 -13.45 -25.17 -32.24
N PHE D 48 -13.33 -25.23 -30.91
CA PHE D 48 -12.13 -25.77 -30.28
C PHE D 48 -12.13 -27.28 -30.47
N ALA D 49 -13.29 -27.90 -30.28
CA ALA D 49 -13.43 -29.34 -30.44
C ALA D 49 -12.99 -29.73 -31.85
N LYS D 50 -13.29 -28.89 -32.83
CA LYS D 50 -12.89 -29.18 -34.19
C LYS D 50 -11.37 -29.33 -34.23
N LEU D 51 -10.66 -28.31 -33.75
CA LEU D 51 -9.20 -28.33 -33.78
C LEU D 51 -8.59 -29.34 -32.82
N GLY D 52 -9.14 -29.43 -31.61
CA GLY D 52 -8.64 -30.37 -30.63
C GLY D 52 -8.24 -29.74 -29.31
N LEU D 53 -8.33 -28.41 -29.25
CA LEU D 53 -7.97 -27.69 -28.03
C LEU D 53 -8.87 -28.11 -26.87
N MET D 54 -10.11 -28.46 -27.20
CA MET D 54 -11.06 -28.90 -26.18
C MET D 54 -10.53 -30.18 -25.56
N GLY D 55 -9.55 -30.79 -26.23
CA GLY D 55 -8.97 -32.03 -25.76
C GLY D 55 -7.52 -31.96 -25.31
N ALA D 56 -6.98 -30.75 -25.17
CA ALA D 56 -5.61 -30.60 -24.71
C ALA D 56 -5.55 -31.20 -23.30
N THR D 57 -4.38 -31.18 -22.68
CA THR D 57 -4.21 -31.74 -21.33
C THR D 57 -4.75 -33.16 -21.22
N VAL D 58 -4.79 -33.88 -22.34
CA VAL D 58 -5.25 -35.26 -22.39
C VAL D 58 -4.15 -36.07 -23.08
N PRO D 59 -3.77 -37.22 -22.50
CA PRO D 59 -2.71 -38.08 -23.05
C PRO D 59 -2.78 -38.26 -24.58
N ALA D 60 -1.62 -38.24 -25.23
CA ALA D 60 -1.57 -38.40 -26.68
C ALA D 60 -2.17 -39.76 -27.08
N GLU D 61 -2.00 -40.74 -26.21
CA GLU D 61 -2.50 -42.09 -26.49
C GLU D 61 -4.00 -42.24 -26.23
N LEU D 62 -4.63 -41.20 -25.70
CA LEU D 62 -6.06 -41.23 -25.43
C LEU D 62 -6.85 -40.38 -26.42
N GLY D 63 -6.18 -39.39 -27.00
CA GLY D 63 -6.84 -38.52 -27.96
C GLY D 63 -5.88 -37.63 -28.71
N GLY D 64 -5.06 -36.87 -27.99
CA GLY D 64 -4.09 -36.01 -28.64
C GLY D 64 -3.68 -34.82 -27.80
N LEU D 65 -2.55 -34.22 -28.17
CA LEU D 65 -2.02 -33.06 -27.44
C LEU D 65 -1.81 -33.43 -25.98
N GLY D 66 -0.69 -34.09 -25.68
CA GLY D 66 -0.40 -34.48 -24.32
C GLY D 66 0.25 -33.37 -23.52
N LEU D 67 -0.58 -32.48 -23.00
CA LEU D 67 -0.10 -31.35 -22.21
C LEU D 67 -0.22 -31.63 -20.73
N THR D 68 0.91 -31.63 -20.04
CA THR D 68 0.96 -31.91 -18.61
C THR D 68 1.71 -30.83 -17.84
N ARG D 69 2.45 -30.01 -18.56
CA ARG D 69 3.22 -28.93 -17.93
C ARG D 69 2.30 -27.79 -17.50
N LEU D 70 2.08 -27.67 -16.19
CA LEU D 70 1.20 -26.63 -15.66
C LEU D 70 1.60 -25.22 -16.09
N TYR D 71 2.89 -24.99 -16.28
CA TYR D 71 3.39 -23.69 -16.70
C TYR D 71 2.88 -23.31 -18.09
N ASP D 72 2.84 -24.28 -19.01
CA ASP D 72 2.37 -24.04 -20.37
C ASP D 72 0.86 -23.90 -20.41
N VAL D 73 0.18 -24.64 -19.54
CA VAL D 73 -1.27 -24.60 -19.47
C VAL D 73 -1.70 -23.17 -19.12
N ALA D 74 -0.90 -22.51 -18.29
CA ALA D 74 -1.18 -21.15 -17.87
C ALA D 74 -0.78 -20.15 -18.95
N THR D 75 0.30 -20.46 -19.66
CA THR D 75 0.78 -19.60 -20.73
C THR D 75 -0.29 -19.54 -21.82
N ALA D 76 -1.02 -20.65 -21.95
CA ALA D 76 -2.09 -20.74 -22.92
C ALA D 76 -3.26 -19.87 -22.45
N LEU D 77 -3.71 -20.10 -21.22
CA LEU D 77 -4.83 -19.32 -20.67
C LEU D 77 -4.55 -17.82 -20.63
N MET D 78 -3.29 -17.43 -20.62
CA MET D 78 -2.95 -16.01 -20.62
C MET D 78 -3.11 -15.44 -22.02
N ARG D 79 -2.66 -16.21 -23.02
CA ARG D 79 -2.79 -15.77 -24.41
C ARG D 79 -4.26 -15.58 -24.72
N LEU D 80 -5.08 -16.51 -24.24
CA LEU D 80 -6.52 -16.44 -24.46
C LEU D 80 -7.18 -15.36 -23.62
N ALA D 81 -6.75 -15.19 -22.37
CA ALA D 81 -7.34 -14.19 -21.49
C ALA D 81 -7.12 -12.79 -22.05
N GLU D 82 -6.02 -12.60 -22.77
CA GLU D 82 -5.72 -11.31 -23.37
C GLU D 82 -6.80 -10.94 -24.38
N ALA D 83 -7.44 -11.96 -24.93
CA ALA D 83 -8.52 -11.76 -25.90
C ALA D 83 -9.82 -11.55 -25.09
N ASP D 84 -10.21 -12.58 -24.36
CA ASP D 84 -11.41 -12.56 -23.52
C ASP D 84 -11.16 -13.35 -22.24
N ALA D 85 -11.23 -12.68 -21.10
CA ALA D 85 -11.03 -13.33 -19.81
C ALA D 85 -12.10 -14.40 -19.61
N SER D 86 -13.35 -14.04 -19.91
CA SER D 86 -14.48 -14.95 -19.74
C SER D 86 -14.35 -16.32 -20.39
N THR D 87 -13.97 -16.35 -21.66
CA THR D 87 -13.82 -17.64 -22.34
C THR D 87 -12.67 -18.41 -21.71
N ALA D 88 -11.59 -17.70 -21.37
CA ALA D 88 -10.42 -18.30 -20.76
C ALA D 88 -10.77 -18.97 -19.43
N LEU D 89 -11.64 -18.32 -18.66
CA LEU D 89 -12.08 -18.84 -17.38
C LEU D 89 -12.81 -20.16 -17.59
N ALA D 90 -13.60 -20.23 -18.66
CA ALA D 90 -14.36 -21.43 -18.99
C ALA D 90 -13.48 -22.56 -19.52
N TRP D 91 -12.60 -22.22 -20.47
CA TRP D 91 -11.71 -23.20 -21.05
C TRP D 91 -10.86 -23.89 -19.98
N HIS D 92 -10.71 -23.21 -18.85
CA HIS D 92 -9.93 -23.72 -17.73
C HIS D 92 -10.64 -24.89 -17.06
N VAL D 93 -11.97 -24.80 -16.98
CA VAL D 93 -12.78 -25.86 -16.37
C VAL D 93 -12.45 -27.18 -17.03
N GLN D 94 -12.39 -27.14 -18.36
CA GLN D 94 -12.09 -28.32 -19.16
C GLN D 94 -10.64 -28.75 -18.94
N LEU D 95 -9.70 -27.84 -19.22
CA LEU D 95 -8.28 -28.12 -19.05
C LEU D 95 -7.99 -28.61 -17.64
N SER D 96 -8.83 -28.19 -16.69
CA SER D 96 -8.67 -28.56 -15.28
C SER D 96 -8.77 -30.07 -15.11
N ARG D 97 -9.96 -30.64 -15.34
CA ARG D 97 -10.17 -32.08 -15.22
C ARG D 97 -9.11 -32.80 -16.05
N GLY D 98 -8.67 -32.14 -17.12
CA GLY D 98 -7.66 -32.74 -17.97
C GLY D 98 -6.50 -33.29 -17.15
N LEU D 99 -6.01 -32.46 -16.22
CA LEU D 99 -4.91 -32.83 -15.36
C LEU D 99 -5.38 -33.71 -14.21
N THR D 100 -6.57 -33.42 -13.69
CA THR D 100 -7.17 -34.18 -12.59
C THR D 100 -7.31 -35.66 -12.97
N LEU D 101 -7.91 -35.89 -14.13
CA LEU D 101 -8.14 -37.25 -14.62
C LEU D 101 -6.86 -37.97 -15.02
N THR D 102 -5.98 -37.29 -15.73
CA THR D 102 -4.71 -37.87 -16.15
C THR D 102 -3.96 -38.43 -14.95
N TYR D 103 -4.17 -37.83 -13.78
CA TYR D 103 -3.51 -38.29 -12.56
C TYR D 103 -4.32 -39.41 -11.94
N GLU D 104 -5.62 -39.40 -12.20
CA GLU D 104 -6.51 -40.42 -11.65
C GLU D 104 -6.41 -41.70 -12.48
N TRP D 105 -6.16 -41.52 -13.77
CA TRP D 105 -6.03 -42.64 -14.70
C TRP D 105 -4.73 -43.41 -14.48
N GLN D 106 -3.66 -42.70 -14.14
CA GLN D 106 -2.38 -43.34 -13.90
C GLN D 106 -2.23 -43.86 -12.48
N HIS D 107 -2.66 -43.06 -11.51
CA HIS D 107 -2.52 -43.44 -10.10
C HIS D 107 -3.86 -43.60 -9.40
N GLY D 108 -4.73 -44.45 -9.95
CA GLY D 108 -6.02 -44.66 -9.32
C GLY D 108 -6.44 -46.12 -9.26
N THR D 109 -7.31 -46.44 -8.31
CA THR D 109 -7.78 -47.82 -8.16
C THR D 109 -8.51 -48.31 -9.41
N PRO D 110 -8.45 -49.62 -9.67
CA PRO D 110 -9.10 -50.23 -10.84
C PRO D 110 -10.56 -49.81 -11.08
N PRO D 111 -11.38 -49.77 -10.02
CA PRO D 111 -12.78 -49.38 -10.22
C PRO D 111 -12.96 -47.98 -10.82
N VAL D 112 -12.20 -47.02 -10.29
CA VAL D 112 -12.29 -45.63 -10.74
C VAL D 112 -11.36 -45.29 -11.90
N ARG D 113 -10.33 -46.11 -12.11
CA ARG D 113 -9.37 -45.89 -13.18
C ARG D 113 -9.97 -46.28 -14.52
N ALA D 114 -10.97 -47.16 -14.47
CA ALA D 114 -11.65 -47.65 -15.67
C ALA D 114 -12.57 -46.59 -16.27
N MET D 115 -13.33 -45.90 -15.42
CA MET D 115 -14.25 -44.87 -15.89
C MET D 115 -13.48 -43.61 -16.27
N ALA D 116 -12.22 -43.54 -15.85
CA ALA D 116 -11.37 -42.39 -16.19
C ALA D 116 -11.15 -42.42 -17.70
N GLU D 117 -10.97 -43.62 -18.25
CA GLU D 117 -10.78 -43.77 -19.69
C GLU D 117 -12.02 -43.22 -20.39
N ARG D 118 -13.15 -43.88 -20.14
CA ARG D 118 -14.43 -43.51 -20.74
C ARG D 118 -14.65 -42.00 -20.91
N LEU D 119 -14.28 -41.21 -19.91
CA LEU D 119 -14.44 -39.75 -19.99
C LEU D 119 -13.26 -39.03 -20.64
N LEU D 120 -12.05 -39.41 -20.25
CA LEU D 120 -10.85 -38.78 -20.81
C LEU D 120 -10.75 -38.91 -22.32
N ARG D 121 -11.15 -40.08 -22.83
CA ARG D 121 -11.09 -40.35 -24.27
C ARG D 121 -12.23 -39.64 -25.00
N ALA D 122 -13.35 -39.45 -24.32
CA ALA D 122 -14.53 -38.80 -24.90
C ALA D 122 -14.36 -37.30 -25.09
N MET D 123 -13.65 -36.65 -24.17
CA MET D 123 -13.42 -35.22 -24.26
C MET D 123 -12.15 -34.99 -25.07
N ALA D 124 -11.55 -36.07 -25.54
CA ALA D 124 -10.33 -36.01 -26.34
C ALA D 124 -10.62 -35.33 -27.67
N GLU D 125 -11.76 -35.67 -28.28
CA GLU D 125 -12.17 -35.09 -29.55
C GLU D 125 -13.09 -33.91 -29.29
N GLY D 126 -13.85 -34.00 -28.20
CA GLY D 126 -14.77 -32.93 -27.86
C GLY D 126 -16.19 -33.43 -27.75
N GLU D 127 -16.35 -34.76 -27.74
CA GLU D 127 -17.67 -35.37 -27.63
C GLU D 127 -18.31 -35.13 -26.26
N ALA D 128 -17.47 -34.85 -25.26
CA ALA D 128 -17.97 -34.61 -23.91
C ALA D 128 -17.21 -33.48 -23.19
N ALA D 129 -17.97 -32.54 -22.63
CA ALA D 129 -17.40 -31.40 -21.89
C ALA D 129 -17.67 -31.64 -20.41
N VAL D 130 -16.60 -31.75 -19.62
CA VAL D 130 -16.73 -32.01 -18.20
C VAL D 130 -16.70 -30.77 -17.30
N CYS D 131 -17.55 -30.77 -16.27
CA CYS D 131 -17.64 -29.67 -15.32
C CYS D 131 -17.51 -30.10 -13.87
N GLY D 132 -17.38 -29.13 -12.97
CA GLY D 132 -17.25 -29.46 -11.56
C GLY D 132 -18.22 -28.69 -10.68
N ALA D 133 -19.15 -29.41 -10.06
CA ALA D 133 -20.11 -28.79 -9.18
C ALA D 133 -19.56 -28.95 -7.77
N LEU D 134 -18.67 -28.03 -7.39
CA LEU D 134 -18.02 -28.07 -6.09
C LEU D 134 -18.70 -27.32 -4.95
N LYS D 135 -18.57 -26.00 -4.94
CA LYS D 135 -19.13 -25.17 -3.88
C LYS D 135 -20.66 -25.30 -3.79
N ASP D 136 -21.17 -25.55 -2.58
CA ASP D 136 -22.61 -25.68 -2.39
C ASP D 136 -23.21 -24.30 -2.29
N ALA D 137 -24.53 -24.23 -2.36
CA ALA D 137 -25.20 -22.94 -2.26
C ALA D 137 -25.34 -22.56 -0.81
N PRO D 138 -25.43 -21.26 -0.52
CA PRO D 138 -25.58 -20.80 0.87
C PRO D 138 -26.70 -21.51 1.61
N GLY D 139 -26.32 -22.34 2.59
CA GLY D 139 -27.31 -23.06 3.39
C GLY D 139 -27.78 -24.39 2.83
N VAL D 140 -27.15 -24.85 1.75
CA VAL D 140 -27.55 -26.12 1.18
C VAL D 140 -26.44 -27.15 1.27
N VAL D 141 -26.83 -28.40 1.55
CA VAL D 141 -25.86 -29.50 1.63
C VAL D 141 -26.22 -30.54 0.58
N THR D 142 -25.26 -30.82 -0.30
CA THR D 142 -25.44 -31.79 -1.39
C THR D 142 -25.11 -33.18 -0.87
N GLU D 143 -26.13 -34.00 -0.69
CA GLU D 143 -25.92 -35.35 -0.17
C GLU D 143 -26.47 -36.45 -1.06
N LEU D 144 -26.25 -37.68 -0.62
CA LEU D 144 -26.71 -38.85 -1.32
C LEU D 144 -27.51 -39.68 -0.34
N HIS D 145 -28.78 -39.91 -0.65
CA HIS D 145 -29.64 -40.70 0.21
C HIS D 145 -29.88 -42.06 -0.43
N SER D 146 -30.20 -43.05 0.40
CA SER D 146 -30.46 -44.41 -0.10
C SER D 146 -31.94 -44.54 -0.46
N ASP D 147 -32.22 -45.23 -1.56
CA ASP D 147 -33.60 -45.45 -1.97
C ASP D 147 -34.07 -46.82 -1.47
N GLY D 148 -33.11 -47.74 -1.30
CA GLY D 148 -33.42 -49.07 -0.82
C GLY D 148 -33.01 -50.13 -1.82
N ALA D 149 -33.44 -49.95 -3.07
CA ALA D 149 -33.15 -50.88 -4.16
C ALA D 149 -31.65 -51.11 -4.39
N GLY D 150 -30.84 -50.14 -3.99
CA GLY D 150 -29.41 -50.27 -4.16
C GLY D 150 -28.85 -48.99 -4.74
N GLY D 151 -29.69 -48.25 -5.46
CA GLY D 151 -29.27 -47.00 -6.06
C GLY D 151 -29.33 -45.85 -5.06
N TRP D 152 -28.68 -44.74 -5.40
CA TRP D 152 -28.66 -43.58 -4.54
C TRP D 152 -29.34 -42.37 -5.18
N LEU D 153 -29.89 -41.51 -4.33
CA LEU D 153 -30.56 -40.29 -4.76
C LEU D 153 -29.69 -39.08 -4.36
N LEU D 154 -29.39 -38.23 -5.34
CA LEU D 154 -28.56 -37.05 -5.11
C LEU D 154 -29.38 -35.78 -5.13
N SER D 155 -29.40 -35.07 -4.00
CA SER D 155 -30.13 -33.81 -3.88
C SER D 155 -29.14 -32.70 -3.49
N GLY D 156 -29.50 -31.45 -3.77
CA GLY D 156 -28.63 -30.34 -3.42
C GLY D 156 -28.25 -29.51 -4.63
N ARG D 157 -27.79 -28.28 -4.41
CA ARG D 157 -27.40 -27.42 -5.51
C ARG D 157 -25.99 -26.88 -5.38
N LYS D 158 -25.35 -26.63 -6.52
CA LYS D 158 -23.99 -26.12 -6.57
C LYS D 158 -23.97 -24.79 -7.31
N VAL D 159 -23.02 -23.93 -6.95
CA VAL D 159 -22.91 -22.63 -7.57
C VAL D 159 -21.51 -22.41 -8.14
N LEU D 160 -21.30 -21.27 -8.80
CA LEU D 160 -20.01 -20.95 -9.39
C LEU D 160 -19.49 -22.02 -10.34
N VAL D 161 -20.38 -22.62 -11.11
CA VAL D 161 -19.99 -23.65 -12.06
C VAL D 161 -19.79 -23.04 -13.44
N SER D 162 -18.53 -22.81 -13.80
CA SER D 162 -18.22 -22.23 -15.10
C SER D 162 -18.36 -23.30 -16.17
N MET D 163 -18.53 -22.86 -17.41
CA MET D 163 -18.67 -23.78 -18.53
C MET D 163 -19.87 -24.71 -18.33
N ALA D 164 -21.00 -24.17 -17.90
CA ALA D 164 -22.19 -24.99 -17.67
C ALA D 164 -23.00 -25.27 -18.94
N PRO D 165 -23.40 -24.21 -19.66
CA PRO D 165 -24.19 -24.37 -20.89
C PRO D 165 -23.71 -25.43 -21.90
N ILE D 166 -22.42 -25.45 -22.20
CA ILE D 166 -21.88 -26.43 -23.15
C ILE D 166 -21.66 -27.79 -22.48
N ALA D 167 -21.56 -27.79 -21.15
CA ALA D 167 -21.31 -28.99 -20.37
C ALA D 167 -22.20 -30.20 -20.61
N THR D 168 -21.60 -31.39 -20.49
CA THR D 168 -22.30 -32.68 -20.69
C THR D 168 -22.33 -33.48 -19.39
N HIS D 169 -21.17 -33.57 -18.74
CA HIS D 169 -21.01 -34.31 -17.48
C HIS D 169 -20.66 -33.38 -16.32
N PHE D 170 -21.16 -33.71 -15.13
CA PHE D 170 -20.88 -32.92 -13.95
C PHE D 170 -20.22 -33.75 -12.85
N PHE D 171 -19.15 -33.22 -12.26
CA PHE D 171 -18.46 -33.89 -11.15
C PHE D 171 -18.96 -33.22 -9.87
N VAL D 172 -20.15 -33.60 -9.43
CA VAL D 172 -20.70 -33.00 -8.22
C VAL D 172 -20.14 -33.61 -6.95
N HIS D 173 -19.72 -32.76 -6.02
CA HIS D 173 -19.18 -33.17 -4.73
C HIS D 173 -20.34 -33.30 -3.73
N ALA D 174 -20.52 -34.49 -3.17
CA ALA D 174 -21.60 -34.71 -2.21
C ALA D 174 -21.08 -35.53 -1.05
N GLN D 175 -21.91 -35.68 -0.03
CA GLN D 175 -21.52 -36.45 1.14
C GLN D 175 -22.64 -37.37 1.57
N ARG D 176 -22.29 -38.62 1.88
CA ARG D 176 -23.24 -39.64 2.31
C ARG D 176 -23.16 -39.82 3.82
N ARG D 177 -24.32 -39.96 4.47
CA ARG D 177 -24.39 -40.12 5.93
C ARG D 177 -24.53 -41.57 6.37
N ASP D 178 -23.39 -42.26 6.48
CA ASP D 178 -23.35 -43.66 6.88
C ASP D 178 -24.22 -43.95 8.10
N ASP D 179 -24.60 -45.21 8.27
CA ASP D 179 -25.42 -45.61 9.41
C ASP D 179 -24.57 -45.73 10.66
N ASP D 180 -23.29 -46.02 10.48
CA ASP D 180 -22.37 -46.14 11.61
C ASP D 180 -22.43 -44.85 12.41
N GLY D 181 -22.42 -43.73 11.71
CA GLY D 181 -22.47 -42.43 12.37
C GLY D 181 -21.59 -41.38 11.70
N SER D 182 -20.58 -41.81 10.97
CA SER D 182 -19.67 -40.89 10.29
C SER D 182 -20.10 -40.70 8.83
N VAL D 183 -19.87 -39.49 8.32
CA VAL D 183 -20.24 -39.13 6.96
C VAL D 183 -19.04 -39.21 6.00
N PHE D 184 -19.25 -39.81 4.84
CA PHE D 184 -18.19 -39.93 3.84
C PHE D 184 -18.37 -38.94 2.71
N LEU D 185 -17.26 -38.59 2.07
CA LEU D 185 -17.27 -37.62 0.98
C LEU D 185 -17.08 -38.29 -0.39
N ALA D 186 -18.10 -38.18 -1.25
CA ALA D 186 -18.06 -38.78 -2.59
C ALA D 186 -18.33 -37.81 -3.74
N VAL D 187 -17.67 -38.03 -4.87
CA VAL D 187 -17.84 -37.19 -6.05
C VAL D 187 -18.36 -38.01 -7.23
N PRO D 188 -19.68 -38.12 -7.35
CA PRO D 188 -20.36 -38.86 -8.42
C PRO D 188 -20.24 -38.10 -9.72
N VAL D 189 -20.45 -38.79 -10.85
CA VAL D 189 -20.42 -38.14 -12.15
C VAL D 189 -21.81 -38.35 -12.72
N VAL D 190 -22.57 -37.26 -12.89
CA VAL D 190 -23.91 -37.36 -13.44
C VAL D 190 -23.94 -36.73 -14.82
N HIS D 191 -24.77 -37.29 -15.71
CA HIS D 191 -24.87 -36.77 -17.06
C HIS D 191 -25.89 -35.64 -17.14
N ARG D 192 -25.55 -34.60 -17.88
CA ARG D 192 -26.43 -33.44 -18.06
C ARG D 192 -27.90 -33.85 -18.10
N ASP D 193 -28.19 -34.89 -18.89
CA ASP D 193 -29.54 -35.38 -19.06
C ASP D 193 -30.11 -36.09 -17.85
N ALA D 194 -29.39 -36.04 -16.72
CA ALA D 194 -29.87 -36.68 -15.51
C ALA D 194 -31.32 -36.33 -15.34
N PRO D 195 -32.12 -37.23 -14.74
CA PRO D 195 -33.54 -36.99 -14.52
C PRO D 195 -33.96 -35.73 -13.73
N GLY D 196 -33.39 -35.54 -12.55
CA GLY D 196 -33.78 -34.37 -11.76
C GLY D 196 -32.87 -33.15 -11.89
N LEU D 197 -31.80 -33.29 -12.67
CA LEU D 197 -30.85 -32.20 -12.87
C LEU D 197 -31.44 -30.99 -13.59
N THR D 198 -31.06 -29.80 -13.12
CA THR D 198 -31.52 -28.55 -13.69
C THR D 198 -30.41 -27.51 -13.63
N VAL D 199 -30.10 -26.88 -14.77
CA VAL D 199 -29.06 -25.84 -14.83
C VAL D 199 -29.71 -24.48 -15.08
N LEU D 200 -29.52 -23.56 -14.13
CA LEU D 200 -30.09 -22.23 -14.22
C LEU D 200 -29.14 -21.28 -14.93
N ASP D 201 -29.71 -20.42 -15.77
CA ASP D 201 -28.93 -19.45 -16.52
C ASP D 201 -28.95 -18.14 -15.70
N ASN D 202 -28.85 -18.29 -14.38
CA ASN D 202 -28.90 -17.17 -13.44
C ASN D 202 -27.64 -16.32 -13.20
N TRP D 203 -26.59 -16.52 -14.00
CA TRP D 203 -25.37 -15.73 -13.83
C TRP D 203 -25.58 -14.27 -14.25
N ASP D 204 -25.09 -13.35 -13.41
CA ASP D 204 -25.18 -11.92 -13.69
C ASP D 204 -24.24 -11.20 -12.72
N GLY D 205 -22.97 -11.08 -13.11
CA GLY D 205 -22.01 -10.43 -12.24
C GLY D 205 -21.43 -9.11 -12.72
N LEU D 206 -20.27 -8.78 -12.17
CA LEU D 206 -19.56 -7.55 -12.50
C LEU D 206 -18.73 -7.81 -13.73
N GLY D 207 -18.00 -8.92 -13.69
CA GLY D 207 -17.16 -9.28 -14.81
C GLY D 207 -17.29 -10.77 -15.05
N MET D 208 -16.60 -11.26 -16.06
CA MET D 208 -16.65 -12.67 -16.39
C MET D 208 -18.06 -12.99 -16.84
N ARG D 209 -18.80 -11.98 -17.28
CA ARG D 209 -20.17 -12.18 -17.72
C ARG D 209 -20.28 -13.24 -18.82
N ALA D 210 -19.31 -13.27 -19.71
CA ALA D 210 -19.34 -14.24 -20.79
C ALA D 210 -19.06 -15.67 -20.38
N SER D 211 -18.50 -15.90 -19.19
CA SER D 211 -18.24 -17.27 -18.76
C SER D 211 -19.56 -17.97 -18.42
N GLY D 212 -19.58 -19.29 -18.42
CA GLY D 212 -20.84 -19.96 -18.13
C GLY D 212 -21.00 -20.29 -16.66
N THR D 213 -20.70 -19.32 -15.79
CA THR D 213 -20.80 -19.54 -14.35
C THR D 213 -22.25 -19.60 -13.83
N LEU D 214 -22.85 -20.79 -13.95
CA LEU D 214 -24.23 -21.02 -13.55
C LEU D 214 -24.40 -21.89 -12.29
N GLU D 215 -25.62 -21.87 -11.75
CA GLU D 215 -25.95 -22.67 -10.56
C GLU D 215 -26.70 -23.92 -11.04
N VAL D 216 -26.24 -25.10 -10.63
CA VAL D 216 -26.90 -26.34 -11.04
C VAL D 216 -27.48 -27.11 -9.85
N VAL D 217 -28.80 -27.28 -9.83
CA VAL D 217 -29.44 -28.01 -8.74
C VAL D 217 -29.61 -29.47 -9.10
N PHE D 218 -29.68 -30.31 -8.07
CA PHE D 218 -29.85 -31.75 -8.26
C PHE D 218 -30.98 -32.15 -7.34
N ASP D 219 -32.09 -32.57 -7.94
CA ASP D 219 -33.25 -32.99 -7.18
C ASP D 219 -33.54 -34.46 -7.44
N ARG D 220 -33.17 -35.30 -6.48
CA ARG D 220 -33.38 -36.74 -6.58
C ARG D 220 -32.76 -37.33 -7.84
N CYS D 221 -31.46 -37.13 -8.01
CA CYS D 221 -30.75 -37.68 -9.18
C CYS D 221 -30.24 -39.07 -8.90
N PRO D 222 -30.74 -40.07 -9.63
CA PRO D 222 -30.29 -41.44 -9.41
C PRO D 222 -28.84 -41.65 -9.80
N VAL D 223 -28.28 -42.76 -9.34
CA VAL D 223 -26.90 -43.12 -9.61
C VAL D 223 -26.59 -44.49 -9.02
N ARG D 224 -26.00 -45.37 -9.83
CA ARG D 224 -25.65 -46.71 -9.38
C ARG D 224 -24.35 -46.68 -8.54
N ALA D 225 -24.29 -47.52 -7.51
CA ALA D 225 -23.12 -47.56 -6.63
C ALA D 225 -21.98 -48.43 -7.16
N LEU D 228 -19.16 -44.16 -8.21
CA LEU D 228 -18.93 -43.09 -7.20
C LEU D 228 -17.52 -43.17 -6.68
N LEU D 229 -16.78 -42.07 -6.80
CA LEU D 229 -15.39 -42.02 -6.36
C LEU D 229 -15.32 -41.75 -4.85
N GLU D 230 -15.21 -42.82 -4.06
CA GLU D 230 -15.15 -42.71 -2.61
C GLU D 230 -13.87 -42.10 -2.07
N ARG D 231 -14.03 -41.15 -1.16
CA ARG D 231 -12.90 -40.49 -0.52
C ARG D 231 -13.04 -40.68 0.98
N GLY D 232 -11.99 -40.32 1.72
CA GLY D 232 -12.03 -40.45 3.16
C GLY D 232 -13.11 -39.61 3.80
N PRO D 233 -13.36 -39.79 5.10
CA PRO D 233 -14.38 -39.03 5.82
C PRO D 233 -14.00 -37.56 5.97
N VAL D 234 -14.98 -36.67 5.82
CA VAL D 234 -14.72 -35.23 5.94
C VAL D 234 -14.09 -34.94 7.29
N GLY D 235 -13.56 -33.73 7.46
CA GLY D 235 -12.96 -33.35 8.72
C GLY D 235 -11.47 -33.63 8.82
N ALA D 236 -11.09 -34.90 8.71
CA ALA D 236 -9.68 -35.28 8.80
C ALA D 236 -9.02 -35.40 7.43
N ARG D 237 -8.89 -34.28 6.72
CA ARG D 237 -8.28 -34.26 5.40
C ARG D 237 -6.80 -33.88 5.50
N ARG D 238 -5.92 -34.76 5.04
CA ARG D 238 -4.49 -34.54 5.10
C ARG D 238 -4.02 -33.43 4.15
N ASP D 239 -2.77 -33.02 4.27
CA ASP D 239 -2.19 -31.98 3.43
C ASP D 239 -1.84 -32.48 2.03
N ALA D 240 -1.99 -33.78 1.80
CA ALA D 240 -1.67 -34.37 0.50
C ALA D 240 -2.73 -33.98 -0.53
N VAL D 241 -3.92 -33.66 -0.04
CA VAL D 241 -5.02 -33.25 -0.91
C VAL D 241 -4.73 -31.88 -1.48
N LEU D 242 -3.86 -31.13 -0.80
CA LEU D 242 -3.49 -29.79 -1.24
C LEU D 242 -2.81 -29.80 -2.61
N ALA D 243 -2.12 -30.89 -2.92
CA ALA D 243 -1.45 -31.00 -4.21
C ALA D 243 -2.50 -31.03 -5.32
N GLY D 244 -3.58 -31.79 -5.06
CA GLY D 244 -4.65 -31.89 -6.02
C GLY D 244 -5.34 -30.57 -6.24
N GLN D 245 -5.67 -29.89 -5.15
CA GLN D 245 -6.34 -28.59 -5.21
C GLN D 245 -5.48 -27.54 -5.91
N THR D 246 -4.16 -27.61 -5.72
CA THR D 246 -3.27 -26.65 -6.36
C THR D 246 -3.33 -26.80 -7.87
N VAL D 247 -3.03 -28.00 -8.34
CA VAL D 247 -3.03 -28.29 -9.77
C VAL D 247 -4.38 -27.95 -10.40
N SER D 248 -5.44 -27.98 -9.61
CA SER D 248 -6.79 -27.69 -10.12
C SER D 248 -7.00 -26.25 -10.57
N SER D 249 -6.61 -25.29 -9.75
CA SER D 249 -6.83 -23.89 -10.13
C SER D 249 -5.63 -22.94 -10.09
N ILE D 250 -4.42 -23.48 -10.09
CA ILE D 250 -3.23 -22.64 -10.07
C ILE D 250 -3.02 -21.98 -11.42
N THR D 251 -3.46 -22.65 -12.49
CA THR D 251 -3.32 -22.15 -13.84
C THR D 251 -4.19 -20.93 -14.17
N MET D 252 -5.15 -20.63 -13.30
CA MET D 252 -6.03 -19.47 -13.50
C MET D 252 -5.27 -18.16 -13.29
N LEU D 253 -4.15 -18.23 -12.57
CA LEU D 253 -3.35 -17.04 -12.33
C LEU D 253 -2.91 -16.48 -13.68
N GLY D 254 -2.79 -17.36 -14.67
CA GLY D 254 -2.37 -16.93 -15.98
C GLY D 254 -3.38 -16.01 -16.63
N ILE D 255 -4.66 -16.24 -16.37
CA ILE D 255 -5.68 -15.40 -16.98
C ILE D 255 -5.68 -14.00 -16.37
N TYR D 256 -5.40 -13.88 -15.07
CA TYR D 256 -5.39 -12.55 -14.46
C TYR D 256 -4.16 -11.78 -14.92
N ALA D 257 -3.07 -12.50 -15.10
CA ALA D 257 -1.85 -11.89 -15.58
C ALA D 257 -2.20 -11.45 -17.00
N GLY D 258 -3.06 -12.24 -17.64
CA GLY D 258 -3.49 -11.93 -18.99
C GLY D 258 -4.30 -10.65 -19.07
N ILE D 259 -5.24 -10.48 -18.16
CA ILE D 259 -6.06 -9.28 -18.15
C ILE D 259 -5.18 -8.06 -17.89
N ALA D 260 -4.21 -8.21 -17.02
CA ALA D 260 -3.30 -7.11 -16.72
C ALA D 260 -2.50 -6.75 -17.97
N GLN D 261 -1.85 -7.76 -18.56
CA GLN D 261 -1.06 -7.54 -19.77
C GLN D 261 -1.93 -6.85 -20.79
N ALA D 262 -3.18 -7.28 -20.89
CA ALA D 262 -4.13 -6.72 -21.84
C ALA D 262 -4.33 -5.22 -21.58
N ALA D 263 -4.74 -4.87 -20.37
CA ALA D 263 -4.96 -3.47 -20.02
C ALA D 263 -3.74 -2.61 -20.34
N ARG D 264 -2.54 -3.11 -20.02
CA ARG D 264 -1.32 -2.36 -20.29
C ARG D 264 -1.20 -2.01 -21.77
N ASP D 265 -1.23 -3.04 -22.61
CA ASP D 265 -1.14 -2.85 -24.06
C ASP D 265 -2.06 -1.74 -24.51
N ILE D 266 -3.27 -1.70 -23.98
CA ILE D 266 -4.22 -0.67 -24.33
C ILE D 266 -3.72 0.70 -23.85
N ALA D 267 -3.66 0.87 -22.53
CA ALA D 267 -3.22 2.14 -21.94
C ALA D 267 -1.88 2.67 -22.45
N VAL D 268 -0.91 1.79 -22.66
CA VAL D 268 0.39 2.25 -23.14
C VAL D 268 0.31 2.61 -24.62
N GLY D 269 -0.48 1.84 -25.37
CA GLY D 269 -0.64 2.11 -26.78
C GLY D 269 -1.37 3.40 -27.03
N PHE D 270 -2.22 3.79 -26.08
CA PHE D 270 -2.97 5.02 -26.18
C PHE D 270 -2.10 6.20 -25.75
N CYS D 271 -1.25 5.97 -24.75
CA CYS D 271 -0.39 7.02 -24.25
C CYS D 271 0.73 7.33 -25.23
N ALA D 272 1.25 6.28 -25.87
CA ALA D 272 2.32 6.46 -26.84
C ALA D 272 1.74 7.04 -28.11
N GLY D 273 0.48 6.69 -28.40
CA GLY D 273 -0.17 7.19 -29.59
C GLY D 273 -0.66 8.62 -29.43
N ARG D 274 -0.15 9.31 -28.40
CA ARG D 274 -0.51 10.69 -28.12
C ARG D 274 0.53 11.59 -28.81
N GLY D 275 1.75 11.08 -28.93
CA GLY D 275 2.83 11.81 -29.57
C GLY D 275 3.42 12.92 -28.72
N GLY D 276 4.55 13.46 -29.19
CA GLY D 276 5.22 14.54 -28.48
C GLY D 276 5.88 14.09 -27.20
N GLU D 277 5.80 14.91 -26.16
CA GLU D 277 6.39 14.56 -24.87
C GLU D 277 5.30 14.23 -23.85
N PRO D 278 5.43 13.08 -23.20
CA PRO D 278 4.47 12.61 -22.20
C PRO D 278 4.56 13.44 -20.93
N ARG D 279 3.41 13.66 -20.28
CA ARG D 279 3.37 14.45 -19.07
C ARG D 279 4.16 13.78 -17.94
N ALA D 280 4.55 14.56 -16.94
CA ALA D 280 5.32 14.05 -15.81
C ALA D 280 4.62 12.87 -15.12
N GLY D 281 3.45 13.14 -14.55
CA GLY D 281 2.70 12.09 -13.88
C GLY D 281 2.47 10.83 -14.69
N ALA D 282 2.37 10.97 -16.00
CA ALA D 282 2.14 9.83 -16.89
C ALA D 282 3.35 8.90 -16.92
N ARG D 283 4.54 9.47 -16.96
CA ARG D 283 5.76 8.67 -17.00
C ARG D 283 5.87 7.86 -15.71
N ALA D 284 5.45 8.47 -14.61
CA ALA D 284 5.48 7.81 -13.31
C ALA D 284 4.51 6.62 -13.33
N LEU D 285 3.32 6.84 -13.89
CA LEU D 285 2.31 5.80 -13.99
C LEU D 285 2.77 4.63 -14.84
N VAL D 286 3.15 4.91 -16.08
CA VAL D 286 3.58 3.84 -16.97
C VAL D 286 4.77 3.06 -16.45
N ALA D 287 5.68 3.75 -15.76
CA ALA D 287 6.86 3.09 -15.19
C ALA D 287 6.40 2.15 -14.08
N GLY D 288 5.48 2.65 -13.28
CA GLY D 288 4.97 1.87 -12.16
C GLY D 288 4.20 0.60 -12.54
N LEU D 289 3.27 0.71 -13.49
CA LEU D 289 2.48 -0.44 -13.89
C LEU D 289 3.32 -1.46 -14.61
N ASP D 290 4.31 -1.00 -15.38
CA ASP D 290 5.19 -1.93 -16.10
C ASP D 290 5.95 -2.78 -15.08
N THR D 291 6.36 -2.15 -13.98
CA THR D 291 7.09 -2.83 -12.92
C THR D 291 6.19 -3.85 -12.24
N ARG D 292 5.01 -3.43 -11.82
CA ARG D 292 4.06 -4.31 -11.17
C ARG D 292 3.71 -5.48 -12.10
N LEU D 293 3.53 -5.16 -13.38
CA LEU D 293 3.19 -6.19 -14.34
C LEU D 293 4.28 -7.26 -14.41
N TYR D 294 5.53 -6.83 -14.43
CA TYR D 294 6.66 -7.75 -14.48
C TYR D 294 6.70 -8.62 -13.22
N ALA D 295 6.65 -7.96 -12.06
CA ALA D 295 6.67 -8.67 -10.79
C ALA D 295 5.56 -9.72 -10.81
N LEU D 296 4.38 -9.30 -11.28
CA LEU D 296 3.20 -10.16 -11.38
C LEU D 296 3.39 -11.43 -12.21
N ARG D 297 3.91 -11.27 -13.42
CA ARG D 297 4.11 -12.39 -14.32
C ARG D 297 5.22 -13.30 -13.81
N THR D 298 6.27 -12.68 -13.30
CA THR D 298 7.41 -13.43 -12.78
C THR D 298 7.02 -14.30 -11.60
N THR D 299 6.27 -13.72 -10.67
CA THR D 299 5.84 -14.45 -9.49
C THR D 299 4.97 -15.65 -9.86
N VAL D 300 3.90 -15.44 -10.62
CA VAL D 300 3.04 -16.55 -11.02
C VAL D 300 3.84 -17.51 -11.89
N GLY D 301 4.89 -16.98 -12.53
CA GLY D 301 5.71 -17.81 -13.39
C GLY D 301 6.48 -18.82 -12.56
N ALA D 302 7.15 -18.33 -11.52
CA ALA D 302 7.93 -19.18 -10.64
C ALA D 302 7.05 -20.13 -9.84
N ALA D 303 5.88 -19.67 -9.42
CA ALA D 303 4.96 -20.50 -8.64
C ALA D 303 4.53 -21.70 -9.45
N LEU D 304 4.40 -21.51 -10.75
CA LEU D 304 3.99 -22.59 -11.65
C LEU D 304 5.11 -23.59 -11.85
N THR D 305 6.27 -23.12 -12.30
CA THR D 305 7.41 -23.99 -12.54
C THR D 305 7.78 -24.76 -11.27
N ASN D 306 7.27 -24.31 -10.13
CA ASN D 306 7.56 -24.98 -8.87
C ASN D 306 6.56 -26.08 -8.62
N ALA D 307 5.33 -25.90 -9.11
CA ALA D 307 4.30 -26.91 -8.92
C ALA D 307 4.58 -28.08 -9.87
N ASP D 308 5.28 -27.78 -10.96
CA ASP D 308 5.62 -28.78 -11.97
C ASP D 308 6.78 -29.65 -11.50
N ALA D 309 7.74 -29.04 -10.82
CA ALA D 309 8.90 -29.77 -10.33
C ALA D 309 8.50 -30.66 -9.16
N ALA D 310 7.47 -30.26 -8.43
CA ALA D 310 7.01 -31.04 -7.29
C ALA D 310 5.91 -32.01 -7.69
N SER D 311 5.40 -31.86 -8.91
CA SER D 311 4.33 -32.72 -9.41
C SER D 311 4.85 -34.08 -9.91
N VAL D 312 5.97 -34.07 -10.62
CA VAL D 312 6.56 -35.29 -11.19
C VAL D 312 7.30 -36.20 -10.20
N ASP D 313 7.77 -35.62 -9.10
CA ASP D 313 8.50 -36.37 -8.08
C ASP D 313 7.56 -36.94 -7.00
N LEU D 314 7.03 -38.12 -7.27
CA LEU D 314 6.10 -38.78 -6.35
C LEU D 314 6.77 -39.67 -5.32
N SER D 315 8.10 -39.61 -5.23
CA SER D 315 8.83 -40.43 -4.27
C SER D 315 8.90 -39.79 -2.88
N ASP D 317 7.44 -37.90 0.65
CA ASP D 317 6.23 -37.73 1.53
C ASP D 317 5.06 -37.17 0.72
N PRO D 318 3.88 -37.80 0.82
CA PRO D 318 2.71 -37.31 0.08
C PRO D 318 2.13 -36.01 0.64
N ASP D 319 2.44 -35.72 1.89
CA ASP D 319 1.96 -34.51 2.55
C ASP D 319 2.88 -33.33 2.28
N GLU D 320 4.17 -33.60 2.13
CA GLU D 320 5.15 -32.56 1.87
C GLU D 320 4.94 -31.99 0.47
N ARG D 321 4.76 -32.87 -0.51
CA ARG D 321 4.54 -32.43 -1.88
C ARG D 321 3.24 -31.65 -1.97
N GLY D 322 2.47 -31.66 -0.88
CA GLY D 322 1.22 -30.94 -0.86
C GLY D 322 1.41 -29.49 -0.44
N ARG D 323 2.24 -29.28 0.57
CA ARG D 323 2.50 -27.93 1.06
C ARG D 323 3.47 -27.23 0.13
N ARG D 324 4.46 -27.96 -0.34
CA ARG D 324 5.47 -27.42 -1.25
C ARG D 324 4.83 -26.82 -2.50
N MET D 325 3.63 -27.26 -2.82
CA MET D 325 2.92 -26.77 -4.00
C MET D 325 1.90 -25.67 -3.67
N MET D 326 1.04 -25.94 -2.70
CA MET D 326 0.01 -25.01 -2.29
C MET D 326 0.51 -23.66 -1.74
N THR D 327 1.64 -23.68 -1.03
CA THR D 327 2.17 -22.46 -0.45
C THR D 327 2.63 -21.43 -1.49
N PRO D 328 3.66 -21.75 -2.29
CA PRO D 328 4.09 -20.76 -3.28
C PRO D 328 2.94 -20.36 -4.21
N PHE D 329 1.96 -21.25 -4.37
CA PHE D 329 0.80 -20.97 -5.18
C PHE D 329 0.09 -19.79 -4.53
N GLN D 330 -0.25 -19.95 -3.26
CA GLN D 330 -0.94 -18.91 -2.51
C GLN D 330 -0.16 -17.60 -2.42
N TYR D 331 1.16 -17.66 -2.51
CA TYR D 331 1.95 -16.44 -2.48
C TYR D 331 1.73 -15.68 -3.77
N ALA D 332 1.71 -16.42 -4.88
CA ALA D 332 1.50 -15.86 -6.20
C ALA D 332 0.08 -15.30 -6.31
N LYS D 333 -0.88 -16.06 -5.79
CA LYS D 333 -2.28 -15.64 -5.82
C LYS D 333 -2.41 -14.35 -5.04
N MET D 334 -1.85 -14.34 -3.84
CA MET D 334 -1.86 -13.18 -2.97
C MET D 334 -1.30 -11.96 -3.70
N THR D 335 -0.25 -12.18 -4.49
CA THR D 335 0.41 -11.12 -5.24
C THR D 335 -0.42 -10.64 -6.42
N VAL D 336 -0.87 -11.58 -7.25
CA VAL D 336 -1.66 -11.21 -8.41
C VAL D 336 -3.01 -10.57 -8.03
N ASN D 337 -3.59 -10.97 -6.92
CA ASN D 337 -4.88 -10.43 -6.50
C ASN D 337 -4.86 -8.96 -6.09
N GLU D 338 -3.68 -8.42 -5.81
CA GLU D 338 -3.57 -7.02 -5.43
C GLU D 338 -2.76 -6.29 -6.49
N LEU D 339 -1.90 -7.03 -7.18
CA LEU D 339 -1.04 -6.45 -8.20
C LEU D 339 -1.67 -6.38 -9.59
N ALA D 340 -2.60 -7.27 -9.90
CA ALA D 340 -3.24 -7.25 -11.22
C ALA D 340 -4.25 -6.11 -11.31
N PRO D 341 -5.23 -6.05 -10.41
CA PRO D 341 -6.20 -4.96 -10.49
C PRO D 341 -5.54 -3.63 -10.20
N ALA D 342 -4.27 -3.71 -9.81
CA ALA D 342 -3.47 -2.53 -9.49
C ALA D 342 -2.96 -1.90 -10.78
N VAL D 343 -2.62 -2.74 -11.76
CA VAL D 343 -2.12 -2.23 -13.03
C VAL D 343 -3.26 -1.76 -13.93
N VAL D 344 -4.42 -2.44 -13.87
CA VAL D 344 -5.54 -2.02 -14.69
C VAL D 344 -6.08 -0.70 -14.18
N ASP D 345 -5.90 -0.44 -12.88
CA ASP D 345 -6.38 0.81 -12.29
C ASP D 345 -5.51 1.98 -12.76
N ASP D 346 -4.23 1.70 -13.02
CA ASP D 346 -3.33 2.75 -13.49
C ASP D 346 -3.54 2.95 -14.99
N CYS D 347 -3.84 1.85 -15.68
CA CYS D 347 -4.11 1.91 -17.12
C CYS D 347 -5.40 2.69 -17.31
N LEU D 348 -6.28 2.59 -16.31
CA LEU D 348 -7.56 3.28 -16.35
C LEU D 348 -7.32 4.77 -16.16
N SER D 349 -6.57 5.12 -15.12
CA SER D 349 -6.30 6.53 -14.86
C SER D 349 -5.26 7.10 -15.83
N LEU D 350 -4.76 6.27 -16.73
CA LEU D 350 -3.77 6.72 -17.70
C LEU D 350 -4.44 7.11 -19.01
N VAL D 351 -5.54 6.44 -19.33
CA VAL D 351 -6.27 6.73 -20.56
C VAL D 351 -7.28 7.83 -20.34
N GLY D 352 -7.75 7.98 -19.10
CA GLY D 352 -8.69 9.04 -18.79
C GLY D 352 -10.14 8.61 -18.80
N GLY D 353 -11.03 9.60 -18.73
CA GLY D 353 -12.46 9.34 -18.72
C GLY D 353 -13.02 8.49 -19.84
N LEU D 354 -12.41 8.51 -21.02
CA LEU D 354 -12.91 7.71 -22.12
C LEU D 354 -12.89 6.23 -21.75
N ALA D 355 -12.03 5.86 -20.79
CA ALA D 355 -11.93 4.47 -20.37
C ALA D 355 -12.97 4.09 -19.31
N TYR D 356 -13.81 5.06 -18.94
CA TYR D 356 -14.84 4.84 -17.96
C TYR D 356 -16.13 4.50 -18.68
N THR D 357 -16.12 4.69 -19.99
CA THR D 357 -17.29 4.40 -20.82
C THR D 357 -17.43 2.88 -20.96
N ALA D 358 -18.65 2.38 -20.82
CA ALA D 358 -18.90 0.95 -20.97
C ALA D 358 -18.44 0.47 -22.35
N GLY D 359 -18.40 1.40 -23.30
CA GLY D 359 -17.98 1.08 -24.64
C GLY D 359 -16.49 0.73 -24.73
N HIS D 360 -15.68 1.36 -23.89
CA HIS D 360 -14.23 1.13 -23.87
C HIS D 360 -13.92 -0.23 -23.25
N PRO D 361 -12.96 -0.97 -23.83
CA PRO D 361 -12.56 -2.30 -23.33
C PRO D 361 -11.88 -2.24 -21.95
N LEU D 362 -11.23 -1.12 -21.67
CA LEU D 362 -10.53 -0.93 -20.40
C LEU D 362 -11.53 -0.91 -19.24
N SER D 363 -12.79 -0.70 -19.55
CA SER D 363 -13.83 -0.67 -18.52
C SER D 363 -14.17 -2.10 -18.14
N ARG D 364 -14.34 -2.93 -19.16
CA ARG D 364 -14.64 -4.34 -18.96
C ARG D 364 -13.53 -5.00 -18.15
N LEU D 365 -12.28 -4.81 -18.59
CA LEU D 365 -11.13 -5.39 -17.90
C LEU D 365 -11.10 -4.99 -16.43
N TYR D 366 -11.53 -3.79 -16.12
CA TYR D 366 -11.55 -3.32 -14.74
C TYR D 366 -12.52 -4.13 -13.88
N ARG D 367 -13.51 -4.75 -14.52
CA ARG D 367 -14.49 -5.56 -13.82
C ARG D 367 -14.09 -7.03 -13.80
N ASP D 368 -13.46 -7.49 -14.89
CA ASP D 368 -13.03 -8.88 -14.99
C ASP D 368 -11.89 -9.21 -14.05
N VAL D 369 -11.00 -8.24 -13.84
CA VAL D 369 -9.83 -8.44 -12.99
C VAL D 369 -10.16 -8.71 -11.50
N ARG D 370 -11.23 -8.10 -11.00
CA ARG D 370 -11.60 -8.27 -9.60
C ARG D 370 -12.16 -9.64 -9.26
N ALA D 371 -12.31 -10.50 -10.25
CA ALA D 371 -12.85 -11.84 -10.02
C ALA D 371 -11.93 -12.71 -9.17
N GLY D 372 -10.64 -12.69 -9.47
CA GLY D 372 -9.67 -13.50 -8.76
C GLY D 372 -9.65 -13.45 -7.25
N GLY D 373 -9.92 -12.28 -6.67
CA GLY D 373 -9.91 -12.16 -5.22
C GLY D 373 -10.97 -12.96 -4.50
N PHE D 374 -11.98 -13.42 -5.22
CA PHE D 374 -13.07 -14.18 -4.64
C PHE D 374 -12.96 -15.68 -4.86
N MET D 375 -11.96 -16.10 -5.63
CA MET D 375 -11.82 -17.52 -5.94
C MET D 375 -11.06 -18.35 -4.92
N GLN D 376 -11.63 -19.51 -4.59
CA GLN D 376 -11.02 -20.42 -3.63
C GLN D 376 -10.31 -21.56 -4.40
N PRO D 377 -9.16 -22.03 -3.88
CA PRO D 377 -8.48 -21.58 -2.67
C PRO D 377 -7.28 -20.69 -3.00
N TYR D 378 -6.99 -19.69 -2.17
CA TYR D 378 -7.75 -19.37 -0.97
C TYR D 378 -8.13 -17.90 -1.02
N SER D 379 -9.15 -17.52 -0.26
CA SER D 379 -9.58 -16.13 -0.22
C SER D 379 -8.53 -15.40 0.62
N TYR D 380 -8.56 -14.06 0.65
CA TYR D 380 -7.59 -13.35 1.46
C TYR D 380 -7.73 -13.81 2.90
N VAL D 381 -8.95 -13.74 3.40
CA VAL D 381 -9.27 -14.13 4.77
C VAL D 381 -8.73 -15.53 5.09
N ASP D 382 -8.93 -16.46 4.17
CA ASP D 382 -8.48 -17.84 4.35
C ASP D 382 -6.97 -17.96 4.15
N ALA D 383 -6.50 -17.40 3.04
CA ALA D 383 -5.08 -17.43 2.71
C ALA D 383 -4.22 -16.91 3.83
N VAL D 384 -4.73 -15.97 4.63
CA VAL D 384 -3.96 -15.42 5.73
C VAL D 384 -3.77 -16.46 6.82
N ASP D 385 -4.85 -17.17 7.17
CA ASP D 385 -4.75 -18.21 8.18
C ASP D 385 -3.82 -19.31 7.67
N TYR D 386 -3.98 -19.69 6.40
CA TYR D 386 -3.13 -20.72 5.83
C TYR D 386 -1.64 -20.37 5.84
N LEU D 387 -1.30 -19.25 5.24
CA LEU D 387 0.09 -18.80 5.15
C LEU D 387 0.78 -18.52 6.48
N SER D 388 0.05 -17.99 7.45
CA SER D 388 0.63 -17.70 8.76
C SER D 388 0.80 -19.01 9.53
N GLY D 389 -0.07 -19.98 9.23
CA GLY D 389 -0.01 -21.27 9.90
C GLY D 389 1.18 -22.07 9.42
N GLN D 390 1.63 -21.81 8.20
CA GLN D 390 2.78 -22.51 7.64
C GLN D 390 4.05 -21.81 8.11
N ALA D 391 3.98 -20.49 8.25
CA ALA D 391 5.12 -19.70 8.67
C ALA D 391 5.44 -19.93 10.14
N LEU D 392 4.43 -20.39 10.90
CA LEU D 392 4.60 -20.64 12.32
C LEU D 392 4.44 -22.14 12.60
N GLY D 393 3.96 -22.49 13.79
CA GLY D 393 3.77 -23.90 14.12
C GLY D 393 2.47 -24.43 13.59
N LEU D 394 1.41 -24.19 14.34
CA LEU D 394 0.03 -24.60 13.99
C LEU D 394 -0.14 -25.83 13.09
#